data_4NDX
# 
_entry.id   4NDX 
# 
_audit_conform.dict_name       mmcif_pdbx.dic 
_audit_conform.dict_version    5.379 
_audit_conform.dict_location   http://mmcif.pdb.org/dictionaries/ascii/mmcif_pdbx.dic 
# 
loop_
_database_2.database_id 
_database_2.database_code 
_database_2.pdbx_database_accession 
_database_2.pdbx_DOI 
PDB   4NDX         pdb_00004ndx 10.2210/pdb4ndx/pdb 
RCSB  RCSB083080   ?            ?                   
WWPDB D_1000083080 ?            ?                   
# 
loop_
_pdbx_database_related.db_name 
_pdbx_database_related.db_id 
_pdbx_database_related.details 
_pdbx_database_related.content_type 
PDB 3BDC 'Crystal structure of Staphylococcal nuclease variant Delta+PHS at cryogenic temperature'           unspecified 
PDB 4K2L 'Crystal structure of Staphylococcal nuclease variant Delta+PHS I92Q at cryogenic temperature'      unspecified 
PDB 4EOA 'Crystal structure of Staphylococcal nuclease variant Delta+PHS V66A/I92N at cryogenic temperature' unspecified 
PDB 2OEO 'Crystal structure of Staphylococcal nuclease variant Delta+PHS I92D at cryogenic temperature'      unspecified 
# 
_pdbx_database_status.entry_id                        4NDX 
_pdbx_database_status.status_code                     REL 
_pdbx_database_status.deposit_site                    RCSB 
_pdbx_database_status.process_site                    RCSB 
_pdbx_database_status.recvd_initial_deposition_date   2013-10-28 
_pdbx_database_status.status_code_sf                  REL 
_pdbx_database_status.status_code_mr                  ? 
_pdbx_database_status.SG_entry                        ? 
_pdbx_database_status.status_code_cs                  ? 
_pdbx_database_status.methods_development_category    ? 
_pdbx_database_status.pdb_format_compatible           Y 
_pdbx_database_status.status_code_nmr_data            ? 
# 
loop_
_audit_author.name 
_audit_author.pdbx_ordinal 
'Caro, J.A.'           1 
'Schlessman, J.L.'     2 
'Heroux, A.'           3 
'Garcia-Moreno E., B.' 4 
# 
_citation.id                        primary 
_citation.title                     'Polar cavities in proteins' 
_citation.journal_abbrev            'To be Published' 
_citation.journal_volume            ? 
_citation.page_first                ? 
_citation.page_last                 ? 
_citation.year                      ? 
_citation.journal_id_ASTM           ? 
_citation.country                   ? 
_citation.journal_id_ISSN           ? 
_citation.journal_id_CSD            0353 
_citation.book_publisher            ? 
_citation.pdbx_database_id_PubMed   ? 
_citation.pdbx_database_id_DOI      ? 
# 
loop_
_citation_author.citation_id 
_citation_author.name 
_citation_author.ordinal 
_citation_author.identifier_ORCID 
primary 'Caro, J.A.'           1 ? 
primary 'Schlessman, J.L.'     2 ? 
primary 'Garcia-Moreno E., B.' 3 ? 
# 
_cell.length_a           31.248 
_cell.length_b           60.577 
_cell.length_c           38.283 
_cell.angle_alpha        90.000 
_cell.angle_beta         93.150 
_cell.angle_gamma        90.000 
_cell.entry_id           4NDX 
_cell.pdbx_unique_axis   ? 
_cell.Z_PDB              2 
_cell.length_a_esd       ? 
_cell.length_b_esd       ? 
_cell.length_c_esd       ? 
_cell.angle_alpha_esd    ? 
_cell.angle_beta_esd     ? 
_cell.angle_gamma_esd    ? 
# 
_symmetry.space_group_name_H-M             'P 1 21 1' 
_symmetry.entry_id                         4NDX 
_symmetry.Int_Tables_number                4 
_symmetry.pdbx_full_space_group_name_H-M   ? 
_symmetry.cell_setting                     ? 
_symmetry.space_group_name_Hall            ? 
# 
loop_
_entity.id 
_entity.type 
_entity.src_method 
_entity.pdbx_description 
_entity.formula_weight 
_entity.pdbx_number_of_molecules 
_entity.pdbx_ec 
_entity.pdbx_mutation 
_entity.pdbx_fragment 
_entity.details 
1 polymer     man Thermonuclease                16144.408 1   3.1.31.1 'G50F,V51N,I92N,P117G,H124L,S128A,del(44-49)' 
'Nuclease A (UNP residues 83-231)' ? 
2 non-polymer syn 'CALCIUM ION'                 40.078    1   ?        ?                                             ? ? 
3 non-polymer syn "THYMIDINE-3',5'-DIPHOSPHATE" 402.188   1   ?        ?                                             ? ? 
4 water       nat water                         18.015    135 ?        ?                                             ? ? 
# 
_entity_name_com.entity_id   1 
_entity_name_com.name        'TNase, Micrococcal nuclease, Staphylococcal nuclease' 
# 
_entity_poly.entity_id                      1 
_entity_poly.type                           'polypeptide(L)' 
_entity_poly.nstd_linkage                   no 
_entity_poly.nstd_monomer                   no 
_entity_poly.pdbx_seq_one_letter_code       
;ATSTKKLHKEPATLIKAIDGDTVKLMYKGQPMTFRLLLVDTPEFNEKYGPEASAFTKKMVENAKKIEVEFDKGQRTDKYG
RGLAYNYADGKMVNEALVRQGLAKVAYVYKGNNTHEQLLRKAEAQAKKEKLNIWSEDNADSGQ
;
_entity_poly.pdbx_seq_one_letter_code_can   
;ATSTKKLHKEPATLIKAIDGDTVKLMYKGQPMTFRLLLVDTPEFNEKYGPEASAFTKKMVENAKKIEVEFDKGQRTDKYG
RGLAYNYADGKMVNEALVRQGLAKVAYVYKGNNTHEQLLRKAEAQAKKEKLNIWSEDNADSGQ
;
_entity_poly.pdbx_strand_id                 A 
_entity_poly.pdbx_target_identifier         ? 
# 
loop_
_entity_poly_seq.entity_id 
_entity_poly_seq.num 
_entity_poly_seq.mon_id 
_entity_poly_seq.hetero 
1 1   ALA n 
1 2   THR n 
1 3   SER n 
1 4   THR n 
1 5   LYS n 
1 6   LYS n 
1 7   LEU n 
1 8   HIS n 
1 9   LYS n 
1 10  GLU n 
1 11  PRO n 
1 12  ALA n 
1 13  THR n 
1 14  LEU n 
1 15  ILE n 
1 16  LYS n 
1 17  ALA n 
1 18  ILE n 
1 19  ASP n 
1 20  GLY n 
1 21  ASP n 
1 22  THR n 
1 23  VAL n 
1 24  LYS n 
1 25  LEU n 
1 26  MET n 
1 27  TYR n 
1 28  LYS n 
1 29  GLY n 
1 30  GLN n 
1 31  PRO n 
1 32  MET n 
1 33  THR n 
1 34  PHE n 
1 35  ARG n 
1 36  LEU n 
1 37  LEU n 
1 38  LEU n 
1 39  VAL n 
1 40  ASP n 
1 41  THR n 
1 42  PRO n 
1 43  GLU n 
1 44  PHE n 
1 45  ASN n 
1 46  GLU n 
1 47  LYS n 
1 48  TYR n 
1 49  GLY n 
1 50  PRO n 
1 51  GLU n 
1 52  ALA n 
1 53  SER n 
1 54  ALA n 
1 55  PHE n 
1 56  THR n 
1 57  LYS n 
1 58  LYS n 
1 59  MET n 
1 60  VAL n 
1 61  GLU n 
1 62  ASN n 
1 63  ALA n 
1 64  LYS n 
1 65  LYS n 
1 66  ILE n 
1 67  GLU n 
1 68  VAL n 
1 69  GLU n 
1 70  PHE n 
1 71  ASP n 
1 72  LYS n 
1 73  GLY n 
1 74  GLN n 
1 75  ARG n 
1 76  THR n 
1 77  ASP n 
1 78  LYS n 
1 79  TYR n 
1 80  GLY n 
1 81  ARG n 
1 82  GLY n 
1 83  LEU n 
1 84  ALA n 
1 85  TYR n 
1 86  ASN n 
1 87  TYR n 
1 88  ALA n 
1 89  ASP n 
1 90  GLY n 
1 91  LYS n 
1 92  MET n 
1 93  VAL n 
1 94  ASN n 
1 95  GLU n 
1 96  ALA n 
1 97  LEU n 
1 98  VAL n 
1 99  ARG n 
1 100 GLN n 
1 101 GLY n 
1 102 LEU n 
1 103 ALA n 
1 104 LYS n 
1 105 VAL n 
1 106 ALA n 
1 107 TYR n 
1 108 VAL n 
1 109 TYR n 
1 110 LYS n 
1 111 GLY n 
1 112 ASN n 
1 113 ASN n 
1 114 THR n 
1 115 HIS n 
1 116 GLU n 
1 117 GLN n 
1 118 LEU n 
1 119 LEU n 
1 120 ARG n 
1 121 LYS n 
1 122 ALA n 
1 123 GLU n 
1 124 ALA n 
1 125 GLN n 
1 126 ALA n 
1 127 LYS n 
1 128 LYS n 
1 129 GLU n 
1 130 LYS n 
1 131 LEU n 
1 132 ASN n 
1 133 ILE n 
1 134 TRP n 
1 135 SER n 
1 136 GLU n 
1 137 ASP n 
1 138 ASN n 
1 139 ALA n 
1 140 ASP n 
1 141 SER n 
1 142 GLY n 
1 143 GLN n 
# 
_entity_src_gen.entity_id                          1 
_entity_src_gen.pdbx_src_id                        1 
_entity_src_gen.pdbx_alt_source_flag               sample 
_entity_src_gen.pdbx_seq_type                      ? 
_entity_src_gen.pdbx_beg_seq_num                   ? 
_entity_src_gen.pdbx_end_seq_num                   ? 
_entity_src_gen.gene_src_common_name               ? 
_entity_src_gen.gene_src_genus                     ? 
_entity_src_gen.pdbx_gene_src_gene                 nuc 
_entity_src_gen.gene_src_species                   ? 
_entity_src_gen.gene_src_strain                    ? 
_entity_src_gen.gene_src_tissue                    ? 
_entity_src_gen.gene_src_tissue_fraction           ? 
_entity_src_gen.gene_src_details                   ? 
_entity_src_gen.pdbx_gene_src_fragment             ? 
_entity_src_gen.pdbx_gene_src_scientific_name      'Staphylococcus aureus' 
_entity_src_gen.pdbx_gene_src_ncbi_taxonomy_id     1280 
_entity_src_gen.pdbx_gene_src_variant              ? 
_entity_src_gen.pdbx_gene_src_cell_line            ? 
_entity_src_gen.pdbx_gene_src_atcc                 ? 
_entity_src_gen.pdbx_gene_src_organ                ? 
_entity_src_gen.pdbx_gene_src_organelle            ? 
_entity_src_gen.pdbx_gene_src_cell                 ? 
_entity_src_gen.pdbx_gene_src_cellular_location    ? 
_entity_src_gen.host_org_common_name               ? 
_entity_src_gen.pdbx_host_org_scientific_name      'Escherichia coli' 
_entity_src_gen.pdbx_host_org_ncbi_taxonomy_id     469008 
_entity_src_gen.host_org_genus                     ? 
_entity_src_gen.pdbx_host_org_gene                 ? 
_entity_src_gen.pdbx_host_org_organ                ? 
_entity_src_gen.host_org_species                   ? 
_entity_src_gen.pdbx_host_org_tissue               ? 
_entity_src_gen.pdbx_host_org_tissue_fraction      ? 
_entity_src_gen.pdbx_host_org_strain               'BL21(DE3)' 
_entity_src_gen.pdbx_host_org_variant              ? 
_entity_src_gen.pdbx_host_org_cell_line            ? 
_entity_src_gen.pdbx_host_org_atcc                 ? 
_entity_src_gen.pdbx_host_org_culture_collection   ? 
_entity_src_gen.pdbx_host_org_cell                 ? 
_entity_src_gen.pdbx_host_org_organelle            ? 
_entity_src_gen.pdbx_host_org_cellular_location    ? 
_entity_src_gen.pdbx_host_org_vector_type          plasmid 
_entity_src_gen.pdbx_host_org_vector               ? 
_entity_src_gen.host_org_details                   ? 
_entity_src_gen.expression_system_id               ? 
_entity_src_gen.plasmid_name                       pET24a+ 
_entity_src_gen.plasmid_details                    ? 
_entity_src_gen.pdbx_description                   ? 
# 
_struct_ref.id                         1 
_struct_ref.db_name                    UNP 
_struct_ref.db_code                    NUC_STAAU 
_struct_ref.pdbx_db_accession          P00644 
_struct_ref.entity_id                  1 
_struct_ref.pdbx_seq_one_letter_code   
;ATSTKKLHKEPATLIKAIDGDTVKLMYKGQPMTFRLLLVDTPETKHPKKGVEKYGPEASAFTKKMVENAKKIEVEFDKGQ
RTDKYGRGLAYIYADGKMVNEALVRQGLAKVAYVYKPNNTHEQHLRKSEAQAKKEKLNIWSEDNADSGQ
;
_struct_ref.pdbx_align_begin           83 
_struct_ref.pdbx_db_isoform            ? 
# 
_struct_ref_seq.align_id                      1 
_struct_ref_seq.ref_id                        1 
_struct_ref_seq.pdbx_PDB_id_code              4NDX 
_struct_ref_seq.pdbx_strand_id                A 
_struct_ref_seq.seq_align_beg                 1 
_struct_ref_seq.pdbx_seq_align_beg_ins_code   ? 
_struct_ref_seq.seq_align_end                 143 
_struct_ref_seq.pdbx_seq_align_end_ins_code   ? 
_struct_ref_seq.pdbx_db_accession             P00644 
_struct_ref_seq.db_align_beg                  83 
_struct_ref_seq.pdbx_db_align_beg_ins_code    ? 
_struct_ref_seq.db_align_end                  231 
_struct_ref_seq.pdbx_db_align_end_ins_code    ? 
_struct_ref_seq.pdbx_auth_seq_align_beg       1 
_struct_ref_seq.pdbx_auth_seq_align_end       149 
# 
loop_
_struct_ref_seq_dif.align_id 
_struct_ref_seq_dif.pdbx_pdb_id_code 
_struct_ref_seq_dif.mon_id 
_struct_ref_seq_dif.pdbx_pdb_strand_id 
_struct_ref_seq_dif.seq_num 
_struct_ref_seq_dif.pdbx_pdb_ins_code 
_struct_ref_seq_dif.pdbx_seq_db_name 
_struct_ref_seq_dif.pdbx_seq_db_accession_code 
_struct_ref_seq_dif.db_mon_id 
_struct_ref_seq_dif.pdbx_seq_db_seq_num 
_struct_ref_seq_dif.details 
_struct_ref_seq_dif.pdbx_auth_seq_num 
_struct_ref_seq_dif.pdbx_ordinal 
1 4NDX ?   A ?   ? UNP P00644 THR 126 deletion              ?   1  
1 4NDX ?   A ?   ? UNP P00644 LYS 127 deletion              ?   2  
1 4NDX ?   A ?   ? UNP P00644 HIS 128 deletion              ?   3  
1 4NDX ?   A ?   ? UNP P00644 PRO 129 deletion              ?   4  
1 4NDX ?   A ?   ? UNP P00644 LYS 130 deletion              ?   5  
1 4NDX ?   A ?   ? UNP P00644 LYS 131 deletion              ?   6  
1 4NDX PHE A 44  ? UNP P00644 GLY 132 'engineered mutation' 50  7  
1 4NDX ASN A 45  ? UNP P00644 VAL 133 'engineered mutation' 51  8  
1 4NDX ASN A 86  ? UNP P00644 ILE 174 'engineered mutation' 92  9  
1 4NDX GLY A 111 ? UNP P00644 PRO 199 'engineered mutation' 117 10 
1 4NDX LEU A 118 ? UNP P00644 HIS 206 'engineered mutation' 124 11 
1 4NDX ALA A 122 ? UNP P00644 SER 210 'engineered mutation' 128 12 
# 
loop_
_chem_comp.id 
_chem_comp.type 
_chem_comp.mon_nstd_flag 
_chem_comp.name 
_chem_comp.pdbx_synonyms 
_chem_comp.formula 
_chem_comp.formula_weight 
ALA 'L-peptide linking' y ALANINE                       ? 'C3 H7 N O2'        89.093  
ARG 'L-peptide linking' y ARGININE                      ? 'C6 H15 N4 O2 1'    175.209 
ASN 'L-peptide linking' y ASPARAGINE                    ? 'C4 H8 N2 O3'       132.118 
ASP 'L-peptide linking' y 'ASPARTIC ACID'               ? 'C4 H7 N O4'        133.103 
CA  non-polymer         . 'CALCIUM ION'                 ? 'Ca 2'              40.078  
GLN 'L-peptide linking' y GLUTAMINE                     ? 'C5 H10 N2 O3'      146.144 
GLU 'L-peptide linking' y 'GLUTAMIC ACID'               ? 'C5 H9 N O4'        147.129 
GLY 'peptide linking'   y GLYCINE                       ? 'C2 H5 N O2'        75.067  
HIS 'L-peptide linking' y HISTIDINE                     ? 'C6 H10 N3 O2 1'    156.162 
HOH non-polymer         . WATER                         ? 'H2 O'              18.015  
ILE 'L-peptide linking' y ISOLEUCINE                    ? 'C6 H13 N O2'       131.173 
LEU 'L-peptide linking' y LEUCINE                       ? 'C6 H13 N O2'       131.173 
LYS 'L-peptide linking' y LYSINE                        ? 'C6 H15 N2 O2 1'    147.195 
MET 'L-peptide linking' y METHIONINE                    ? 'C5 H11 N O2 S'     149.211 
PHE 'L-peptide linking' y PHENYLALANINE                 ? 'C9 H11 N O2'       165.189 
PRO 'L-peptide linking' y PROLINE                       ? 'C5 H9 N O2'        115.130 
SER 'L-peptide linking' y SERINE                        ? 'C3 H7 N O3'        105.093 
THP 'DNA linking'       . "THYMIDINE-3',5'-DIPHOSPHATE" ? 'C10 H16 N2 O11 P2' 402.188 
THR 'L-peptide linking' y THREONINE                     ? 'C4 H9 N O3'        119.119 
TRP 'L-peptide linking' y TRYPTOPHAN                    ? 'C11 H12 N2 O2'     204.225 
TYR 'L-peptide linking' y TYROSINE                      ? 'C9 H11 N O3'       181.189 
VAL 'L-peptide linking' y VALINE                        ? 'C5 H11 N O2'       117.146 
# 
_exptl.crystals_number   1 
_exptl.entry_id          4NDX 
_exptl.method            'X-RAY DIFFRACTION' 
# 
_exptl_crystal.id                    1 
_exptl_crystal.density_Matthews      2.24 
_exptl_crystal.density_meas          ? 
_exptl_crystal.density_percent_sol   45.11 
_exptl_crystal.description           ? 
_exptl_crystal.F_000                 ? 
_exptl_crystal.preparation           ? 
# 
_exptl_crystal_grow.crystal_id      1 
_exptl_crystal_grow.method          'VAPOR DIFFUSION, HANGING DROP' 
_exptl_crystal_grow.pH              9.0 
_exptl_crystal_grow.temp            277 
_exptl_crystal_grow.pdbx_details    
'20% MPD, 25 mM potassium phosphate, calcium chloride, pdTp, pH 9.0, VAPOR DIFFUSION, HANGING DROP, temperature 277K' 
_exptl_crystal_grow.temp_details    ? 
_exptl_crystal_grow.pdbx_pH_range   ? 
# 
_diffrn.id                     1 
_diffrn.ambient_temp           100 
_diffrn.ambient_temp_details   ? 
_diffrn.crystal_id             1 
# 
_diffrn_detector.diffrn_id              1 
_diffrn_detector.detector               PIXEL 
_diffrn_detector.type                   'DECTRIS PILATUS 6M' 
_diffrn_detector.pdbx_collection_date   2012-09-25 
_diffrn_detector.details                
'Meridionally-bent fused silica mirror with palladium and uncoated stripes vertically-focusing at 6.6:1 demagnification' 
# 
_diffrn_radiation.diffrn_id                        1 
_diffrn_radiation.pdbx_diffrn_protocol             'SINGLE WAVELENGTH' 
_diffrn_radiation.monochromator                    
;double crystal Si(111) with cryogenically-cooled first crystal and sagittally-bent second crystal horizontally-focusing at 3.3:1 demagnification
;
_diffrn_radiation.wavelength_id                    1 
_diffrn_radiation.pdbx_monochromatic_or_laue_m_l   M 
_diffrn_radiation.pdbx_scattering_type             x-ray 
# 
_diffrn_radiation_wavelength.id           1 
_diffrn_radiation_wavelength.wavelength   1.1000 
_diffrn_radiation_wavelength.wt           1.0 
# 
_diffrn_source.diffrn_id                   1 
_diffrn_source.source                      SYNCHROTRON 
_diffrn_source.type                        'NSLS BEAMLINE X25' 
_diffrn_source.pdbx_wavelength_list        1.1000 
_diffrn_source.pdbx_wavelength             ? 
_diffrn_source.pdbx_synchrotron_site       NSLS 
_diffrn_source.pdbx_synchrotron_beamline   X25 
# 
_reflns.entry_id                     4NDX 
_reflns.d_resolution_high            1.496 
_reflns.d_resolution_low             50.000 
_reflns.number_obs                   22875 
_reflns.pdbx_Rmerge_I_obs            0.054 
_reflns.pdbx_netI_over_sigmaI        13.900 
_reflns.pdbx_chi_squared             1.882 
_reflns.pdbx_redundancy              6.100 
_reflns.percent_possible_obs         99.400 
_reflns.observed_criterion_sigma_F   0 
_reflns.observed_criterion_sigma_I   0 
_reflns.number_all                   22875 
_reflns.pdbx_Rsym_value              ? 
_reflns.B_iso_Wilson_estimate        31.5 
_reflns.R_free_details               ? 
_reflns.limit_h_max                  ? 
_reflns.limit_h_min                  ? 
_reflns.limit_k_max                  ? 
_reflns.limit_k_min                  ? 
_reflns.limit_l_max                  ? 
_reflns.limit_l_min                  ? 
_reflns.observed_criterion_F_max     ? 
_reflns.observed_criterion_F_min     ? 
_reflns.pdbx_scaling_rejects         ? 
_reflns.pdbx_ordinal                 1 
_reflns.pdbx_diffrn_id               1 
# 
loop_
_reflns_shell.d_res_high 
_reflns_shell.d_res_low 
_reflns_shell.number_measured_obs 
_reflns_shell.number_measured_all 
_reflns_shell.number_unique_obs 
_reflns_shell.Rmerge_I_obs 
_reflns_shell.meanI_over_sigI_obs 
_reflns_shell.pdbx_Rsym_value 
_reflns_shell.pdbx_chi_squared 
_reflns_shell.pdbx_redundancy 
_reflns_shell.percent_possible_obs 
_reflns_shell.number_unique_all 
_reflns_shell.percent_possible_all 
_reflns_shell.pdbx_ordinal 
_reflns_shell.pdbx_diffrn_id 
1.496 1.530  ? ? ? 0.223 6.6 ? 1.033 4.9 ? 1102 97.1  1  1 
1.530 1.550  ? ? ? 0.215 ?   ? 0.905 5.6 ? 1160 99.1  2  1 
1.550 1.580  ? ? ? 0.192 ?   ? 0.949 6.0 ? 1118 99.0  3  1 
1.580 1.620  ? ? ? 0.174 ?   ? 1.176 5.8 ? 1118 99.4  4  1 
1.620 1.650  ? ? ? 0.156 ?   ? 1.238 6.4 ? 1165 99.6  5  1 
1.650 1.690  ? ? ? 0.136 ?   ? 1.243 6.3 ? 1120 99.7  6  1 
1.690 1.730  ? ? ? 0.128 ?   ? 1.342 6.1 ? 1147 99.9  7  1 
1.730 1.780  ? ? ? 0.115 ?   ? 1.437 6.2 ? 1141 99.8  8  1 
1.780 1.830  ? ? ? 0.104 ?   ? 1.565 6.3 ? 1157 99.7  9  1 
1.830 1.890  ? ? ? 0.097 ?   ? 1.764 6.0 ? 1141 99.9  10 1 
1.890 1.960  ? ? ? 0.085 ?   ? 1.883 6.6 ? 1156 100.0 11 1 
1.960 2.040  ? ? ? 0.079 ?   ? 2.108 6.4 ? 1146 100.0 12 1 
2.040 2.130  ? ? ? 0.068 ?   ? 2.176 6.1 ? 1143 100.0 13 1 
2.130 2.240  ? ? ? 0.065 ?   ? 2.410 6.4 ? 1161 100.0 14 1 
2.240 2.380  ? ? ? 0.059 ?   ? 2.287 6.3 ? 1135 100.0 15 1 
2.380 2.560  ? ? ? 0.055 ?   ? 2.430 6.4 ? 1157 100.0 16 1 
2.560 2.820  ? ? ? 0.051 ?   ? 2.599 6.2 ? 1151 99.8  17 1 
2.820 3.230  ? ? ? 0.047 ?   ? 2.808 6.1 ? 1153 99.5  18 1 
3.230 4.070  ? ? ? 0.045 ?   ? 2.868 6.1 ? 1142 98.7  19 1 
4.070 50.000 ? ? ? 0.049 ?   ? 2.990 6.0 ? 1162 97.5  20 1 
# 
_refine.entry_id                                 4NDX 
_refine.ls_d_res_high                            1.496 
_refine.ls_d_res_low                             38.23 
_refine.pdbx_ls_sigma_F                          0.0 
_refine.pdbx_data_cutoff_high_absF               ? 
_refine.pdbx_data_cutoff_low_absF                ? 
_refine.ls_percent_reflns_obs                    99.09 
_refine.ls_number_reflns_obs                     22858 
_refine.ls_number_reflns_all                     22858 
_refine.pdbx_ls_cross_valid_method               THROUGHOUT 
_refine.pdbx_R_Free_selection_details            RANDOM 
_refine.details                                  'HYDROGENS HAVE BEEN USED IF PRESENT IN THE INPUT' 
_refine.ls_R_factor_all                          0.1856 
_refine.ls_R_factor_obs                          0.1856 
_refine.ls_R_factor_R_work                       0.1839 
_refine.ls_wR_factor_R_work                      0.2003 
_refine.ls_R_factor_R_free                       0.2156 
_refine.ls_wR_factor_R_free                      0.2365 
_refine.ls_percent_reflns_R_free                 5.1 
_refine.ls_number_reflns_R_free                  1177 
_refine.ls_R_factor_R_free_error                 ? 
_refine.B_iso_mean                               25.1323 
_refine.solvent_model_param_bsol                 ? 
_refine.solvent_model_param_ksol                 ? 
_refine.pdbx_isotropic_thermal_model             ? 
_refine.aniso_B[1][1]                            -1.4600 
_refine.aniso_B[2][2]                            -1.0800 
_refine.aniso_B[3][3]                            2.5800 
_refine.aniso_B[1][2]                            0.0000 
_refine.aniso_B[1][3]                            0.3800 
_refine.aniso_B[2][3]                            0.0000 
_refine.correlation_coeff_Fo_to_Fc               0.9690 
_refine.correlation_coeff_Fo_to_Fc_free          0.9580 
_refine.overall_SU_R_Cruickshank_DPI             0.0779 
_refine.overall_SU_R_free                        0.0798 
_refine.pdbx_overall_ESU_R                       0.0780 
_refine.pdbx_overall_ESU_R_Free                  0.0800 
_refine.overall_SU_ML                            0.0540 
_refine.overall_SU_B                             1.4400 
_refine.solvent_model_details                    MASK 
_refine.pdbx_solvent_vdw_probe_radii             1.2000 
_refine.pdbx_solvent_ion_probe_radii             0.8000 
_refine.pdbx_solvent_shrinkage_radii             0.8000 
_refine.ls_number_parameters                     ? 
_refine.ls_number_restraints                     ? 
_refine.pdbx_starting_model                      'PDB ENTRY 3BDC' 
_refine.pdbx_method_to_determine_struct          'MOLECULAR REPLACEMENT' 
_refine.pdbx_stereochemistry_target_values       'MAXIMUM LIKELIHOOD' 
_refine.pdbx_stereochem_target_val_spec_case     ? 
_refine.overall_FOM_work_R_set                   0.8471 
_refine.B_iso_max                                70.340 
_refine.B_iso_min                                12.530 
_refine.pdbx_overall_phase_error                 ? 
_refine.occupancy_max                            1.000 
_refine.occupancy_min                            0.300 
_refine.pdbx_ls_sigma_I                          ? 
_refine.ls_redundancy_reflns_obs                 ? 
_refine.ls_R_factor_R_free_error_details         ? 
_refine.pdbx_data_cutoff_high_rms_absF           ? 
_refine.overall_FOM_free_R_set                   ? 
_refine.pdbx_diffrn_id                           1 
_refine.pdbx_refine_id                           'X-RAY DIFFRACTION' 
_refine.pdbx_TLS_residual_ADP_flag               ? 
_refine.pdbx_overall_SU_R_free_Cruickshank_DPI   ? 
_refine.pdbx_overall_SU_R_Blow_DPI               ? 
_refine.pdbx_overall_SU_R_free_Blow_DPI          ? 
# 
_refine_hist.pdbx_refine_id                   'X-RAY DIFFRACTION' 
_refine_hist.cycle_id                         LAST 
_refine_hist.pdbx_number_atoms_protein        1033 
_refine_hist.pdbx_number_atoms_nucleic_acid   0 
_refine_hist.pdbx_number_atoms_ligand         26 
_refine_hist.number_atoms_solvent             135 
_refine_hist.number_atoms_total               1194 
_refine_hist.d_res_high                       1.496 
_refine_hist.d_res_low                        38.23 
# 
loop_
_refine_ls_restr.type 
_refine_ls_restr.number 
_refine_ls_restr.dev_ideal 
_refine_ls_restr.dev_ideal_target 
_refine_ls_restr.weight 
_refine_ls_restr.pdbx_restraint_function 
_refine_ls_restr.pdbx_refine_id 
r_bond_refined_d       1174 0.020  0.020  ? ? 'X-RAY DIFFRACTION' 
r_angle_refined_deg    1600 1.954  2.001  ? ? 'X-RAY DIFFRACTION' 
r_dihedral_angle_1_deg 156  6.156  5.000  ? ? 'X-RAY DIFFRACTION' 
r_dihedral_angle_2_deg 53   35.491 25.283 ? ? 'X-RAY DIFFRACTION' 
r_dihedral_angle_3_deg 242  16.384 15.000 ? ? 'X-RAY DIFFRACTION' 
r_dihedral_angle_4_deg 5    9.943  15.000 ? ? 'X-RAY DIFFRACTION' 
r_chiral_restr         174  0.135  0.200  ? ? 'X-RAY DIFFRACTION' 
r_gen_planes_refined   863  0.013  0.021  ? ? 'X-RAY DIFFRACTION' 
# 
_refine_ls_shell.d_res_high                       1.496 
_refine_ls_shell.d_res_low                        1.534 
_refine_ls_shell.pdbx_total_number_of_bins_used   20 
_refine_ls_shell.percent_reflns_obs               92.69 
_refine_ls_shell.number_reflns_R_work             1463 
_refine_ls_shell.R_factor_all                     ? 
_refine_ls_shell.R_factor_R_work                  0.3050 
_refine_ls_shell.R_factor_R_free                  0.3700 
_refine_ls_shell.percent_reflns_R_free            ? 
_refine_ls_shell.number_reflns_R_free             83 
_refine_ls_shell.R_factor_R_free_error            ? 
_refine_ls_shell.number_reflns_all                1546 
_refine_ls_shell.number_reflns_obs                1546 
_refine_ls_shell.redundancy_reflns_obs            ? 
_refine_ls_shell.pdbx_refine_id                   'X-RAY DIFFRACTION' 
# 
_struct.entry_id                  4NDX 
_struct.title                     'Crystal structure of Staphylococcal nuclease variant Delta+PHS I92N at cryogenic temperature' 
_struct.pdbx_model_details        ? 
_struct.pdbx_CASP_flag            ? 
_struct.pdbx_model_type_details   ? 
# 
_struct_keywords.entry_id        4NDX 
_struct_keywords.text            'Staphylococcal nuclease, hyperstable variant, pdtp, cavity, pressure, HYDROLASE' 
_struct_keywords.pdbx_keywords   HYDROLASE 
# 
loop_
_struct_asym.id 
_struct_asym.pdbx_blank_PDB_chainid_flag 
_struct_asym.pdbx_modified 
_struct_asym.entity_id 
_struct_asym.details 
A N N 1 ? 
B N N 2 ? 
C N N 3 ? 
D N N 4 ? 
# 
_struct_biol.id        1 
_struct_biol.details   ? 
# 
loop_
_struct_conf.conf_type_id 
_struct_conf.id 
_struct_conf.pdbx_PDB_helix_id 
_struct_conf.beg_label_comp_id 
_struct_conf.beg_label_asym_id 
_struct_conf.beg_label_seq_id 
_struct_conf.pdbx_beg_PDB_ins_code 
_struct_conf.end_label_comp_id 
_struct_conf.end_label_asym_id 
_struct_conf.end_label_seq_id 
_struct_conf.pdbx_end_PDB_ins_code 
_struct_conf.beg_auth_comp_id 
_struct_conf.beg_auth_asym_id 
_struct_conf.beg_auth_seq_id 
_struct_conf.end_auth_comp_id 
_struct_conf.end_auth_asym_id 
_struct_conf.end_auth_seq_id 
_struct_conf.pdbx_PDB_helix_class 
_struct_conf.details 
_struct_conf.pdbx_PDB_helix_length 
HELX_P HELX_P1 1 TYR A 48  ? ALA A 63  ? TYR A 54  ALA A 69  1 ? 16 
HELX_P HELX_P2 2 VAL A 93  ? GLN A 100 ? VAL A 99  GLN A 106 1 ? 8  
HELX_P HELX_P3 3 HIS A 115 ? GLU A 129 ? HIS A 121 GLU A 135 1 ? 15 
HELX_P HELX_P4 4 LEU A 131 ? SER A 135 ? LEU A 137 SER A 141 5 ? 5  
# 
_struct_conf_type.id          HELX_P 
_struct_conf_type.criteria    ? 
_struct_conf_type.reference   ? 
# 
loop_
_struct_conn.id 
_struct_conn.conn_type_id 
_struct_conn.pdbx_leaving_atom_flag 
_struct_conn.pdbx_PDB_id 
_struct_conn.ptnr1_label_asym_id 
_struct_conn.ptnr1_label_comp_id 
_struct_conn.ptnr1_label_seq_id 
_struct_conn.ptnr1_label_atom_id 
_struct_conn.pdbx_ptnr1_label_alt_id 
_struct_conn.pdbx_ptnr1_PDB_ins_code 
_struct_conn.pdbx_ptnr1_standard_comp_id 
_struct_conn.ptnr1_symmetry 
_struct_conn.ptnr2_label_asym_id 
_struct_conn.ptnr2_label_comp_id 
_struct_conn.ptnr2_label_seq_id 
_struct_conn.ptnr2_label_atom_id 
_struct_conn.pdbx_ptnr2_label_alt_id 
_struct_conn.pdbx_ptnr2_PDB_ins_code 
_struct_conn.ptnr1_auth_asym_id 
_struct_conn.ptnr1_auth_comp_id 
_struct_conn.ptnr1_auth_seq_id 
_struct_conn.ptnr2_auth_asym_id 
_struct_conn.ptnr2_auth_comp_id 
_struct_conn.ptnr2_auth_seq_id 
_struct_conn.ptnr2_symmetry 
_struct_conn.pdbx_ptnr3_label_atom_id 
_struct_conn.pdbx_ptnr3_label_seq_id 
_struct_conn.pdbx_ptnr3_label_comp_id 
_struct_conn.pdbx_ptnr3_label_asym_id 
_struct_conn.pdbx_ptnr3_label_alt_id 
_struct_conn.pdbx_ptnr3_PDB_ins_code 
_struct_conn.details 
_struct_conn.pdbx_dist_value 
_struct_conn.pdbx_value_order 
_struct_conn.pdbx_role 
metalc1 metalc ? ? A ASP 21 OD2 ? ? ? 1_555 B CA  . CA  ? ? A ASP 21  A CA  201 1_555 ? ? ? ? ? ? ? 2.827 ? ? 
metalc2 metalc ? ? A ASP 40 OD1 ? ? ? 1_555 B CA  . CA  ? ? A ASP 40  A CA  201 1_555 ? ? ? ? ? ? ? 2.706 ? ? 
metalc3 metalc ? ? A THR 41 O   ? ? ? 1_555 B CA  . CA  ? ? A THR 41  A CA  201 1_555 ? ? ? ? ? ? ? 2.900 ? ? 
metalc4 metalc ? ? A GLU 43 OE2 ? ? ? 1_555 B CA  . CA  ? ? A GLU 43  A CA  201 1_555 ? ? ? ? ? ? ? 2.986 ? ? 
metalc5 metalc ? ? B CA  .  CA  ? ? ? 1_555 C THP . O5P ? ? A CA  201 A THP 202 1_555 ? ? ? ? ? ? ? 3.112 ? ? 
metalc6 metalc ? ? B CA  .  CA  ? ? ? 1_555 D HOH . O   ? ? A CA  201 A HOH 313 1_555 ? ? ? ? ? ? ? 2.936 ? ? 
metalc7 metalc ? ? B CA  .  CA  ? ? ? 1_555 D HOH . O   ? ? A CA  201 A HOH 326 1_555 ? ? ? ? ? ? ? 2.884 ? ? 
# 
_struct_conn_type.id          metalc 
_struct_conn_type.criteria    ? 
_struct_conn_type.reference   ? 
# 
loop_
_struct_sheet.id 
_struct_sheet.type 
_struct_sheet.number_strands 
_struct_sheet.details 
A ? 7 ? 
B ? 2 ? 
# 
loop_
_struct_sheet_order.sheet_id 
_struct_sheet_order.range_id_1 
_struct_sheet_order.range_id_2 
_struct_sheet_order.offset 
_struct_sheet_order.sense 
A 1 2 ? anti-parallel 
A 2 3 ? anti-parallel 
A 3 4 ? anti-parallel 
A 4 5 ? anti-parallel 
A 5 6 ? anti-parallel 
A 6 7 ? parallel      
B 1 2 ? anti-parallel 
# 
loop_
_struct_sheet_range.sheet_id 
_struct_sheet_range.id 
_struct_sheet_range.beg_label_comp_id 
_struct_sheet_range.beg_label_asym_id 
_struct_sheet_range.beg_label_seq_id 
_struct_sheet_range.pdbx_beg_PDB_ins_code 
_struct_sheet_range.end_label_comp_id 
_struct_sheet_range.end_label_asym_id 
_struct_sheet_range.end_label_seq_id 
_struct_sheet_range.pdbx_end_PDB_ins_code 
_struct_sheet_range.beg_auth_comp_id 
_struct_sheet_range.beg_auth_asym_id 
_struct_sheet_range.beg_auth_seq_id 
_struct_sheet_range.end_auth_comp_id 
_struct_sheet_range.end_auth_asym_id 
_struct_sheet_range.end_auth_seq_id 
A 1 LYS A 91  ? MET A 92  ? LYS A 97  MET A 98  
A 2 GLY A 82  ? ALA A 88  ? GLY A 88  ALA A 94  
A 3 ILE A 66  ? GLU A 69  ? ILE A 72  GLU A 75  
A 4 GLU A 10  ? ALA A 17  ? GLU A 10  ALA A 17  
A 5 THR A 22  ? TYR A 27  ? THR A 22  TYR A 27  
A 6 GLN A 30  ? LEU A 36  ? GLN A 30  LEU A 36  
A 7 GLY A 82  ? ALA A 88  ? GLY A 88  ALA A 94  
B 1 VAL A 39  ? ASP A 40  ? VAL A 39  ASP A 40  
B 2 LYS A 104 ? VAL A 105 ? LYS A 110 VAL A 111 
# 
loop_
_pdbx_struct_sheet_hbond.sheet_id 
_pdbx_struct_sheet_hbond.range_id_1 
_pdbx_struct_sheet_hbond.range_id_2 
_pdbx_struct_sheet_hbond.range_1_label_atom_id 
_pdbx_struct_sheet_hbond.range_1_label_comp_id 
_pdbx_struct_sheet_hbond.range_1_label_asym_id 
_pdbx_struct_sheet_hbond.range_1_label_seq_id 
_pdbx_struct_sheet_hbond.range_1_PDB_ins_code 
_pdbx_struct_sheet_hbond.range_1_auth_atom_id 
_pdbx_struct_sheet_hbond.range_1_auth_comp_id 
_pdbx_struct_sheet_hbond.range_1_auth_asym_id 
_pdbx_struct_sheet_hbond.range_1_auth_seq_id 
_pdbx_struct_sheet_hbond.range_2_label_atom_id 
_pdbx_struct_sheet_hbond.range_2_label_comp_id 
_pdbx_struct_sheet_hbond.range_2_label_asym_id 
_pdbx_struct_sheet_hbond.range_2_label_seq_id 
_pdbx_struct_sheet_hbond.range_2_PDB_ins_code 
_pdbx_struct_sheet_hbond.range_2_auth_atom_id 
_pdbx_struct_sheet_hbond.range_2_auth_comp_id 
_pdbx_struct_sheet_hbond.range_2_auth_asym_id 
_pdbx_struct_sheet_hbond.range_2_auth_seq_id 
A 1 2 O LYS A 91 ? O LYS A 97 N ALA A 88  ? N ALA A 94  
A 2 3 O TYR A 87 ? O TYR A 93 N GLU A 67  ? N GLU A 73  
A 3 4 O VAL A 68 ? O VAL A 74 N GLU A 10  ? N GLU A 10  
A 4 5 N THR A 13 ? N THR A 13 O MET A 26  ? O MET A 26  
A 5 6 N VAL A 23 ? N VAL A 23 O PHE A 34  ? O PHE A 34  
A 6 7 N ARG A 35 ? N ARG A 35 O GLY A 82  ? O GLY A 88  
B 1 2 N ASP A 40 ? N ASP A 40 O LYS A 104 ? O LYS A 110 
# 
loop_
_struct_site.id 
_struct_site.pdbx_evidence_code 
_struct_site.pdbx_auth_asym_id 
_struct_site.pdbx_auth_comp_id 
_struct_site.pdbx_auth_seq_id 
_struct_site.pdbx_auth_ins_code 
_struct_site.pdbx_num_residues 
_struct_site.details 
AC1 Software A CA  201 ? 7  'BINDING SITE FOR RESIDUE CA A 201'  
AC2 Software A THP 202 ? 19 'BINDING SITE FOR RESIDUE THP A 202' 
# 
loop_
_struct_site_gen.id 
_struct_site_gen.site_id 
_struct_site_gen.pdbx_num_res 
_struct_site_gen.label_comp_id 
_struct_site_gen.label_asym_id 
_struct_site_gen.label_seq_id 
_struct_site_gen.pdbx_auth_ins_code 
_struct_site_gen.auth_comp_id 
_struct_site_gen.auth_asym_id 
_struct_site_gen.auth_seq_id 
_struct_site_gen.label_atom_id 
_struct_site_gen.label_alt_id 
_struct_site_gen.symmetry 
_struct_site_gen.details 
1  AC1 7  ASP A 21  ? ASP A 21  . ? 1_555 ? 
2  AC1 7  ASP A 40  ? ASP A 40  . ? 1_555 ? 
3  AC1 7  THR A 41  ? THR A 41  . ? 1_555 ? 
4  AC1 7  GLU A 43  ? GLU A 43  . ? 1_555 ? 
5  AC1 7  THP C .   ? THP A 202 . ? 1_555 ? 
6  AC1 7  HOH D .   ? HOH A 313 . ? 1_555 ? 
7  AC1 7  HOH D .   ? HOH A 326 . ? 1_555 ? 
8  AC2 19 ARG A 35  ? ARG A 35  . ? 1_555 ? 
9  AC2 19 ASP A 40  ? ASP A 40  . ? 1_555 ? 
10 AC2 19 LYS A 78  ? LYS A 84  . ? 1_555 ? 
11 AC2 19 TYR A 79  ? TYR A 85  . ? 1_555 ? 
12 AC2 19 ARG A 81  ? ARG A 87  . ? 1_555 ? 
13 AC2 19 LEU A 83  ? LEU A 89  . ? 1_555 ? 
14 AC2 19 TYR A 107 ? TYR A 113 . ? 1_555 ? 
15 AC2 19 TYR A 109 ? TYR A 115 . ? 1_555 ? 
16 AC2 19 LYS A 121 ? LYS A 127 . ? 1_655 ? 
17 AC2 19 CA  B .   ? CA  A 201 . ? 1_555 ? 
18 AC2 19 HOH D .   ? HOH A 302 . ? 1_555 ? 
19 AC2 19 HOH D .   ? HOH A 317 . ? 1_555 ? 
20 AC2 19 HOH D .   ? HOH A 318 . ? 1_555 ? 
21 AC2 19 HOH D .   ? HOH A 326 . ? 1_555 ? 
22 AC2 19 HOH D .   ? HOH A 327 . ? 1_555 ? 
23 AC2 19 HOH D .   ? HOH A 343 . ? 1_555 ? 
24 AC2 19 HOH D .   ? HOH A 349 . ? 1_555 ? 
25 AC2 19 HOH D .   ? HOH A 352 . ? 1_555 ? 
26 AC2 19 HOH D .   ? HOH A 376 . ? 1_555 ? 
# 
_atom_sites.entry_id                    4NDX 
_atom_sites.fract_transf_matrix[1][1]   0.01254417 
_atom_sites.fract_transf_matrix[1][2]   -0.01500760 
_atom_sites.fract_transf_matrix[1][3]   -0.02539000 
_atom_sites.fract_transf_matrix[2][1]   -0.00977437 
_atom_sites.fract_transf_matrix[2][2]   0.00876334 
_atom_sites.fract_transf_matrix[2][3]   -0.01000898 
_atom_sites.fract_transf_matrix[3][1]   0.01896416 
_atom_sites.fract_transf_matrix[3][2]   0.01777716 
_atom_sites.fract_transf_matrix[3][3]   -0.00295489 
_atom_sites.fract_transf_vector[1]      0.293436 
_atom_sites.fract_transf_vector[2]      0.066593 
_atom_sites.fract_transf_vector[3]      0.142861 
# 
loop_
_atom_type.symbol 
C  
CA 
N  
O  
P  
S  
# 
loop_
_atom_site.group_PDB 
_atom_site.id 
_atom_site.type_symbol 
_atom_site.label_atom_id 
_atom_site.label_alt_id 
_atom_site.label_comp_id 
_atom_site.label_asym_id 
_atom_site.label_entity_id 
_atom_site.label_seq_id 
_atom_site.pdbx_PDB_ins_code 
_atom_site.Cartn_x 
_atom_site.Cartn_y 
_atom_site.Cartn_z 
_atom_site.occupancy 
_atom_site.B_iso_or_equiv 
_atom_site.pdbx_formal_charge 
_atom_site.auth_seq_id 
_atom_site.auth_comp_id 
_atom_site.auth_asym_id 
_atom_site.auth_atom_id 
_atom_site.pdbx_PDB_model_num 
ATOM   1    N  N     . LEU A 1 7   ? -10.475 -8.218  10.297  1.00 28.76 ? 7   LEU A N     1 
ATOM   2    C  CA    . LEU A 1 7   ? -9.242  -8.635  9.548   1.00 24.59 ? 7   LEU A CA    1 
ATOM   3    C  C     . LEU A 1 7   ? -8.098  -8.887  10.516  1.00 23.84 ? 7   LEU A C     1 
ATOM   4    O  O     . LEU A 1 7   ? -8.084  -8.387  11.683  1.00 25.46 ? 7   LEU A O     1 
ATOM   5    C  CB    . LEU A 1 7   ? -8.816  -7.538  8.560   1.00 22.99 ? 7   LEU A CB    1 
ATOM   6    C  CG    . LEU A 1 7   ? -9.876  -7.086  7.569   1.00 22.88 ? 7   LEU A CG    1 
ATOM   7    C  CD1   . LEU A 1 7   ? -9.243  -6.171  6.515   1.00 23.73 ? 7   LEU A CD1   1 
ATOM   8    C  CD2   . LEU A 1 7   ? -10.600 -8.239  6.912   1.00 25.47 ? 7   LEU A CD2   1 
ATOM   9    N  N     . HIS A 1 8   ? -7.089  -9.587  10.022  1.00 24.84 ? 8   HIS A N     1 
ATOM   10   C  CA    A HIS A 1 8   ? -5.945  -10.018 10.834  0.70 24.09 ? 8   HIS A CA    1 
ATOM   11   C  CA    B HIS A 1 8   ? -5.943  -9.836  10.879  0.30 24.21 ? 8   HIS A CA    1 
ATOM   12   C  C     . HIS A 1 8   ? -4.621  -9.649  10.222  1.00 22.31 ? 8   HIS A C     1 
ATOM   13   O  O     . HIS A 1 8   ? -4.422  -9.905  9.018   1.00 22.15 ? 8   HIS A O     1 
ATOM   14   C  CB    A HIS A 1 8   ? -6.006  -11.545 11.008  0.70 27.50 ? 8   HIS A CB    1 
ATOM   15   C  CB    B HIS A 1 8   ? -6.025  -11.191 11.588  0.30 28.18 ? 8   HIS A CB    1 
ATOM   16   C  CG    A HIS A 1 8   ? -7.194  -12.001 11.823  0.70 30.73 ? 8   HIS A CG    1 
ATOM   17   C  CG    B HIS A 1 8   ? -5.891  -12.370 10.665  0.30 28.50 ? 8   HIS A CG    1 
ATOM   18   N  ND1   A HIS A 1 8   ? -7.305  -11.737 13.154  0.70 30.60 ? 8   HIS A ND1   1 
ATOM   19   N  ND1   B HIS A 1 8   ? -6.909  -12.824 9.911   0.30 28.58 ? 8   HIS A ND1   1 
ATOM   20   C  CD2   A HIS A 1 8   ? -8.378  -12.637 11.444  0.70 34.93 ? 8   HIS A CD2   1 
ATOM   21   C  CD2   B HIS A 1 8   ? -4.807  -13.200 10.399  0.30 29.20 ? 8   HIS A CD2   1 
ATOM   22   C  CE1   A HIS A 1 8   ? -8.477  -12.227 13.608  0.70 34.09 ? 8   HIS A CE1   1 
ATOM   23   C  CE1   B HIS A 1 8   ? -6.493  -13.871 9.178   0.30 30.82 ? 8   HIS A CE1   1 
ATOM   24   N  NE2   A HIS A 1 8   ? -9.133  -12.784 12.560  0.70 39.20 ? 8   HIS A NE2   1 
ATOM   25   N  NE2   B HIS A 1 8   ? -5.208  -14.105 9.479   0.30 30.29 ? 8   HIS A NE2   1 
ATOM   26   N  N     . LYS A 1 9   ? -3.694  -9.159  10.999  1.00 23.24 ? 9   LYS A N     1 
ATOM   27   C  CA    . LYS A 1 9   ? -2.367  -8.914  10.498  1.00 20.39 ? 9   LYS A CA    1 
ATOM   28   C  C     . LYS A 1 9   ? -1.559  -10.201 10.569  1.00 22.37 ? 9   LYS A C     1 
ATOM   29   O  O     . LYS A 1 9   ? -1.686  -11.004 11.545  1.00 25.46 ? 9   LYS A O     1 
ATOM   30   C  CB    . LYS A 1 9   ? -1.669  -7.841  11.322  1.00 22.33 ? 9   LYS A CB    1 
ATOM   31   C  CG    . LYS A 1 9   ? -2.266  -6.459  11.049  1.00 28.25 ? 9   LYS A CG    1 
ATOM   32   C  CD    . LYS A 1 9   ? -1.734  -5.466  12.060  1.00 30.93 ? 9   LYS A CD    1 
ATOM   33   C  CE    . LYS A 1 9   ? -2.407  -4.125  11.849  1.00 33.51 ? 9   LYS A CE    1 
ATOM   34   N  NZ    . LYS A 1 9   ? -3.877  -4.359  11.833  1.00 44.81 ? 9   LYS A NZ    1 
ATOM   35   N  N     . GLU A 1 10  ? -0.765  -10.440 9.526   1.00 19.41 ? 10  GLU A N     1 
ATOM   36   C  CA    . GLU A 1 10  ? 0.091   -11.657 9.444   1.00 19.91 ? 10  GLU A CA    1 
ATOM   37   C  C     . GLU A 1 10  ? 1.506   -11.234 9.153   1.00 17.75 ? 10  GLU A C     1 
ATOM   38   O  O     . GLU A 1 10  ? 1.799   -10.205 8.508   1.00 17.29 ? 10  GLU A O     1 
ATOM   39   C  CB    . GLU A 1 10  ? -0.390  -12.574 8.321   1.00 19.26 ? 10  GLU A CB    1 
ATOM   40   C  CG    . GLU A 1 10  ? -1.766  -13.139 8.578   1.00 21.44 ? 10  GLU A CG    1 
ATOM   41   C  CD    . GLU A 1 10  ? -2.198  -13.992 7.424   1.00 21.45 ? 10  GLU A CD    1 
ATOM   42   O  OE1   . GLU A 1 10  ? -1.560  -15.060 7.224   1.00 21.80 ? 10  GLU A OE1   1 
ATOM   43   O  OE2   . GLU A 1 10  ? -3.226  -13.714 6.808   1.00 23.06 ? 10  GLU A OE2   1 
ATOM   44   N  N     . PRO A 1 11  ? 2.499   -12.027 9.609   1.00 18.72 ? 11  PRO A N     1 
ATOM   45   C  CA    . PRO A 1 11  ? 3.833   -11.685 9.348   1.00 18.50 ? 11  PRO A CA    1 
ATOM   46   C  C     . PRO A 1 11  ? 4.322   -11.768 7.906   1.00 17.76 ? 11  PRO A C     1 
ATOM   47   O  O     . PRO A 1 11  ? 3.830   -12.627 7.116   1.00 19.37 ? 11  PRO A O     1 
ATOM   48   C  CB    . PRO A 1 11  ? 4.667   -12.733 10.186  1.00 17.88 ? 11  PRO A CB    1 
ATOM   49   C  CG    . PRO A 1 11  ? 3.679   -13.687 10.681  1.00 22.31 ? 11  PRO A CG    1 
ATOM   50   C  CD    . PRO A 1 11  ? 2.286   -13.265 10.372  1.00 22.72 ? 11  PRO A CD    1 
ATOM   51   N  N     . ALA A 1 12  ? 5.264   -10.911 7.575   1.00 18.35 ? 12  ALA A N     1 
ATOM   52   C  CA    . ALA A 1 12  ? 6.028   -10.987 6.321   1.00 17.23 ? 12  ALA A CA    1 
ATOM   53   C  C     . ALA A 1 12  ? 7.345   -10.306 6.497   1.00 19.28 ? 12  ALA A C     1 
ATOM   54   O  O     . ALA A 1 12  ? 7.573   -9.598  7.499   1.00 19.29 ? 12  ALA A O     1 
ATOM   55   C  CB    . ALA A 1 12  ? 5.242   -10.347 5.179   1.00 20.63 ? 12  ALA A CB    1 
ATOM   56   N  N     . THR A 1 13  ? 8.292   -10.588 5.618   1.00 18.81 ? 13  THR A N     1 
ATOM   57   C  CA    . THR A 1 13  ? 9.561   -9.863  5.623   1.00 19.66 ? 13  THR A CA    1 
ATOM   58   C  C     . THR A 1 13  ? 9.803   -9.215  4.258   1.00 20.27 ? 13  THR A C     1 
ATOM   59   O  O     . THR A 1 13  ? 9.362   -9.743  3.198   1.00 19.24 ? 13  THR A O     1 
ATOM   60   C  CB    . THR A 1 13  ? 10.792  -10.767 5.943   1.00 22.99 ? 13  THR A CB    1 
ATOM   61   O  OG1   . THR A 1 13  ? 10.862  -11.862 5.022   1.00 23.66 ? 13  THR A OG1   1 
ATOM   62   C  CG2   . THR A 1 13  ? 10.723  -11.259 7.341   1.00 23.23 ? 13  THR A CG2   1 
ATOM   63   N  N     . LEU A 1 14  ? 10.498  -8.109  4.253   1.00 19.39 ? 14  LEU A N     1 
ATOM   64   C  CA    . LEU A 1 14  ? 10.836  -7.408  3.038   1.00 21.14 ? 14  LEU A CA    1 
ATOM   65   C  C     . LEU A 1 14  ? 11.809  -8.243  2.192   1.00 21.22 ? 14  LEU A C     1 
ATOM   66   O  O     . LEU A 1 14  ? 12.855  -8.710  2.734   1.00 24.18 ? 14  LEU A O     1 
ATOM   67   C  CB    . LEU A 1 14  ? 11.403  -5.991  3.322   1.00 23.18 ? 14  LEU A CB    1 
ATOM   68   C  CG    . LEU A 1 14  ? 11.819  -5.213  2.072   1.00 23.17 ? 14  LEU A CG    1 
ATOM   69   C  CD1   . LEU A 1 14  ? 10.584  -4.831  1.228   1.00 21.96 ? 14  LEU A CD1   1 
ATOM   70   C  CD2   . LEU A 1 14  ? 12.576  -3.939  2.429   1.00 27.79 ? 14  LEU A CD2   1 
ATOM   71   N  N     . ILE A 1 15  ? 11.492  -8.419  0.917   1.00 22.26 ? 15  ILE A N     1 
ATOM   72   C  CA    . ILE A 1 15  ? 12.523  -8.920  -0.024  1.00 23.14 ? 15  ILE A CA    1 
ATOM   73   C  C     . ILE A 1 15  ? 13.092  -7.711  -0.754  1.00 24.62 ? 15  ILE A C     1 
ATOM   74   O  O     . ILE A 1 15  ? 14.314  -7.454  -0.657  1.00 28.93 ? 15  ILE A O     1 
ATOM   75   C  CB    . ILE A 1 15  ? 11.985  -9.956  -0.971  1.00 21.06 ? 15  ILE A CB    1 
ATOM   76   C  CG1   . ILE A 1 15  ? 11.650  -11.225 -0.230  1.00 23.72 ? 15  ILE A CG1   1 
ATOM   77   C  CG2   . ILE A 1 15  ? 13.019  -10.240 -2.076  1.00 23.54 ? 15  ILE A CG2   1 
ATOM   78   C  CD1   . ILE A 1 15  ? 10.923  -12.293 -1.009  1.00 25.20 ? 15  ILE A CD1   1 
ATOM   79   N  N     . LYS A 1 16  ? 12.234  -6.871  -1.398  1.00 23.89 ? 16  LYS A N     1 
ATOM   80   C  CA    A LYS A 1 16  ? 12.726  -5.704  -2.113  0.50 24.15 ? 16  LYS A CA    1 
ATOM   81   C  CA    B LYS A 1 16  ? 12.722  -5.651  -2.006  0.50 24.07 ? 16  LYS A CA    1 
ATOM   82   C  C     . LYS A 1 16  ? 11.584  -4.718  -2.397  1.00 23.87 ? 16  LYS A C     1 
ATOM   83   O  O     . LYS A 1 16  ? 10.473  -5.156  -2.766  1.00 23.91 ? 16  LYS A O     1 
ATOM   84   C  CB    A LYS A 1 16  ? 13.379  -6.135  -3.440  0.50 26.04 ? 16  LYS A CB    1 
ATOM   85   C  CB    B LYS A 1 16  ? 13.581  -5.935  -3.243  0.50 27.67 ? 16  LYS A CB    1 
ATOM   86   C  CG    A LYS A 1 16  ? 14.256  -5.063  -4.098  0.50 29.82 ? 16  LYS A CG    1 
ATOM   87   C  CG    B LYS A 1 16  ? 12.810  -6.576  -4.367  0.50 26.21 ? 16  LYS A CG    1 
ATOM   88   C  CD    A LYS A 1 16  ? 15.394  -4.524  -3.222  0.50 34.73 ? 16  LYS A CD    1 
ATOM   89   C  CD    B LYS A 1 16  ? 13.089  -5.908  -5.716  0.50 34.54 ? 16  LYS A CD    1 
ATOM   90   C  CE    A LYS A 1 16  ? 15.943  -3.176  -3.739  0.50 35.61 ? 16  LYS A CE    1 
ATOM   91   C  CE    B LYS A 1 16  ? 14.484  -6.215  -6.220  0.50 32.69 ? 16  LYS A CE    1 
ATOM   92   N  NZ    A LYS A 1 16  ? 14.912  -2.262  -4.362  0.50 34.99 ? 16  LYS A NZ    1 
ATOM   93   N  NZ    B LYS A 1 16  ? 15.511  -5.757  -5.253  0.50 37.15 ? 16  LYS A NZ    1 
ATOM   94   N  N     . ALA A 1 17  ? 11.865  -3.443  -2.250  1.00 26.25 ? 17  ALA A N     1 
ATOM   95   C  CA    . ALA A 1 17  ? 10.980  -2.377  -2.704  1.00 27.69 ? 17  ALA A CA    1 
ATOM   96   C  C     . ALA A 1 17  ? 10.833  -2.481  -4.217  1.00 25.89 ? 17  ALA A C     1 
ATOM   97   O  O     . ALA A 1 17  ? 11.798  -2.886  -4.906  1.00 28.11 ? 17  ALA A O     1 
ATOM   98   C  CB    . ALA A 1 17  ? 11.579  -1.022  -2.314  1.00 29.38 ? 17  ALA A CB    1 
ATOM   99   N  N     . ILE A 1 18  ? 9.634   -2.248  -4.759  1.00 24.67 ? 18  ILE A N     1 
ATOM   100  C  CA    . ILE A 1 18  ? 9.468   -2.166  -6.220  1.00 22.98 ? 18  ILE A CA    1 
ATOM   101  C  C     . ILE A 1 18  ? 9.056   -0.767  -6.668  1.00 26.09 ? 18  ILE A C     1 
ATOM   102  O  O     . ILE A 1 18  ? 9.861   -0.049  -7.297  1.00 28.02 ? 18  ILE A O     1 
ATOM   103  C  CB    . ILE A 1 18  ? 8.512   -3.207  -6.770  1.00 22.78 ? 18  ILE A CB    1 
ATOM   104  C  CG1   . ILE A 1 18  ? 8.928   -4.581  -6.260  1.00 23.83 ? 18  ILE A CG1   1 
ATOM   105  C  CG2   . ILE A 1 18  ? 8.463   -3.150  -8.296  1.00 22.90 ? 18  ILE A CG2   1 
ATOM   106  C  CD1   . ILE A 1 18  ? 7.924   -5.622  -6.582  1.00 25.64 ? 18  ILE A CD1   1 
ATOM   107  N  N     . ASP A 1 19  ? 7.844   -0.319  -6.300  1.00 22.15 ? 19  ASP A N     1 
ATOM   108  C  CA    . ASP A 1 19  ? 7.466   1.026   -6.627  1.00 22.45 ? 19  ASP A CA    1 
ATOM   109  C  C     . ASP A 1 19  ? 6.439   1.537   -5.586  1.00 20.77 ? 19  ASP A C     1 
ATOM   110  O  O     . ASP A 1 19  ? 6.386   0.995   -4.493  1.00 21.51 ? 19  ASP A O     1 
ATOM   111  C  CB    . ASP A 1 19  ? 7.012   1.172   -8.078  1.00 21.99 ? 19  ASP A CB    1 
ATOM   112  C  CG    . ASP A 1 19  ? 5.605   0.690   -8.323  1.00 23.90 ? 19  ASP A CG    1 
ATOM   113  O  OD1   . ASP A 1 19  ? 5.022   -0.037  -7.457  1.00 25.62 ? 19  ASP A OD1   1 
ATOM   114  O  OD2   . ASP A 1 19  ? 5.063   0.998   -9.439  1.00 29.00 ? 19  ASP A OD2   1 
ATOM   115  N  N     . GLY A 1 20  ? 5.678   2.564   -5.918  1.00 21.23 ? 20  GLY A N     1 
ATOM   116  C  CA    . GLY A 1 20  ? 4.833   3.203   -4.905  1.00 19.02 ? 20  GLY A CA    1 
ATOM   117  C  C     . GLY A 1 20  ? 3.778   2.262   -4.324  1.00 16.80 ? 20  GLY A C     1 
ATOM   118  O  O     . GLY A 1 20  ? 3.457   2.369   -3.126  1.00 18.68 ? 20  GLY A O     1 
ATOM   119  N  N     . ASP A 1 21  ? 3.243   1.380   -5.124  1.00 17.17 ? 21  ASP A N     1 
ATOM   120  C  CA    . ASP A 1 21  ? 2.160   0.546   -4.669  1.00 15.80 ? 21  ASP A CA    1 
ATOM   121  C  C     . ASP A 1 21  ? 2.370   -0.965  -4.833  1.00 14.38 ? 21  ASP A C     1 
ATOM   122  O  O     . ASP A 1 21  ? 1.415   -1.751  -4.648  1.00 13.82 ? 21  ASP A O     1 
ATOM   123  C  CB    . ASP A 1 21  ? 0.790   0.998   -5.231  1.00 15.21 ? 21  ASP A CB    1 
ATOM   124  C  CG    . ASP A 1 21  ? 0.760   1.012   -6.708  1.00 17.91 ? 21  ASP A CG    1 
ATOM   125  O  OD1   . ASP A 1 21  ? 1.628   0.225   -7.297  1.00 18.95 ? 21  ASP A OD1   1 
ATOM   126  O  OD2   . ASP A 1 21  ? -0.152  1.615   -7.330  1.00 17.90 ? 21  ASP A OD2   1 
ATOM   127  N  N     . THR A 1 22  ? 3.623   -1.343  -5.126  1.00 16.19 ? 22  THR A N     1 
ATOM   128  C  CA    . THR A 1 22  ? 3.995   -2.790  -5.124  1.00 17.18 ? 22  THR A CA    1 
ATOM   129  C  C     . THR A 1 22  ? 5.314   -2.967  -4.403  1.00 16.74 ? 22  THR A C     1 
ATOM   130  O  O     . THR A 1 22  ? 6.178   -2.122  -4.411  1.00 17.85 ? 22  THR A O     1 
ATOM   131  C  CB    . THR A 1 22  ? 4.120   -3.383  -6.525  1.00 19.89 ? 22  THR A CB    1 
ATOM   132  O  OG1   . THR A 1 22  ? 5.106   -2.692  -7.246  1.00 24.39 ? 22  THR A OG1   1 
ATOM   133  C  CG2   . THR A 1 22  ? 2.893   -3.230  -7.319  1.00 18.37 ? 22  THR A CG2   1 
ATOM   134  N  N     . VAL A 1 23  ? 5.364   -4.101  -3.718  1.00 16.14 ? 23  VAL A N     1 
ATOM   135  C  CA    A VAL A 1 23  ? 6.531   -4.488  -2.925  0.70 18.30 ? 23  VAL A CA    1 
ATOM   136  C  CA    B VAL A 1 23  ? 6.510   -4.492  -2.898  0.30 17.66 ? 23  VAL A CA    1 
ATOM   137  C  C     . VAL A 1 23  ? 6.660   -6.028  -2.958  1.00 16.92 ? 23  VAL A C     1 
ATOM   138  O  O     . VAL A 1 23  ? 5.669   -6.760  -2.992  1.00 17.49 ? 23  VAL A O     1 
ATOM   139  C  CB    A VAL A 1 23  ? 6.403   -3.916  -1.504  0.70 16.96 ? 23  VAL A CB    1 
ATOM   140  C  CB    B VAL A 1 23  ? 6.338   -4.012  -1.434  0.30 17.18 ? 23  VAL A CB    1 
ATOM   141  C  CG1   A VAL A 1 23  ? 5.242   -4.540  -0.744  0.70 20.06 ? 23  VAL A CG1   1 
ATOM   142  C  CG1   B VAL A 1 23  ? 6.193   -2.488  -1.331  0.30 17.48 ? 23  VAL A CG1   1 
ATOM   143  C  CG2   A VAL A 1 23  ? 7.681   -4.161  -0.709  0.70 19.23 ? 23  VAL A CG2   1 
ATOM   144  C  CG2   B VAL A 1 23  ? 5.173   -4.722  -0.756  0.30 18.25 ? 23  VAL A CG2   1 
ATOM   145  N  N     . LYS A 1 24  ? 7.922   -6.505  -2.955  1.00 19.91 ? 24  LYS A N     1 
ATOM   146  C  CA    A LYS A 1 24  ? 8.214   -7.929  -2.939  0.50 17.35 ? 24  LYS A CA    1 
ATOM   147  C  CA    B LYS A 1 24  ? 8.157   -7.949  -2.918  0.50 17.46 ? 24  LYS A CA    1 
ATOM   148  C  C     . LYS A 1 24  ? 8.474   -8.353  -1.481  1.00 15.70 ? 24  LYS A C     1 
ATOM   149  O  O     . LYS A 1 24  ? 9.363   -7.777  -0.829  1.00 19.79 ? 24  LYS A O     1 
ATOM   150  C  CB    A LYS A 1 24  ? 9.443   -8.210  -3.829  0.50 20.25 ? 24  LYS A CB    1 
ATOM   151  C  CB    B LYS A 1 24  ? 9.246   -8.402  -3.910  0.50 21.25 ? 24  LYS A CB    1 
ATOM   152  C  CG    A LYS A 1 24  ? 9.656   -9.703  -4.039  0.50 22.55 ? 24  LYS A CG    1 
ATOM   153  C  CG    B LYS A 1 24  ? 9.238   -9.913  -4.159  0.50 24.22 ? 24  LYS A CG    1 
ATOM   154  C  CD    A LYS A 1 24  ? 10.530  -10.069 -5.233  0.50 24.46 ? 24  LYS A CD    1 
ATOM   155  C  CD    B LYS A 1 24  ? 9.126   -10.225 -5.643  0.50 25.28 ? 24  LYS A CD    1 
ATOM   156  C  CE    A LYS A 1 24  ? 10.726  -11.591 -5.252  0.50 25.95 ? 24  LYS A CE    1 
ATOM   157  C  CE    B LYS A 1 24  ? 8.564   -11.601 -5.931  0.50 28.43 ? 24  LYS A CE    1 
ATOM   158  N  NZ    A LYS A 1 24  ? 11.679  -12.141 -6.274  0.50 25.60 ? 24  LYS A NZ    1 
ATOM   159  N  NZ    B LYS A 1 24  ? 7.758   -11.633 -7.192  0.50 21.20 ? 24  LYS A NZ    1 
ATOM   160  N  N     . LEU A 1 25  ? 7.610   -9.236  -0.960  1.00 17.12 ? 25  LEU A N     1 
ATOM   161  C  CA    . LEU A 1 25  ? 7.707   -9.700  0.408   1.00 18.00 ? 25  LEU A CA    1 
ATOM   162  C  C     . LEU A 1 25  ? 7.801   -11.201 0.463   1.00 18.13 ? 25  LEU A C     1 
ATOM   163  O  O     . LEU A 1 25  ? 7.276   -11.904 -0.406  1.00 20.01 ? 25  LEU A O     1 
ATOM   164  C  CB    . LEU A 1 25  ? 6.446   -9.289  1.223   1.00 17.56 ? 25  LEU A CB    1 
ATOM   165  C  CG    . LEU A 1 25  ? 6.093   -7.790  1.233   1.00 18.56 ? 25  LEU A CG    1 
ATOM   166  C  CD1   . LEU A 1 25  ? 4.780   -7.686  2.015   1.00 18.11 ? 25  LEU A CD1   1 
ATOM   167  C  CD2   . LEU A 1 25  ? 7.200   -6.922  1.795   1.00 17.85 ? 25  LEU A CD2   1 
ATOM   168  N  N     . MET A 1 26  ? 8.362   -11.727 1.555   1.00 16.86 ? 26  MET A N     1 
ATOM   169  C  CA    A MET A 1 26  ? 8.237   -13.182 1.805   0.70 17.22 ? 26  MET A CA    1 
ATOM   170  C  CA    B MET A 1 26  ? 8.284   -13.142 1.832   0.30 18.28 ? 26  MET A CA    1 
ATOM   171  C  C     . MET A 1 26  ? 7.093   -13.388 2.763   1.00 17.12 ? 26  MET A C     1 
ATOM   172  O  O     . MET A 1 26  ? 7.103   -12.839 3.917   1.00 18.48 ? 26  MET A O     1 
ATOM   173  C  CB    A MET A 1 26  ? 9.538   -13.722 2.406   0.70 19.79 ? 26  MET A CB    1 
ATOM   174  C  CB    B MET A 1 26  ? 9.580   -13.488 2.540   0.30 20.06 ? 26  MET A CB    1 
ATOM   175  C  CG    A MET A 1 26  ? 9.552   -15.255 2.444   0.70 19.84 ? 26  MET A CG    1 
ATOM   176  C  CG    B MET A 1 26  ? 9.888   -14.955 2.554   0.30 22.12 ? 26  MET A CG    1 
ATOM   177  S  SD    A MET A 1 26  ? 11.040  -15.948 3.315   0.70 21.72 ? 26  MET A SD    1 
ATOM   178  S  SD    B MET A 1 26  ? 10.502  -15.627 1.006   0.30 26.98 ? 26  MET A SD    1 
ATOM   179  C  CE    A MET A 1 26  ? 12.405  -15.436 2.303   0.70 24.10 ? 26  MET A CE    1 
ATOM   180  C  CE    B MET A 1 26  ? 12.213  -15.085 0.994   0.30 22.23 ? 26  MET A CE    1 
ATOM   181  N  N     . TYR A 1 27  ? 6.119   -14.164 2.355   1.00 17.11 ? 27  TYR A N     1 
ATOM   182  C  CA    . TYR A 1 27  ? 4.885   -14.418 3.071   1.00 17.24 ? 27  TYR A CA    1 
ATOM   183  C  C     . TYR A 1 27  ? 4.707   -15.942 3.169   1.00 19.73 ? 27  TYR A C     1 
ATOM   184  O  O     . TYR A 1 27  ? 4.776   -16.634 2.109   1.00 17.75 ? 27  TYR A O     1 
ATOM   185  C  CB    . TYR A 1 27  ? 3.679   -13.750 2.318   1.00 20.05 ? 27  TYR A CB    1 
ATOM   186  C  CG    . TYR A 1 27  ? 2.373   -14.163 2.923   1.00 18.71 ? 27  TYR A CG    1 
ATOM   187  C  CD1   . TYR A 1 27  ? 2.037   -13.835 4.269   1.00 16.95 ? 27  TYR A CD1   1 
ATOM   188  C  CD2   . TYR A 1 27  ? 1.467   -14.934 2.206   1.00 18.46 ? 27  TYR A CD2   1 
ATOM   189  C  CE1   . TYR A 1 27  ? 0.847   -14.305 4.826   1.00 19.30 ? 27  TYR A CE1   1 
ATOM   190  C  CE2   . TYR A 1 27  ? 0.306   -15.449 2.789   1.00 20.05 ? 27  TYR A CE2   1 
ATOM   191  C  CZ    . TYR A 1 27  ? -0.038  -15.098 4.099   1.00 20.67 ? 27  TYR A CZ    1 
ATOM   192  O  OH    . TYR A 1 27  ? -1.224  -15.592 4.661   1.00 23.88 ? 27  TYR A OH    1 
ATOM   193  N  N     . LYS A 1 28  ? 4.526   -16.474 4.378   1.00 22.10 ? 28  LYS A N     1 
ATOM   194  C  CA    . LYS A 1 28  ? 4.485   -17.959 4.614   1.00 20.03 ? 28  LYS A CA    1 
ATOM   195  C  C     . LYS A 1 28  ? 5.710   -18.592 3.974   1.00 20.26 ? 28  LYS A C     1 
ATOM   196  O  O     . LYS A 1 28  ? 5.603   -19.708 3.395   1.00 23.55 ? 28  LYS A O     1 
ATOM   197  C  CB    . LYS A 1 28  ? 3.184   -18.568 4.130   1.00 23.81 ? 28  LYS A CB    1 
ATOM   198  C  CG    . LYS A 1 28  ? 2.027   -18.075 4.955   1.00 23.90 ? 28  LYS A CG    1 
ATOM   199  C  CD    . LYS A 1 28  ? 0.712   -18.709 4.535   1.00 31.03 ? 28  LYS A CD    1 
ATOM   200  C  CE    . LYS A 1 28  ? -0.321  -18.396 5.602   1.00 37.83 ? 28  LYS A CE    1 
ATOM   201  N  NZ    . LYS A 1 28  ? -1.597  -19.151 5.433   1.00 47.97 ? 28  LYS A NZ    1 
ATOM   202  N  N     . GLY A 1 29  ? 6.826   -17.885 3.992   1.00 17.98 ? 29  GLY A N     1 
ATOM   203  C  CA    . GLY A 1 29  ? 8.074   -18.527 3.516   1.00 19.73 ? 29  GLY A CA    1 
ATOM   204  C  C     . GLY A 1 29  ? 8.256   -18.509 1.999   1.00 21.69 ? 29  GLY A C     1 
ATOM   205  O  O     . GLY A 1 29  ? 9.286   -18.990 1.538   1.00 18.81 ? 29  GLY A O     1 
ATOM   206  N  N     . GLN A 1 30  ? 7.409   -17.776 1.253   1.00 19.57 ? 30  GLN A N     1 
ATOM   207  C  CA    . GLN A 1 30  ? 7.439   -17.789 -0.256  1.00 19.73 ? 30  GLN A CA    1 
ATOM   208  C  C     . GLN A 1 30  ? 7.528   -16.370 -0.767  1.00 19.34 ? 30  GLN A C     1 
ATOM   209  O  O     . GLN A 1 30  ? 6.895   -15.456 -0.175  1.00 17.97 ? 30  GLN A O     1 
ATOM   210  C  CB    . GLN A 1 30  ? 6.226   -18.456 -0.861  1.00 19.29 ? 30  GLN A CB    1 
ATOM   211  C  CG    . GLN A 1 30  ? 5.941   -19.879 -0.441  1.00 18.06 ? 30  GLN A CG    1 
ATOM   212  C  CD    . GLN A 1 30  ? 7.126   -20.805 -0.685  1.00 19.49 ? 30  GLN A CD    1 
ATOM   213  O  OE1   . GLN A 1 30  ? 7.973   -20.544 -1.536  1.00 21.55 ? 30  GLN A OE1   1 
ATOM   214  N  NE2   . GLN A 1 30  ? 7.247   -21.792 0.199   1.00 21.07 ? 30  GLN A NE2   1 
ATOM   215  N  N     . PRO A 1 31  ? 8.344   -16.086 -1.745  1.00 19.44 ? 31  PRO A N     1 
ATOM   216  C  CA    . PRO A 1 31  ? 8.455   -14.741 -2.295  1.00 19.90 ? 31  PRO A CA    1 
ATOM   217  C  C     . PRO A 1 31  ? 7.201   -14.403 -3.075  1.00 22.67 ? 31  PRO A C     1 
ATOM   218  O  O     . PRO A 1 31  ? 6.694   -15.243 -3.830  1.00 24.65 ? 31  PRO A O     1 
ATOM   219  C  CB    . PRO A 1 31  ? 9.648   -14.805 -3.254  1.00 22.68 ? 31  PRO A CB    1 
ATOM   220  C  CG    . PRO A 1 31  ? 9.777   -16.259 -3.600  1.00 24.04 ? 31  PRO A CG    1 
ATOM   221  C  CD    . PRO A 1 31  ? 9.292   -17.043 -2.385  1.00 22.20 ? 31  PRO A CD    1 
ATOM   222  N  N     . MET A 1 32  ? 6.664   -13.193 -2.852  1.00 21.61 ? 32  MET A N     1 
ATOM   223  C  CA    . MET A 1 32  ? 5.453   -12.788 -3.552  1.00 24.02 ? 32  MET A CA    1 
ATOM   224  C  C     . MET A 1 32  ? 5.547   -11.302 -3.816  1.00 21.45 ? 32  MET A C     1 
ATOM   225  O  O     . MET A 1 32  ? 6.033   -10.536 -2.991  1.00 22.01 ? 32  MET A O     1 
ATOM   226  C  CB    . MET A 1 32  ? 4.239   -12.967 -2.673  1.00 23.33 ? 32  MET A CB    1 
ATOM   227  C  CG    . MET A 1 32  ? 3.743   -14.375 -2.654  1.00 32.33 ? 32  MET A CG    1 
ATOM   228  S  SD    . MET A 1 32  ? 2.452   -14.475 -1.417  1.00 35.43 ? 32  MET A SD    1 
ATOM   229  C  CE    . MET A 1 32  ? 1.178   -13.423 -2.138  1.00 24.27 ? 32  MET A CE    1 
ATOM   230  N  N     . THR A 1 33  ? 5.024   -10.866 -4.945  1.00 18.73 ? 33  THR A N     1 
ATOM   231  C  CA    . THR A 1 33  ? 4.824   -9.435  -5.164  1.00 18.65 ? 33  THR A CA    1 
ATOM   232  C  C     . THR A 1 33  ? 3.446   -9.105  -4.615  1.00 16.15 ? 33  THR A C     1 
ATOM   233  O  O     . THR A 1 33  ? 2.491   -9.745  -4.919  1.00 17.94 ? 33  THR A O     1 
ATOM   234  C  CB    . THR A 1 33  ? 4.867   -9.100  -6.674  1.00 19.01 ? 33  THR A CB    1 
ATOM   235  O  OG1   . THR A 1 33  ? 6.190   -9.395  -7.151  1.00 23.19 ? 33  THR A OG1   1 
ATOM   236  C  CG2   . THR A 1 33  ? 4.553   -7.608  -6.930  1.00 21.53 ? 33  THR A CG2   1 
ATOM   237  N  N     . PHE A 1 34  ? 3.374   -8.093  -3.729  1.00 15.99 ? 34  PHE A N     1 
ATOM   238  C  CA    . PHE A 1 34  ? 2.091   -7.571  -3.235  1.00 16.55 ? 34  PHE A CA    1 
ATOM   239  C  C     . PHE A 1 34  ? 1.740   -6.287  -3.898  1.00 15.08 ? 34  PHE A C     1 
ATOM   240  O  O     . PHE A 1 34  ? 2.610   -5.433  -4.076  1.00 16.66 ? 34  PHE A O     1 
ATOM   241  C  CB    . PHE A 1 34  ? 2.209   -7.354  -1.736  1.00 17.72 ? 34  PHE A CB    1 
ATOM   242  C  CG    . PHE A 1 34  ? 2.005   -8.605  -0.945  1.00 14.56 ? 34  PHE A CG    1 
ATOM   243  C  CD1   . PHE A 1 34  ? 3.083   -9.453  -0.691  1.00 17.76 ? 34  PHE A CD1   1 
ATOM   244  C  CD2   . PHE A 1 34  ? 0.750   -8.948  -0.411  1.00 17.41 ? 34  PHE A CD2   1 
ATOM   245  C  CE1   . PHE A 1 34  ? 2.895   -10.622 0.045   1.00 16.96 ? 34  PHE A CE1   1 
ATOM   246  C  CE2   . PHE A 1 34  ? 0.572   -10.121 0.352   1.00 16.37 ? 34  PHE A CE2   1 
ATOM   247  C  CZ    . PHE A 1 34  ? 1.652   -10.975 0.572   1.00 15.30 ? 34  PHE A CZ    1 
ATOM   248  N  N     . ARG A 1 35  ? 0.458   -6.132  -4.267  1.00 14.52 ? 35  ARG A N     1 
ATOM   249  C  CA    . ARG A 1 35  ? -0.094  -4.855  -4.748  1.00 13.30 ? 35  ARG A CA    1 
ATOM   250  C  C     . ARG A 1 35  ? -1.001  -4.319  -3.624  1.00 13.82 ? 35  ARG A C     1 
ATOM   251  O  O     . ARG A 1 35  ? -1.894  -5.043  -3.102  1.00 16.16 ? 35  ARG A O     1 
ATOM   252  C  CB    . ARG A 1 35  ? -0.899  -5.172  -6.039  1.00 15.98 ? 35  ARG A CB    1 
ATOM   253  C  CG    . ARG A 1 35  ? -1.672  -3.987  -6.643  1.00 16.07 ? 35  ARG A CG    1 
ATOM   254  C  CD    . ARG A 1 35  ? -0.789  -2.837  -6.988  1.00 15.22 ? 35  ARG A CD    1 
ATOM   255  N  NE    . ARG A 1 35  ? -1.492  -1.837  -7.842  1.00 14.34 ? 35  ARG A NE    1 
ATOM   256  C  CZ    . ARG A 1 35  ? -2.255  -0.854  -7.381  1.00 14.51 ? 35  ARG A CZ    1 
ATOM   257  N  NH1   . ARG A 1 35  ? -2.404  -0.709  -6.061  1.00 13.54 ? 35  ARG A NH1   1 
ATOM   258  N  NH2   . ARG A 1 35  ? -2.800  0.042   -8.229  1.00 14.77 ? 35  ARG A NH2   1 
ATOM   259  N  N     . LEU A 1 36  ? -0.771  -3.058  -3.319  1.00 14.37 ? 36  LEU A N     1 
ATOM   260  C  CA    . LEU A 1 36  ? -1.486  -2.473  -2.124  1.00 13.80 ? 36  LEU A CA    1 
ATOM   261  C  C     . LEU A 1 36  ? -2.988  -2.272  -2.466  1.00 13.50 ? 36  LEU A C     1 
ATOM   262  O  O     . LEU A 1 36  ? -3.318  -1.671  -3.521  1.00 14.68 ? 36  LEU A O     1 
ATOM   263  C  CB    . LEU A 1 36  ? -0.867  -1.131  -1.839  1.00 14.01 ? 36  LEU A CB    1 
ATOM   264  C  CG    . LEU A 1 36  ? 0.504   -1.114  -1.255  1.00 17.69 ? 36  LEU A CG    1 
ATOM   265  C  CD1   . LEU A 1 36  ? 0.978   0.289   -0.945  1.00 19.31 ? 36  LEU A CD1   1 
ATOM   266  C  CD2   . LEU A 1 36  ? 0.680   -2.034  -0.101  1.00 20.79 ? 36  LEU A CD2   1 
ATOM   267  N  N     . LEU A 1 37  ? -3.891  -2.753  -1.607  1.00 13.21 ? 37  LEU A N     1 
ATOM   268  C  CA    . LEU A 1 37  ? -5.354  -2.522  -1.822  1.00 13.13 ? 37  LEU A CA    1 
ATOM   269  C  C     . LEU A 1 37  ? -5.720  -1.056  -1.773  1.00 14.37 ? 37  LEU A C     1 
ATOM   270  O  O     . LEU A 1 37  ? -5.153  -0.263  -0.970  1.00 13.49 ? 37  LEU A O     1 
ATOM   271  C  CB    . LEU A 1 37  ? -6.152  -3.278  -0.718  1.00 15.20 ? 37  LEU A CB    1 
ATOM   272  C  CG    . LEU A 1 37  ? -6.268  -4.781  -0.936  1.00 15.24 ? 37  LEU A CG    1 
ATOM   273  C  CD1   . LEU A 1 37  ? -6.884  -5.441  0.304   1.00 17.42 ? 37  LEU A CD1   1 
ATOM   274  C  CD2   . LEU A 1 37  ? -7.157  -5.042  -2.212  1.00 15.60 ? 37  LEU A CD2   1 
ATOM   275  N  N     . LEU A 1 38  ? -6.707  -0.720  -2.591  1.00 14.43 ? 38  LEU A N     1 
ATOM   276  C  CA    . LEU A 1 38  ? -7.496  0.512   -2.551  1.00 13.81 ? 38  LEU A CA    1 
ATOM   277  C  C     . LEU A 1 38  ? -6.706  1.773   -2.913  1.00 14.18 ? 38  LEU A C     1 
ATOM   278  O  O     . LEU A 1 38  ? -7.204  2.894   -2.720  1.00 15.02 ? 38  LEU A O     1 
ATOM   279  C  CB    . LEU A 1 38  ? -8.175  0.729   -1.144  1.00 15.31 ? 38  LEU A CB    1 
ATOM   280  C  CG    . LEU A 1 38  ? -9.040  -0.386  -0.650  1.00 16.08 ? 38  LEU A CG    1 
ATOM   281  C  CD1   . LEU A 1 38  ? -9.659  0.034   0.674   1.00 19.04 ? 38  LEU A CD1   1 
ATOM   282  C  CD2   . LEU A 1 38  ? -10.161 -0.687  -1.661  1.00 20.85 ? 38  LEU A CD2   1 
ATOM   283  N  N     . VAL A 1 39  ? -5.496  1.642   -3.518  1.00 13.05 ? 39  VAL A N     1 
ATOM   284  C  CA    . VAL A 1 39  ? -4.741  2.822   -3.870  1.00 13.86 ? 39  VAL A CA    1 
ATOM   285  C  C     . VAL A 1 39  ? -4.177  2.722   -5.284  1.00 15.19 ? 39  VAL A C     1 
ATOM   286  O  O     . VAL A 1 39  ? -4.058  1.601   -5.882  1.00 15.64 ? 39  VAL A O     1 
ATOM   287  C  CB    . VAL A 1 39  ? -3.587  3.124   -2.896  1.00 15.01 ? 39  VAL A CB    1 
ATOM   288  C  CG1   . VAL A 1 39  ? -4.122  3.202   -1.442  1.00 17.11 ? 39  VAL A CG1   1 
ATOM   289  C  CG2   . VAL A 1 39  ? -2.516  2.030   -2.965  1.00 17.14 ? 39  VAL A CG2   1 
ATOM   290  N  N     . ASP A 1 40  ? -3.758  3.892   -5.781  1.00 16.48 ? 40  ASP A N     1 
ATOM   291  C  CA    . ASP A 1 40  ? -2.979  3.934   -7.062  1.00 16.39 ? 40  ASP A CA    1 
ATOM   292  C  C     . ASP A 1 40  ? -1.948  5.005   -6.935  1.00 19.43 ? 40  ASP A C     1 
ATOM   293  O  O     . ASP A 1 40  ? -2.296  6.183   -6.812  1.00 18.69 ? 40  ASP A O     1 
ATOM   294  C  CB    . ASP A 1 40  ? -3.975  4.203   -8.231  1.00 17.26 ? 40  ASP A CB    1 
ATOM   295  C  CG    . ASP A 1 40  ? -3.329  4.003   -9.630  1.00 24.15 ? 40  ASP A CG    1 
ATOM   296  O  OD1   . ASP A 1 40  ? -2.492  3.124   -9.768  1.00 24.73 ? 40  ASP A OD1   1 
ATOM   297  O  OD2   . ASP A 1 40  ? -3.762  4.729   -10.540 1.00 27.30 ? 40  ASP A OD2   1 
ATOM   298  N  N     . THR A 1 41  ? -0.692  4.603   -7.034  1.00 16.86 ? 41  THR A N     1 
ATOM   299  C  CA    . THR A 1 41  ? 0.404   5.572   -7.162  1.00 18.53 ? 41  THR A CA    1 
ATOM   300  C  C     . THR A 1 41  ? 0.702   5.807   -8.611  1.00 19.33 ? 41  THR A C     1 
ATOM   301  O  O     . THR A 1 41  ? 0.525   4.919   -9.419  1.00 20.84 ? 41  THR A O     1 
ATOM   302  C  CB    . THR A 1 41  ? 1.694   5.106   -6.470  1.00 18.60 ? 41  THR A CB    1 
ATOM   303  O  OG1   . THR A 1 41  ? 2.030   3.730   -6.797  1.00 20.74 ? 41  THR A OG1   1 
ATOM   304  C  CG2   . THR A 1 41  ? 1.472   5.094   -4.942  1.00 18.52 ? 41  THR A CG2   1 
ATOM   305  N  N     . PRO A 1 42  ? 1.251   6.987   -8.922  1.00 21.59 ? 42  PRO A N     1 
ATOM   306  C  CA    . PRO A 1 42  ? 1.715   7.186   -10.319 1.00 24.70 ? 42  PRO A CA    1 
ATOM   307  C  C     . PRO A 1 42  ? 2.839   6.179   -10.642 1.00 25.74 ? 42  PRO A C     1 
ATOM   308  O  O     . PRO A 1 42  ? 3.545   5.761   -9.726  1.00 26.33 ? 42  PRO A O     1 
ATOM   309  C  CB    . PRO A 1 42  ? 2.295   8.598   -10.291 1.00 24.79 ? 42  PRO A CB    1 
ATOM   310  C  CG    . PRO A 1 42  ? 1.744   9.244   -9.044  1.00 27.30 ? 42  PRO A CG    1 
ATOM   311  C  CD    . PRO A 1 42  ? 1.546   8.121   -8.048  1.00 23.94 ? 42  PRO A CD    1 
ATOM   312  N  N     . GLU A 1 43  ? 2.928   5.758   -11.907 1.00 27.79 ? 43  GLU A N     1 
ATOM   313  C  CA    . GLU A 1 43  ? 4.008   4.890   -12.354 1.00 26.90 ? 43  GLU A CA    1 
ATOM   314  C  C     . GLU A 1 43  ? 5.269   5.811   -12.297 1.00 32.20 ? 43  GLU A C     1 
ATOM   315  O  O     . GLU A 1 43  ? 5.223   7.044   -12.306 1.00 31.45 ? 43  GLU A O     1 
ATOM   316  C  CB    . GLU A 1 43  ? 3.816   4.423   -13.795 1.00 32.94 ? 43  GLU A CB    1 
ATOM   317  C  CG    . GLU A 1 43  ? 2.557   3.623   -14.065 1.00 30.78 ? 43  GLU A CG    1 
ATOM   318  C  CD    . GLU A 1 43  ? 2.453   2.327   -13.226 1.00 39.42 ? 43  GLU A CD    1 
ATOM   319  O  OE1   . GLU A 1 43  ? 3.501   1.679   -13.019 1.00 39.09 ? 43  GLU A OE1   1 
ATOM   320  O  OE2   . GLU A 1 43  ? 1.318   1.951   -12.778 1.00 43.45 ? 43  GLU A OE2   1 
ATOM   321  N  N     . PHE A 1 44  ? 6.395   5.091   -12.162 1.00 29.60 ? 50  PHE A N     1 
ATOM   322  C  CA    . PHE A 1 44  ? 7.703   5.668   -11.883 1.00 31.51 ? 50  PHE A CA    1 
ATOM   323  C  C     . PHE A 1 44  ? 8.015   6.692   -12.934 1.00 35.72 ? 50  PHE A C     1 
ATOM   324  O  O     . PHE A 1 44  ? 8.616   7.718   -12.641 1.00 37.47 ? 50  PHE A O     1 
ATOM   325  C  CB    . PHE A 1 44  ? 8.850   4.643   -11.825 1.00 32.73 ? 50  PHE A CB    1 
ATOM   326  C  CG    . PHE A 1 44  ? 10.200  5.279   -11.565 1.00 35.46 ? 50  PHE A CG    1 
ATOM   327  C  CD1   . PHE A 1 44  ? 10.561  5.656   -10.278 1.00 37.84 ? 50  PHE A CD1   1 
ATOM   328  C  CD2   . PHE A 1 44  ? 11.074  5.546   -12.615 1.00 41.00 ? 50  PHE A CD2   1 
ATOM   329  C  CE1   . PHE A 1 44  ? 11.780  6.273   -10.026 1.00 43.57 ? 50  PHE A CE1   1 
ATOM   330  C  CE2   . PHE A 1 44  ? 12.296  6.162   -12.380 1.00 39.56 ? 50  PHE A CE2   1 
ATOM   331  C  CZ    . PHE A 1 44  ? 12.651  6.514   -11.082 1.00 43.29 ? 50  PHE A CZ    1 
ATOM   332  N  N     . ASN A 1 45  ? 7.535   6.443   -14.157 1.00 41.28 ? 51  ASN A N     1 
ATOM   333  C  CA    . ASN A 1 45  ? 7.748   7.383   -15.272 1.00 47.76 ? 51  ASN A CA    1 
ATOM   334  C  C     . ASN A 1 45  ? 6.826   8.617   -15.280 1.00 42.74 ? 51  ASN A C     1 
ATOM   335  O  O     . ASN A 1 45  ? 6.973   9.485   -16.148 1.00 46.84 ? 51  ASN A O     1 
ATOM   336  C  CB    . ASN A 1 45  ? 7.741   6.654   -16.645 1.00 51.71 ? 51  ASN A CB    1 
ATOM   337  C  CG    . ASN A 1 45  ? 6.335   6.293   -17.124 1.00 59.44 ? 51  ASN A CG    1 
ATOM   338  O  OD1   . ASN A 1 45  ? 5.649   5.456   -16.529 1.00 50.93 ? 51  ASN A OD1   1 
ATOM   339  N  ND2   . ASN A 1 45  ? 5.911   6.910   -18.233 1.00 62.88 ? 51  ASN A ND2   1 
ATOM   340  N  N     . GLU A 1 46  ? 5.856   8.667   -14.345 1.00 39.09 ? 52  GLU A N     1 
ATOM   341  C  CA    . GLU A 1 46  ? 4.907   9.812   -14.223 1.00 33.19 ? 52  GLU A CA    1 
ATOM   342  C  C     . GLU A 1 46  ? 5.241   10.810  -13.103 1.00 34.22 ? 52  GLU A C     1 
ATOM   343  O  O     . GLU A 1 46  ? 6.086   10.550  -12.253 1.00 32.99 ? 52  GLU A O     1 
ATOM   344  C  CB    . GLU A 1 46  ? 3.465   9.303   -14.023 1.00 36.61 ? 52  GLU A CB    1 
ATOM   345  C  CG    . GLU A 1 46  ? 2.905   8.510   -15.207 1.00 45.50 ? 52  GLU A CG    1 
ATOM   346  C  CD    . GLU A 1 46  ? 1.836   7.483   -14.829 1.00 52.24 ? 52  GLU A CD    1 
ATOM   347  O  OE1   . GLU A 1 46  ? 1.239   7.561   -13.725 1.00 53.32 ? 52  GLU A OE1   1 
ATOM   348  O  OE2   . GLU A 1 46  ? 1.573   6.584   -15.664 1.00 63.52 ? 52  GLU A OE2   1 
ATOM   349  N  N     . LYS A 1 47  ? 4.565   11.963  -13.112 1.00 31.48 ? 53  LYS A N     1 
ATOM   350  C  CA    . LYS A 1 47  ? 4.765   12.987  -12.109 1.00 35.59 ? 53  LYS A CA    1 
ATOM   351  C  C     . LYS A 1 47  ? 4.372   12.451  -10.721 1.00 36.33 ? 53  LYS A C     1 
ATOM   352  O  O     . LYS A 1 47  ? 3.326   11.861  -10.594 1.00 33.23 ? 53  LYS A O     1 
ATOM   353  C  CB    . LYS A 1 47  ? 3.949   14.228  -12.432 1.00 38.48 ? 53  LYS A CB    1 
ATOM   354  C  CG    . LYS A 1 47  ? 4.271   15.377  -11.506 1.00 47.70 ? 53  LYS A CG    1 
ATOM   355  C  CD    . LYS A 1 47  ? 3.745   16.709  -12.021 1.00 54.52 ? 53  LYS A CD    1 
ATOM   356  C  CE    . LYS A 1 47  ? 4.386   17.871  -11.263 1.00 58.00 ? 53  LYS A CE    1 
ATOM   357  N  NZ    . LYS A 1 47  ? 4.609   19.043  -12.157 1.00 64.95 ? 53  LYS A NZ    1 
ATOM   358  N  N     . TYR A 1 48  ? 5.231   12.681  -9.727  1.00 31.08 ? 54  TYR A N     1 
ATOM   359  C  CA    . TYR A 1 48  ? 5.129   12.057  -8.383  1.00 29.69 ? 54  TYR A CA    1 
ATOM   360  C  C     . TYR A 1 48  ? 5.424   10.560  -8.258  1.00 29.37 ? 54  TYR A C     1 
ATOM   361  O  O     . TYR A 1 48  ? 5.414   10.046  -7.125  1.00 27.55 ? 54  TYR A O     1 
ATOM   362  C  CB    . TYR A 1 48  ? 3.797   12.379  -7.722  1.00 31.73 ? 54  TYR A CB    1 
ATOM   363  C  CG    . TYR A 1 48  ? 3.667   13.866  -7.559  1.00 33.55 ? 54  TYR A CG    1 
ATOM   364  C  CD1   . TYR A 1 48  ? 4.474   14.538  -6.641  1.00 34.50 ? 54  TYR A CD1   1 
ATOM   365  C  CD2   . TYR A 1 48  ? 2.759   14.594  -8.338  1.00 34.66 ? 54  TYR A CD2   1 
ATOM   366  C  CE1   . TYR A 1 48  ? 4.410   15.917  -6.503  1.00 40.66 ? 54  TYR A CE1   1 
ATOM   367  C  CE2   . TYR A 1 48  ? 2.668   15.995  -8.209  1.00 32.59 ? 54  TYR A CE2   1 
ATOM   368  C  CZ    . TYR A 1 48  ? 3.504   16.635  -7.280  1.00 36.05 ? 54  TYR A CZ    1 
ATOM   369  O  OH    . TYR A 1 48  ? 3.472   18.009  -7.110  1.00 42.71 ? 54  TYR A OH    1 
ATOM   370  N  N     . GLY A 1 49  ? 5.638   9.874   -9.384  1.00 26.81 ? 55  GLY A N     1 
ATOM   371  C  CA    . GLY A 1 49  ? 5.995   8.450   -9.391  1.00 25.28 ? 55  GLY A CA    1 
ATOM   372  C  C     . GLY A 1 49  ? 7.242   8.146   -8.633  1.00 28.07 ? 55  GLY A C     1 
ATOM   373  O  O     . GLY A 1 49  ? 7.271   7.295   -7.768  1.00 28.54 ? 55  GLY A O     1 
ATOM   374  N  N     . PRO A 1 50  ? 8.329   8.839   -8.977  1.00 26.30 ? 56  PRO A N     1 
ATOM   375  C  CA    . PRO A 1 50  ? 9.557   8.650   -8.208  1.00 28.78 ? 56  PRO A CA    1 
ATOM   376  C  C     . PRO A 1 50  ? 9.389   8.935   -6.677  1.00 23.88 ? 56  PRO A C     1 
ATOM   377  O  O     . PRO A 1 50  ? 9.970   8.216   -5.847  1.00 28.58 ? 56  PRO A O     1 
ATOM   378  C  CB    . PRO A 1 50  ? 10.535  9.639   -8.891  1.00 29.63 ? 56  PRO A CB    1 
ATOM   379  C  CG    . PRO A 1 50  ? 10.001  9.769   -10.286 1.00 29.01 ? 56  PRO A CG    1 
ATOM   380  C  CD    . PRO A 1 50  ? 8.502   9.732   -10.143 1.00 29.45 ? 56  PRO A CD    1 
ATOM   381  N  N     . GLU A 1 51  ? 8.618   9.980   -6.321  1.00 26.81 ? 57  GLU A N     1 
ATOM   382  C  CA    . GLU A 1 51  ? 8.398   10.343  -4.928  1.00 24.38 ? 57  GLU A CA    1 
ATOM   383  C  C     . GLU A 1 51  ? 7.546   9.296   -4.207  1.00 22.14 ? 57  GLU A C     1 
ATOM   384  O  O     . GLU A 1 51  ? 7.845   8.949   -3.098  1.00 24.77 ? 57  GLU A O     1 
ATOM   385  C  CB    . GLU A 1 51  ? 7.706   11.689  -4.818  1.00 25.86 ? 57  GLU A CB    1 
ATOM   386  C  CG    . GLU A 1 51  ? 8.684   12.859  -5.135  1.00 29.83 ? 57  GLU A CG    1 
ATOM   387  C  CD    . GLU A 1 51  ? 8.873   13.128  -6.615  1.00 33.75 ? 57  GLU A CD    1 
ATOM   388  O  OE1   . GLU A 1 51  ? 8.170   12.557  -7.461  1.00 31.84 ? 57  GLU A OE1   1 
ATOM   389  O  OE2   . GLU A 1 51  ? 9.778   13.934  -6.962  1.00 39.27 ? 57  GLU A OE2   1 
ATOM   390  N  N     . ALA A 1 52  ? 6.560   8.776   -4.904  1.00 24.79 ? 58  ALA A N     1 
ATOM   391  C  CA    . ALA A 1 52  ? 5.787   7.667   -4.324  1.00 23.59 ? 58  ALA A CA    1 
ATOM   392  C  C     . ALA A 1 52  ? 6.631   6.432   -4.090  1.00 23.04 ? 58  ALA A C     1 
ATOM   393  O  O     . ALA A 1 52  ? 6.571   5.794   -3.006  1.00 21.07 ? 58  ALA A O     1 
ATOM   394  C  CB    . ALA A 1 52  ? 4.570   7.363   -5.175  1.00 22.65 ? 58  ALA A CB    1 
ATOM   395  N  N     . SER A 1 53  ? 7.420   6.080   -5.096  1.00 22.76 ? 59  SER A N     1 
ATOM   396  C  CA    . SER A 1 53  ? 8.351   4.930   -4.959  1.00 22.61 ? 59  SER A CA    1 
ATOM   397  C  C     . SER A 1 53  ? 9.306   5.060   -3.790  1.00 21.63 ? 59  SER A C     1 
ATOM   398  O  O     . SER A 1 53  ? 9.510   4.162   -3.004  1.00 24.57 ? 59  SER A O     1 
ATOM   399  C  CB    . SER A 1 53  ? 9.152   4.657   -6.252  1.00 25.10 ? 59  SER A CB    1 
ATOM   400  O  OG    . SER A 1 53  ? 8.331   4.180   -7.292  1.00 29.32 ? 59  SER A OG    1 
ATOM   401  N  N     . ALA A 1 54  ? 9.872   6.255   -3.643  1.00 22.89 ? 60  ALA A N     1 
ATOM   402  C  CA    . ALA A 1 54  ? 10.782  6.543   -2.559  1.00 27.00 ? 60  ALA A CA    1 
ATOM   403  C  C     . ALA A 1 54  ? 10.147  6.548   -1.205  1.00 23.14 ? 60  ALA A C     1 
ATOM   404  O  O     . ALA A 1 54  ? 10.721  6.063   -0.224  1.00 24.11 ? 60  ALA A O     1 
ATOM   405  C  CB    . ALA A 1 54  ? 11.415  7.892   -2.804  1.00 24.63 ? 60  ALA A CB    1 
ATOM   406  N  N     . PHE A 1 55  ? 8.893   7.018   -1.167  1.00 25.78 ? 61  PHE A N     1 
ATOM   407  C  CA    . PHE A 1 55  ? 8.186   7.036   0.098   1.00 23.17 ? 61  PHE A CA    1 
ATOM   408  C  C     . PHE A 1 55  ? 7.919   5.615   0.595   1.00 21.30 ? 61  PHE A C     1 
ATOM   409  O  O     . PHE A 1 55  ? 8.138   5.271   1.754   1.00 21.31 ? 61  PHE A O     1 
ATOM   410  C  CB    . PHE A 1 55  ? 6.833   7.798   -0.095  1.00 22.04 ? 61  PHE A CB    1 
ATOM   411  C  CG    . PHE A 1 55  ? 5.979   7.880   1.155   1.00 24.36 ? 61  PHE A CG    1 
ATOM   412  C  CD1   . PHE A 1 55  ? 6.029   9.012   1.993   1.00 23.71 ? 61  PHE A CD1   1 
ATOM   413  C  CD2   . PHE A 1 55  ? 5.109   6.833   1.496   1.00 22.75 ? 61  PHE A CD2   1 
ATOM   414  C  CE1   . PHE A 1 55  ? 5.225   9.071   3.123   1.00 25.04 ? 61  PHE A CE1   1 
ATOM   415  C  CE2   . PHE A 1 55  ? 4.280   6.932   2.601   1.00 24.58 ? 61  PHE A CE2   1 
ATOM   416  C  CZ    . PHE A 1 55  ? 4.334   8.052   3.399   1.00 25.59 ? 61  PHE A CZ    1 
ATOM   417  N  N     . THR A 1 56  ? 7.413   4.766   -0.297  1.00 20.27 ? 62  THR A N     1 
ATOM   418  C  CA    . THR A 1 56  ? 7.150   3.400   0.109   1.00 19.23 ? 62  THR A CA    1 
ATOM   419  C  C     . THR A 1 56  ? 8.438   2.641   0.473   1.00 21.21 ? 62  THR A C     1 
ATOM   420  O  O     . THR A 1 56  ? 8.425   1.868   1.473   1.00 22.43 ? 62  THR A O     1 
ATOM   421  C  CB    . THR A 1 56  ? 6.377   2.675   -1.009  1.00 18.33 ? 62  THR A CB    1 
ATOM   422  O  OG1   . THR A 1 56  ? 5.117   3.334   -1.133  1.00 19.45 ? 62  THR A OG1   1 
ATOM   423  C  CG2   . THR A 1 56  ? 6.165   1.194   -0.714  1.00 19.15 ? 62  THR A CG2   1 
ATOM   424  N  N     . LYS A 1 57  ? 9.465   2.860   -0.373  1.00 21.88 ? 63  LYS A N     1 
ATOM   425  C  CA    . LYS A 1 57  ? 10.792  2.239   -0.163  1.00 25.36 ? 63  LYS A CA    1 
ATOM   426  C  C     . LYS A 1 57  ? 11.315  2.568   1.216   1.00 25.11 ? 63  LYS A C     1 
ATOM   427  O  O     . LYS A 1 57  ? 11.683  1.663   1.970   1.00 27.35 ? 63  LYS A O     1 
ATOM   428  C  CB    . LYS A 1 57  ? 11.782  2.636   -1.256  1.00 27.26 ? 63  LYS A CB    1 
ATOM   429  C  CG    . LYS A 1 57  ? 13.205  2.019   -1.131  1.00 28.64 ? 63  LYS A CG    1 
ATOM   430  C  CD    . LYS A 1 57  ? 14.002  2.549   -2.336  1.00 35.40 ? 63  LYS A CD    1 
ATOM   431  C  CE    . LYS A 1 57  ? 15.501  2.674   -2.093  1.00 41.36 ? 63  LYS A CE    1 
ATOM   432  N  NZ    . LYS A 1 57  ? 16.084  1.331   -1.926  1.00 43.73 ? 63  LYS A NZ    1 
ATOM   433  N  N     . LYS A 1 58  ? 11.267  3.836   1.589   1.00 25.04 ? 64  LYS A N     1 
ATOM   434  C  CA    A LYS A 1 58  ? 11.723  4.217   2.925   0.60 26.58 ? 64  LYS A CA    1 
ATOM   435  C  CA    B LYS A 1 58  ? 11.703  4.279   2.926   0.40 27.07 ? 64  LYS A CA    1 
ATOM   436  C  C     . LYS A 1 58  ? 10.890  3.615   4.034   1.00 29.15 ? 64  LYS A C     1 
ATOM   437  O  O     . LYS A 1 58  ? 11.430  3.063   4.998   1.00 27.79 ? 64  LYS A O     1 
ATOM   438  C  CB    A LYS A 1 58  ? 11.822  5.727   3.050   0.60 29.23 ? 64  LYS A CB    1 
ATOM   439  C  CB    B LYS A 1 58  ? 11.619  5.810   3.052   0.40 29.88 ? 64  LYS A CB    1 
ATOM   440  C  CG    A LYS A 1 58  ? 12.333  6.204   4.406   0.60 30.78 ? 64  LYS A CG    1 
ATOM   441  C  CG    B LYS A 1 58  ? 12.578  6.616   2.173   0.40 32.28 ? 64  LYS A CG    1 
ATOM   442  C  CD    A LYS A 1 58  ? 12.795  7.645   4.330   0.60 32.45 ? 64  LYS A CD    1 
ATOM   443  C  CD    B LYS A 1 58  ? 13.007  7.918   2.840   0.40 32.87 ? 64  LYS A CD    1 
ATOM   444  C  CE    A LYS A 1 58  ? 13.380  8.090   5.677   0.60 34.21 ? 64  LYS A CE    1 
ATOM   445  C  CE    B LYS A 1 58  ? 12.871  9.133   1.923   0.40 32.53 ? 64  LYS A CE    1 
ATOM   446  N  NZ    A LYS A 1 58  ? 12.286  8.557   6.565   0.60 37.36 ? 64  LYS A NZ    1 
ATOM   447  N  NZ    B LYS A 1 58  ? 13.213  8.943   0.485   0.40 28.91 ? 64  LYS A NZ    1 
ATOM   448  N  N     . MET A 1 59  ? 9.560   3.602   3.868   1.00 22.29 ? 65  MET A N     1 
ATOM   449  C  CA    . MET A 1 59  ? 8.739   3.066   4.876   1.00 23.87 ? 65  MET A CA    1 
ATOM   450  C  C     . MET A 1 59  ? 9.004   1.560   5.127   1.00 23.26 ? 65  MET A C     1 
ATOM   451  O  O     . MET A 1 59  ? 9.013   1.139   6.265   1.00 26.77 ? 65  MET A O     1 
ATOM   452  C  CB    . MET A 1 59  ? 7.250   3.324   4.500   1.00 25.06 ? 65  MET A CB    1 
ATOM   453  C  CG    . MET A 1 59  ? 6.402   3.599   5.655   1.00 30.13 ? 65  MET A CG    1 
ATOM   454  S  SD    . MET A 1 59  ? 4.731   4.027   5.160   1.00 23.76 ? 65  MET A SD    1 
ATOM   455  C  CE    . MET A 1 59  ? 3.875   3.352   6.533   1.00 23.33 ? 65  MET A CE    1 
ATOM   456  N  N     . VAL A 1 60  ? 9.157   0.760   4.057   1.00 22.55 ? 66  VAL A N     1 
ATOM   457  C  CA    . VAL A 1 60  ? 9.292   -0.691  4.252   1.00 25.37 ? 66  VAL A CA    1 
ATOM   458  C  C     . VAL A 1 60  ? 10.727  -1.080  4.657   1.00 24.66 ? 66  VAL A C     1 
ATOM   459  O  O     . VAL A 1 60  ? 10.866  -2.002  5.456   1.00 25.68 ? 66  VAL A O     1 
ATOM   460  C  CB    . VAL A 1 60  ? 8.773   -1.559  3.030   1.00 21.13 ? 66  VAL A CB    1 
ATOM   461  C  CG1   . VAL A 1 60  ? 7.230   -1.365  2.906   1.00 24.83 ? 66  VAL A CG1   1 
ATOM   462  C  CG2   . VAL A 1 60  ? 9.460   -1.214  1.741   1.00 24.61 ? 66  VAL A CG2   1 
ATOM   463  N  N     . GLU A 1 61  ? 11.708  -0.354  4.131   1.00 26.45 ? 67  GLU A N     1 
ATOM   464  C  CA    . GLU A 1 61  ? 13.132  -0.650  4.442   1.00 28.30 ? 67  GLU A CA    1 
ATOM   465  C  C     . GLU A 1 61  ? 13.420  -0.275  5.885   1.00 31.53 ? 67  GLU A C     1 
ATOM   466  O  O     . GLU A 1 61  ? 14.190  -0.968  6.554   1.00 34.94 ? 67  GLU A O     1 
ATOM   467  C  CB    . GLU A 1 61  ? 14.042  0.079   3.497   1.00 31.48 ? 67  GLU A CB    1 
ATOM   468  C  CG    . GLU A 1 61  ? 14.160  -0.665  2.177   1.00 29.19 ? 67  GLU A CG    1 
ATOM   469  C  CD    . GLU A 1 61  ? 15.082  0.004   1.178   1.00 34.34 ? 67  GLU A CD    1 
ATOM   470  O  OE1   . GLU A 1 61  ? 15.626  1.072   1.501   1.00 37.71 ? 67  GLU A OE1   1 
ATOM   471  O  OE2   . GLU A 1 61  ? 15.218  -0.518  0.030   1.00 34.18 ? 67  GLU A OE2   1 
ATOM   472  N  N     . ASN A 1 62  ? 12.865  0.832   6.367   1.00 28.13 ? 68  ASN A N     1 
ATOM   473  C  CA    . ASN A 1 62  ? 13.126  1.258   7.762   1.00 32.12 ? 68  ASN A CA    1 
ATOM   474  C  C     . ASN A 1 62  ? 12.375  0.454   8.828   1.00 33.42 ? 68  ASN A C     1 
ATOM   475  O  O     . ASN A 1 62  ? 12.696  0.541   10.026  1.00 35.03 ? 68  ASN A O     1 
ATOM   476  C  CB    . ASN A 1 62  ? 12.845  2.763   7.962   1.00 36.70 ? 68  ASN A CB    1 
ATOM   477  C  CG    . ASN A 1 62  ? 13.785  3.656   7.167   1.00 41.61 ? 68  ASN A CG    1 
ATOM   478  O  OD1   . ASN A 1 62  ? 14.572  3.187   6.339   1.00 44.17 ? 68  ASN A OD1   1 
ATOM   479  N  ND2   . ASN A 1 62  ? 13.664  4.970   7.381   1.00 45.22 ? 68  ASN A ND2   1 
ATOM   480  N  N     . ALA A 1 63  ? 11.351  -0.311  8.426   1.00 29.17 ? 69  ALA A N     1 
ATOM   481  C  CA    . ALA A 1 63  ? 10.515  -0.970  9.381   1.00 25.93 ? 69  ALA A CA    1 
ATOM   482  C  C     . ALA A 1 63  ? 11.249  -2.122  10.007  1.00 28.24 ? 69  ALA A C     1 
ATOM   483  O  O     . ALA A 1 63  ? 11.939  -2.852  9.320   1.00 32.09 ? 69  ALA A O     1 
ATOM   484  C  CB    . ALA A 1 63  ? 9.216   -1.488  8.693   1.00 28.86 ? 69  ALA A CB    1 
ATOM   485  N  N     . LYS A 1 64  ? 11.028  -2.344  11.282  1.00 29.87 ? 70  LYS A N     1 
ATOM   486  C  CA    . LYS A 1 64  ? 11.489  -3.561  11.950  1.00 33.17 ? 70  LYS A CA    1 
ATOM   487  C  C     . LYS A 1 64  ? 10.563  -4.708  11.756  1.00 31.75 ? 70  LYS A C     1 
ATOM   488  O  O     . LYS A 1 64  ? 10.994  -5.848  11.741  1.00 34.84 ? 70  LYS A O     1 
ATOM   489  C  CB    . LYS A 1 64  ? 11.599  -3.312  13.451  1.00 33.42 ? 70  LYS A CB    1 
ATOM   490  C  CG    . LYS A 1 64  ? 12.565  -2.195  13.800  1.00 40.85 ? 70  LYS A CG    1 
ATOM   491  C  CD    . LYS A 1 64  ? 14.020  -2.622  13.656  1.00 52.35 ? 70  LYS A CD    1 
ATOM   492  C  CE    . LYS A 1 64  ? 14.640  -2.169  12.338  1.00 58.33 ? 70  LYS A CE    1 
ATOM   493  N  NZ    . LYS A 1 64  ? 15.372  -0.884  12.508  1.00 65.40 ? 70  LYS A NZ    1 
ATOM   494  N  N     . LYS A 1 65  ? 9.275   -4.413  11.627  1.00 24.86 ? 71  LYS A N     1 
ATOM   495  C  CA    . LYS A 1 65  ? 8.224   -5.435  11.576  1.00 22.29 ? 71  LYS A CA    1 
ATOM   496  C  C     . LYS A 1 65  ? 7.297   -5.074  10.398  1.00 23.24 ? 71  LYS A C     1 
ATOM   497  O  O     . LYS A 1 65  ? 6.608   -4.055  10.447  1.00 23.84 ? 71  LYS A O     1 
ATOM   498  C  CB    . LYS A 1 65  ? 7.353   -5.380  12.848  1.00 24.69 ? 71  LYS A CB    1 
ATOM   499  C  CG    . LYS A 1 65  ? 6.222   -6.385  12.868  1.00 28.45 ? 71  LYS A CG    1 
ATOM   500  C  CD    . LYS A 1 65  ? 5.714   -6.619  14.275  1.00 36.75 ? 71  LYS A CD    1 
ATOM   501  C  CE    . LYS A 1 65  ? 4.255   -6.304  14.458  1.00 44.91 ? 71  LYS A CE    1 
ATOM   502  N  NZ    . LYS A 1 65  ? 4.117   -4.910  14.960  1.00 47.92 ? 71  LYS A NZ    1 
ATOM   503  N  N     . ILE A 1 66  ? 7.306   -5.911  9.367   1.00 20.81 ? 72  ILE A N     1 
ATOM   504  C  CA    A ILE A 1 66  ? 6.359   -5.813  8.223   0.50 19.35 ? 72  ILE A CA    1 
ATOM   505  C  CA    B ILE A 1 66  ? 6.322   -5.748  8.293   0.50 19.87 ? 72  ILE A CA    1 
ATOM   506  C  C     . ILE A 1 66  ? 5.210   -6.782  8.458   1.00 19.46 ? 72  ILE A C     1 
ATOM   507  O  O     . ILE A 1 66  ? 5.426   -7.931  8.829   1.00 19.31 ? 72  ILE A O     1 
ATOM   508  C  CB    A ILE A 1 66  ? 7.032   -6.204  6.874   0.50 18.78 ? 72  ILE A CB    1 
ATOM   509  C  CB    B ILE A 1 66  ? 6.975   -5.828  6.895   0.50 19.20 ? 72  ILE A CB    1 
ATOM   510  C  CG1   A ILE A 1 66  ? 8.119   -5.196  6.468   0.50 17.27 ? 72  ILE A CG1   1 
ATOM   511  C  CG1   B ILE A 1 66  ? 7.923   -4.669  6.650   0.50 21.15 ? 72  ILE A CG1   1 
ATOM   512  C  CG2   A ILE A 1 66  ? 5.988   -6.262  5.749   0.50 19.35 ? 72  ILE A CG2   1 
ATOM   513  C  CG2   B ILE A 1 66  ? 5.931   -5.817  5.785   0.50 19.79 ? 72  ILE A CG2   1 
ATOM   514  C  CD1   A ILE A 1 66  ? 7.645   -3.745  6.408   0.50 19.40 ? 72  ILE A CD1   1 
ATOM   515  C  CD1   B ILE A 1 66  ? 8.563   -4.729  5.288   0.50 19.71 ? 72  ILE A CD1   1 
ATOM   516  N  N     . GLU A 1 67  ? 3.964   -6.343  8.189   1.00 15.88 ? 73  GLU A N     1 
ATOM   517  C  CA    . GLU A 1 67  ? 2.839   -7.232  8.253   1.00 16.45 ? 73  GLU A CA    1 
ATOM   518  C  C     . GLU A 1 67  ? 2.012   -7.046  6.980   1.00 16.40 ? 73  GLU A C     1 
ATOM   519  O  O     . GLU A 1 67  ? 1.988   -5.923  6.394   1.00 18.03 ? 73  GLU A O     1 
ATOM   520  C  CB    . GLU A 1 67  ? 1.963   -7.019  9.514   1.00 18.88 ? 73  GLU A CB    1 
ATOM   521  C  CG    . GLU A 1 67  ? 2.768   -7.313  10.810  1.00 21.41 ? 73  GLU A CG    1 
ATOM   522  C  CD    . GLU A 1 67  ? 2.027   -6.784  12.022  1.00 23.09 ? 73  GLU A CD    1 
ATOM   523  O  OE1   . GLU A 1 67  ? 1.969   -5.519  12.247  1.00 25.75 ? 73  GLU A OE1   1 
ATOM   524  O  OE2   . GLU A 1 67  ? 1.462   -7.621  12.734  1.00 24.19 ? 73  GLU A OE2   1 
ATOM   525  N  N     . VAL A 1 68  ? 1.258   -8.073  6.658   1.00 15.25 ? 74  VAL A N     1 
ATOM   526  C  CA    . VAL A 1 68  ? 0.231   -7.964  5.610   1.00 16.34 ? 74  VAL A CA    1 
ATOM   527  C  C     . VAL A 1 68  ? -1.099  -8.348  6.201   1.00 19.21 ? 74  VAL A C     1 
ATOM   528  O  O     . VAL A 1 68  ? -1.240  -9.227  7.066   1.00 18.38 ? 74  VAL A O     1 
ATOM   529  C  CB    . VAL A 1 68  ? 0.540   -8.858  4.382   1.00 18.45 ? 74  VAL A CB    1 
ATOM   530  C  CG1   . VAL A 1 68  ? 1.791   -8.362  3.718   1.00 19.79 ? 74  VAL A CG1   1 
ATOM   531  C  CG2   . VAL A 1 68  ? 0.523   -10.366 4.787   1.00 20.96 ? 74  VAL A CG2   1 
ATOM   532  N  N     . GLU A 1 69  ? -2.152  -7.716  5.680   1.00 15.67 ? 75  GLU A N     1 
ATOM   533  C  CA    . GLU A 1 69  ? -3.506  -7.984  6.140   1.00 16.75 ? 75  GLU A CA    1 
ATOM   534  C  C     . GLU A 1 69  ? -4.392  -8.140  4.901   1.00 16.98 ? 75  GLU A C     1 
ATOM   535  O  O     . GLU A 1 69  ? -4.609  -7.187  4.172   1.00 17.55 ? 75  GLU A O     1 
ATOM   536  C  CB    . GLU A 1 69  ? -3.974  -6.796  7.003   1.00 17.33 ? 75  GLU A CB    1 
ATOM   537  C  CG    . GLU A 1 69  ? -5.401  -6.854  7.519   1.00 18.41 ? 75  GLU A CG    1 
ATOM   538  C  CD    . GLU A 1 69  ? -5.718  -5.566  8.302   1.00 22.77 ? 75  GLU A CD    1 
ATOM   539  O  OE1   . GLU A 1 69  ? -5.716  -4.463  7.691   1.00 20.63 ? 75  GLU A OE1   1 
ATOM   540  O  OE2   . GLU A 1 69  ? -5.916  -5.633  9.533   1.00 24.94 ? 75  GLU A OE2   1 
ATOM   541  N  N     . PHE A 1 70  ? -4.929  -9.331  4.689   1.00 15.84 ? 76  PHE A N     1 
ATOM   542  C  CA    . PHE A 1 70  ? -5.849  -9.578  3.613   1.00 17.76 ? 76  PHE A CA    1 
ATOM   543  C  C     . PHE A 1 70  ? -7.222  -9.114  3.997   1.00 18.56 ? 76  PHE A C     1 
ATOM   544  O  O     . PHE A 1 70  ? -7.567  -9.000  5.192   1.00 19.53 ? 76  PHE A O     1 
ATOM   545  C  CB    . PHE A 1 70  ? -5.875  -11.061 3.237   1.00 18.40 ? 76  PHE A CB    1 
ATOM   546  C  CG    . PHE A 1 70  ? -4.550  -11.583 2.724   1.00 18.99 ? 76  PHE A CG    1 
ATOM   547  C  CD1   . PHE A 1 70  ? -3.657  -12.315 3.567   1.00 23.44 ? 76  PHE A CD1   1 
ATOM   548  C  CD2   . PHE A 1 70  ? -4.191  -11.383 1.402   1.00 18.44 ? 76  PHE A CD2   1 
ATOM   549  C  CE1   . PHE A 1 70  ? -2.410  -12.737 3.079   1.00 24.24 ? 76  PHE A CE1   1 
ATOM   550  C  CE2   . PHE A 1 70  ? -2.952  -11.823 0.928   1.00 21.00 ? 76  PHE A CE2   1 
ATOM   551  C  CZ    . PHE A 1 70  ? -2.076  -12.500 1.773   1.00 21.50 ? 76  PHE A CZ    1 
ATOM   552  N  N     . ASP A 1 71  ? -7.997  -8.767  2.987   1.00 18.29 ? 77  ASP A N     1 
ATOM   553  C  CA    . ASP A 1 71  ? -9.381  -8.332  3.177   1.00 18.65 ? 77  ASP A CA    1 
ATOM   554  C  C     . ASP A 1 71  ? -10.253 -9.590  3.017   1.00 20.46 ? 77  ASP A C     1 
ATOM   555  O  O     . ASP A 1 71  ? -9.757  -10.739 3.070   1.00 24.65 ? 77  ASP A O     1 
ATOM   556  C  CB    . ASP A 1 71  ? -9.717  -7.187  2.205   1.00 19.25 ? 77  ASP A CB    1 
ATOM   557  C  CG    . ASP A 1 71  ? -10.819 -6.279  2.705   1.00 21.20 ? 77  ASP A CG    1 
ATOM   558  O  OD1   . ASP A 1 71  ? -11.811 -6.783  3.310   1.00 23.89 ? 77  ASP A OD1   1 
ATOM   559  O  OD2   . ASP A 1 71  ? -10.748 -5.053  2.485   1.00 19.37 ? 77  ASP A OD2   1 
ATOM   560  N  N     . LYS A 1 72  ? -11.551 -9.382  2.837   1.00 22.09 ? 78  LYS A N     1 
ATOM   561  C  CA    . LYS A 1 72  ? -12.485 -10.527 2.832   1.00 25.09 ? 78  LYS A CA    1 
ATOM   562  C  C     . LYS A 1 72  ? -12.629 -11.234 1.501   1.00 27.19 ? 78  LYS A C     1 
ATOM   563  O  O     . LYS A 1 72  ? -13.241 -12.321 1.439   1.00 30.52 ? 78  LYS A O     1 
ATOM   564  C  CB    . LYS A 1 72  ? -13.873 -10.085 3.303   1.00 25.55 ? 78  LYS A CB    1 
ATOM   565  C  CG    . LYS A 1 72  ? -13.932 -10.189 4.811   1.00 38.61 ? 78  LYS A CG    1 
ATOM   566  C  CD    . LYS A 1 72  ? -14.583 -9.007  5.476   1.00 45.03 ? 78  LYS A CD    1 
ATOM   567  C  CE    . LYS A 1 72  ? -14.231 -9.070  6.971   1.00 43.43 ? 78  LYS A CE    1 
ATOM   568  N  NZ    . LYS A 1 72  ? -15.017 -10.064 7.753   1.00 52.98 ? 78  LYS A NZ    1 
ATOM   569  N  N     . GLY A 1 73  ? -12.153 -10.600 0.443   1.00 24.81 ? 79  GLY A N     1 
ATOM   570  C  CA    . GLY A 1 73  ? -12.337 -11.074 -0.922  1.00 26.40 ? 79  GLY A CA    1 
ATOM   571  C  C     . GLY A 1 73  ? -11.060 -11.662 -1.498  1.00 23.82 ? 79  GLY A C     1 
ATOM   572  O  O     . GLY A 1 73  ? -10.295 -12.382 -0.832  1.00 25.86 ? 79  GLY A O     1 
ATOM   573  N  N     . GLN A 1 74  ? -10.847 -11.372 -2.767  1.00 27.02 ? 80  GLN A N     1 
ATOM   574  C  CA    A GLN A 1 74  ? -9.773  -11.938 -3.566  0.60 28.54 ? 80  GLN A CA    1 
ATOM   575  C  CA    B GLN A 1 74  ? -9.783  -12.041 -3.476  0.40 27.65 ? 80  GLN A CA    1 
ATOM   576  C  C     . GLN A 1 74  ? -8.437  -11.646 -2.875  1.00 24.70 ? 80  GLN A C     1 
ATOM   577  O  O     . GLN A 1 74  ? -8.215  -10.490 -2.510  1.00 24.85 ? 80  GLN A O     1 
ATOM   578  C  CB    A GLN A 1 74  ? -9.810  -11.256 -4.944  0.60 30.66 ? 80  GLN A CB    1 
ATOM   579  C  CB    B GLN A 1 74  ? -9.842  -11.743 -4.971  0.40 30.49 ? 80  GLN A CB    1 
ATOM   580  C  CG    A GLN A 1 74  ? -8.635  -11.514 -5.854  0.60 31.34 ? 80  GLN A CG    1 
ATOM   581  C  CG    B GLN A 1 74  ? -10.809 -12.645 -5.727  0.40 31.49 ? 80  GLN A CG    1 
ATOM   582  C  CD    A GLN A 1 74  ? -8.980  -11.307 -7.325  0.60 29.90 ? 80  GLN A CD    1 
ATOM   583  C  CD    B GLN A 1 74  ? -10.084 -13.780 -6.415  0.40 33.56 ? 80  GLN A CD    1 
ATOM   584  O  OE1   A GLN A 1 74  ? -9.553  -12.194 -7.968  0.60 40.71 ? 80  GLN A OE1   1 
ATOM   585  O  OE1   B GLN A 1 74  ? -10.035 -14.905 -5.914  0.40 34.49 ? 80  GLN A OE1   1 
ATOM   586  N  NE2   A GLN A 1 74  ? -8.560  -10.195 -7.882  0.60 22.58 ? 80  GLN A NE2   1 
ATOM   587  N  NE2   B GLN A 1 74  ? -9.467  -13.475 -7.542  0.40 38.34 ? 80  GLN A NE2   1 
ATOM   588  N  N     . ARG A 1 75  ? -7.568  -12.647 -2.721  1.00 22.65 ? 81  ARG A N     1 
ATOM   589  C  CA    . ARG A 1 75  ? -6.263  -12.450 -2.094  1.00 21.88 ? 81  ARG A CA    1 
ATOM   590  C  C     . ARG A 1 75  ? -5.128  -12.320 -3.085  1.00 21.51 ? 81  ARG A C     1 
ATOM   591  O  O     . ARG A 1 75  ? -3.998  -11.934 -2.730  1.00 20.56 ? 81  ARG A O     1 
ATOM   592  C  CB    . ARG A 1 75  ? -5.920  -13.574 -1.148  1.00 22.35 ? 81  ARG A CB    1 
ATOM   593  C  CG    . ARG A 1 75  ? -6.832  -13.577 0.073   1.00 24.03 ? 81  ARG A CG    1 
ATOM   594  C  CD    . ARG A 1 75  ? -6.329  -14.482 1.151   1.00 25.96 ? 81  ARG A CD    1 
ATOM   595  N  NE    . ARG A 1 75  ? -7.210  -14.299 2.316   1.00 28.00 ? 81  ARG A NE    1 
ATOM   596  C  CZ    . ARG A 1 75  ? -6.907  -14.710 3.543   1.00 30.94 ? 81  ARG A CZ    1 
ATOM   597  N  NH1   . ARG A 1 75  ? -5.770  -15.372 3.758   1.00 34.66 ? 81  ARG A NH1   1 
ATOM   598  N  NH2   . ARG A 1 75  ? -7.750  -14.474 4.553   1.00 31.12 ? 81  ARG A NH2   1 
ATOM   599  N  N     . THR A 1 76  ? -5.400  -12.723 -4.332  1.00 22.39 ? 82  THR A N     1 
ATOM   600  C  CA    A THR A 1 76  ? -4.424  -12.503 -5.397  0.50 23.10 ? 82  THR A CA    1 
ATOM   601  C  CA    B THR A 1 76  ? -4.431  -12.675 -5.440  0.50 23.01 ? 82  THR A CA    1 
ATOM   602  C  C     . THR A 1 76  ? -5.129  -11.957 -6.626  1.00 21.82 ? 82  THR A C     1 
ATOM   603  O  O     . THR A 1 76  ? -6.339  -12.174 -6.833  1.00 31.01 ? 82  THR A O     1 
ATOM   604  C  CB    A THR A 1 76  ? -3.696  -13.781 -5.831  0.50 26.03 ? 82  THR A CB    1 
ATOM   605  C  CB    B THR A 1 76  ? -4.021  -14.124 -5.854  0.50 26.71 ? 82  THR A CB    1 
ATOM   606  O  OG1   A THR A 1 76  ? -4.664  -14.788 -6.092  0.50 25.43 ? 82  THR A OG1   1 
ATOM   607  O  OG1   B THR A 1 76  ? -3.659  -14.868 -4.686  0.50 26.29 ? 82  THR A OG1   1 
ATOM   608  C  CG2   A THR A 1 76  ? -2.716  -14.265 -4.797  0.50 24.47 ? 82  THR A CG2   1 
ATOM   609  C  CG2   B THR A 1 76  ? -2.838  -14.147 -6.858  0.50 25.10 ? 82  THR A CG2   1 
ATOM   610  N  N     . ASP A 1 77  ? -4.416  -11.147 -7.413  1.00 20.15 ? 83  ASP A N     1 
ATOM   611  C  CA    . ASP A 1 77  ? -5.052  -10.586 -8.604  1.00 19.47 ? 83  ASP A CA    1 
ATOM   612  C  C     . ASP A 1 77  ? -4.684  -11.423 -9.867  1.00 22.12 ? 83  ASP A C     1 
ATOM   613  O  O     . ASP A 1 77  ? -4.020  -12.450 -9.755  1.00 23.22 ? 83  ASP A O     1 
ATOM   614  C  CB    . ASP A 1 77  ? -4.706  -9.084  -8.813  1.00 22.31 ? 83  ASP A CB    1 
ATOM   615  C  CG    . ASP A 1 77  ? -3.262  -8.852  -9.194  1.00 20.78 ? 83  ASP A CG    1 
ATOM   616  O  OD1   . ASP A 1 77  ? -2.509  -9.812  -9.561  1.00 19.41 ? 83  ASP A OD1   1 
ATOM   617  O  OD2   . ASP A 1 77  ? -2.830  -7.692  -9.201  1.00 20.35 ? 83  ASP A OD2   1 
ATOM   618  N  N     . LYS A 1 78  ? -5.146  -10.972 -11.013 1.00 19.92 ? 84  LYS A N     1 
ATOM   619  C  CA    . LYS A 1 78  ? -4.987  -11.811 -12.215 1.00 23.41 ? 84  LYS A CA    1 
ATOM   620  C  C     . LYS A 1 78  ? -3.517  -11.952 -12.623 1.00 22.21 ? 84  LYS A C     1 
ATOM   621  O  O     . LYS A 1 78  ? -3.197  -12.789 -13.539 1.00 24.85 ? 84  LYS A O     1 
ATOM   622  C  CB    . LYS A 1 78  ? -5.835  -11.257 -13.344 1.00 22.16 ? 84  LYS A CB    1 
ATOM   623  C  CG    . LYS A 1 78  ? -5.385  -9.903  -13.775 1.00 22.63 ? 84  LYS A CG    1 
ATOM   624  C  CD    . LYS A 1 78  ? -6.451  -9.165  -14.585 1.00 24.73 ? 84  LYS A CD    1 
ATOM   625  C  CE    . LYS A 1 78  ? -5.815  -7.886  -15.097 1.00 26.13 ? 84  LYS A CE    1 
ATOM   626  N  NZ    . LYS A 1 78  ? -6.822  -7.187  -16.012 1.00 29.77 ? 84  LYS A NZ    1 
ATOM   627  N  N     . TYR A 1 79  ? -2.630  -11.142 -12.084 1.00 19.00 ? 85  TYR A N     1 
ATOM   628  C  CA    . TYR A 1 79  ? -1.182  -11.203 -12.370 1.00 20.42 ? 85  TYR A CA    1 
ATOM   629  C  C     . TYR A 1 79  ? -0.423  -12.048 -11.303 1.00 19.93 ? 85  TYR A C     1 
ATOM   630  O  O     . TYR A 1 79  ? 0.859   -12.049 -11.294 1.00 25.84 ? 85  TYR A O     1 
ATOM   631  C  CB    . TYR A 1 79  ? -0.546  -9.794  -12.462 1.00 21.29 ? 85  TYR A CB    1 
ATOM   632  C  CG    . TYR A 1 79  ? -1.164  -8.907  -13.511 1.00 22.40 ? 85  TYR A CG    1 
ATOM   633  C  CD1   . TYR A 1 79  ? -1.854  -7.753  -13.151 1.00 24.45 ? 85  TYR A CD1   1 
ATOM   634  C  CD2   . TYR A 1 79  ? -1.157  -9.269  -14.865 1.00 21.28 ? 85  TYR A CD2   1 
ATOM   635  C  CE1   . TYR A 1 79  ? -2.455  -6.963  -14.106 1.00 21.73 ? 85  TYR A CE1   1 
ATOM   636  C  CE2   . TYR A 1 79  ? -1.740  -8.489  -15.846 1.00 22.87 ? 85  TYR A CE2   1 
ATOM   637  C  CZ    . TYR A 1 79  ? -2.346  -7.299  -15.466 1.00 22.77 ? 85  TYR A CZ    1 
ATOM   638  O  OH    . TYR A 1 79  ? -2.970  -6.502  -16.390 1.00 19.91 ? 85  TYR A OH    1 
ATOM   639  N  N     . GLY A 1 80  ? -1.170  -12.633 -10.405 1.00 20.87 ? 86  GLY A N     1 
ATOM   640  C  CA    . GLY A 1 80  ? -0.574  -13.363 -9.285  1.00 22.92 ? 86  GLY A CA    1 
ATOM   641  C  C     . GLY A 1 80  ? -0.058  -12.531 -8.126  1.00 20.72 ? 86  GLY A C     1 
ATOM   642  O  O     . GLY A 1 80  ? 0.653   -13.070 -7.287  1.00 24.08 ? 86  GLY A O     1 
ATOM   643  N  N     . ARG A 1 81  ? -0.284  -11.226 -8.164  1.00 19.32 ? 87  ARG A N     1 
ATOM   644  C  CA    . ARG A 1 81  ? 0.110   -10.364 -7.042  1.00 16.73 ? 87  ARG A CA    1 
ATOM   645  C  C     . ARG A 1 81  ? -0.803  -10.522 -5.881  1.00 18.52 ? 87  ARG A C     1 
ATOM   646  O  O     . ARG A 1 81  ? -2.038  -10.631 -6.030  1.00 20.48 ? 87  ARG A O     1 
ATOM   647  C  CB    . ARG A 1 81  ? 0.164   -8.869  -7.485  1.00 16.80 ? 87  ARG A CB    1 
ATOM   648  C  CG    . ARG A 1 81  ? 1.036   -8.615  -8.697  1.00 16.89 ? 87  ARG A CG    1 
ATOM   649  C  CD    . ARG A 1 81  ? 1.105   -7.155  -9.093  1.00 17.00 ? 87  ARG A CD    1 
ATOM   650  N  NE    . ARG A 1 81  ? -0.231  -6.705  -9.489  1.00 17.30 ? 87  ARG A NE    1 
ATOM   651  C  CZ    . ARG A 1 81  ? -0.505  -5.488  -9.964  1.00 14.41 ? 87  ARG A CZ    1 
ATOM   652  N  NH1   . ARG A 1 81  ? 0.424   -4.591  -10.131 1.00 17.50 ? 87  ARG A NH1   1 
ATOM   653  N  NH2   . ARG A 1 81  ? -1.765  -5.138  -10.163 1.00 15.54 ? 87  ARG A NH2   1 
ATOM   654  N  N     . GLY A 1 82  ? -0.205  -10.598 -4.676  1.00 16.40 ? 88  GLY A N     1 
ATOM   655  C  CA    . GLY A 1 82  ? -1.028  -10.598 -3.456  1.00 17.79 ? 88  GLY A CA    1 
ATOM   656  C  C     . GLY A 1 82  ? -1.740  -9.233  -3.246  1.00 16.18 ? 88  GLY A C     1 
ATOM   657  O  O     . GLY A 1 82  ? -1.147  -8.241  -3.625  1.00 19.42 ? 88  GLY A O     1 
ATOM   658  N  N     . LEU A 1 83  ? -2.971  -9.272  -2.782  1.00 17.76 ? 89  LEU A N     1 
ATOM   659  C  CA    . LEU A 1 83  ? -3.762  -7.997  -2.604  1.00 16.26 ? 89  LEU A CA    1 
ATOM   660  C  C     . LEU A 1 83  ? -3.906  -7.876  -1.097  1.00 17.93 ? 89  LEU A C     1 
ATOM   661  O  O     . LEU A 1 83  ? -4.625  -8.695  -0.497  1.00 19.23 ? 89  LEU A O     1 
ATOM   662  C  CB    . LEU A 1 83  ? -5.126  -8.063  -3.275  1.00 17.41 ? 89  LEU A CB    1 
ATOM   663  C  CG    . LEU A 1 83  ? -5.070  -8.197  -4.828  1.00 15.27 ? 89  LEU A CG    1 
ATOM   664  C  CD1   . LEU A 1 83  ? -6.480  -8.463  -5.303  1.00 19.02 ? 89  LEU A CD1   1 
ATOM   665  C  CD2   . LEU A 1 83  ? -4.514  -6.920  -5.415  1.00 18.59 ? 89  LEU A CD2   1 
ATOM   666  N  N     . ALA A 1 84  ? -3.261  -6.842  -0.535  1.00 15.53 ? 90  ALA A N     1 
ATOM   667  C  CA    . ALA A 1 84  ? -3.348  -6.706  0.955   1.00 15.49 ? 90  ALA A CA    1 
ATOM   668  C  C     . ALA A 1 84  ? -3.161  -5.287  1.326   1.00 13.58 ? 90  ALA A C     1 
ATOM   669  O  O     . ALA A 1 84  ? -2.700  -4.387  0.559   1.00 14.73 ? 90  ALA A O     1 
ATOM   670  C  CB    . ALA A 1 84  ? -2.288  -7.586  1.636   1.00 17.57 ? 90  ALA A CB    1 
ATOM   671  N  N     . TYR A 1 85  ? -3.533  -5.030  2.610   1.00 14.18 ? 91  TYR A N     1 
ATOM   672  C  CA    . TYR A 1 85  ? -2.995  -3.849  3.298   1.00 14.77 ? 91  TYR A CA    1 
ATOM   673  C  C     . TYR A 1 85  ? -1.663  -4.141  3.960   1.00 16.02 ? 91  TYR A C     1 
ATOM   674  O  O     . TYR A 1 85  ? -1.487  -5.236  4.531   1.00 19.37 ? 91  TYR A O     1 
ATOM   675  C  CB    . TYR A 1 85  ? -3.981  -3.416  4.399   1.00 15.03 ? 91  TYR A CB    1 
ATOM   676  C  CG    . TYR A 1 85  ? -5.403  -3.276  3.911   1.00 13.74 ? 91  TYR A CG    1 
ATOM   677  C  CD1   . TYR A 1 85  ? -5.760  -2.149  3.189   1.00 12.53 ? 91  TYR A CD1   1 
ATOM   678  C  CD2   . TYR A 1 85  ? -6.360  -4.286  4.129   1.00 13.84 ? 91  TYR A CD2   1 
ATOM   679  C  CE1   . TYR A 1 85  ? -7.087  -1.971  2.680   1.00 13.42 ? 91  TYR A CE1   1 
ATOM   680  C  CE2   . TYR A 1 85  ? -7.702  -4.152  3.631   1.00 15.28 ? 91  TYR A CE2   1 
ATOM   681  C  CZ    . TYR A 1 85  ? -8.018  -2.995  2.906   1.00 13.98 ? 91  TYR A CZ    1 
ATOM   682  O  OH    . TYR A 1 85  ? -9.325  -2.818  2.487   1.00 18.25 ? 91  TYR A OH    1 
ATOM   683  N  N     . ASN A 1 86  ? -0.683  -3.259  3.767   1.00 13.65 ? 92  ASN A N     1 
ATOM   684  C  CA    A ASN A 1 86  ? 0.715   -3.541  4.223   0.60 15.44 ? 92  ASN A CA    1 
ATOM   685  C  CA    B ASN A 1 86  ? 0.677   -3.540  4.279   0.40 16.03 ? 92  ASN A CA    1 
ATOM   686  C  C     . ASN A 1 86  ? 0.961   -2.603  5.418   1.00 18.10 ? 92  ASN A C     1 
ATOM   687  O  O     . ASN A 1 86  ? 0.636   -1.402  5.340   1.00 17.80 ? 92  ASN A O     1 
ATOM   688  C  CB    A ASN A 1 86  ? 1.654   -3.202  3.044   0.60 15.58 ? 92  ASN A CB    1 
ATOM   689  C  CB    B ASN A 1 86  ? 1.739   -3.282  3.220   0.40 16.14 ? 92  ASN A CB    1 
ATOM   690  C  CG    A ASN A 1 86  ? 3.106   -3.573  3.254   0.60 16.01 ? 92  ASN A CG    1 
ATOM   691  C  CG    B ASN A 1 86  ? 1.878   -4.421  2.239   0.40 17.31 ? 92  ASN A CG    1 
ATOM   692  O  OD1   A ASN A 1 86  ? 3.945   -2.923  2.636   0.60 20.45 ? 92  ASN A OD1   1 
ATOM   693  O  OD1   B ASN A 1 86  ? 2.832   -4.442  1.460   0.40 17.61 ? 92  ASN A OD1   1 
ATOM   694  N  ND2   A ASN A 1 86  ? 3.407   -4.660  3.992   0.60 15.82 ? 92  ASN A ND2   1 
ATOM   695  N  ND2   B ASN A 1 86  ? 0.956   -5.363  2.273   0.40 18.73 ? 92  ASN A ND2   1 
ATOM   696  N  N     . TYR A 1 87  ? 1.566   -3.148  6.494   1.00 17.52 ? 93  TYR A N     1 
ATOM   697  C  CA    . TYR A 1 87  ? 1.890   -2.309  7.683   1.00 16.43 ? 93  TYR A CA    1 
ATOM   698  C  C     . TYR A 1 87  ? 3.390   -2.327  7.942   1.00 18.92 ? 93  TYR A C     1 
ATOM   699  O  O     . TYR A 1 87  ? 4.045   -3.382  7.755   1.00 20.40 ? 93  TYR A O     1 
ATOM   700  C  CB    . TYR A 1 87  ? 1.175   -2.869  8.899   1.00 19.76 ? 93  TYR A CB    1 
ATOM   701  C  CG    . TYR A 1 87  ? -0.343  -2.725  8.813   1.00 18.61 ? 93  TYR A CG    1 
ATOM   702  C  CD1   . TYR A 1 87  ? -0.988  -1.693  9.497   1.00 18.37 ? 93  TYR A CD1   1 
ATOM   703  C  CD2   . TYR A 1 87  ? -1.129  -3.645  8.148   1.00 18.66 ? 93  TYR A CD2   1 
ATOM   704  C  CE1   . TYR A 1 87  ? -2.342  -1.552  9.454   1.00 20.44 ? 93  TYR A CE1   1 
ATOM   705  C  CE2   . TYR A 1 87  ? -2.541  -3.513  8.068   1.00 17.58 ? 93  TYR A CE2   1 
ATOM   706  C  CZ    . TYR A 1 87  ? -3.153  -2.446  8.707   1.00 20.80 ? 93  TYR A CZ    1 
ATOM   707  O  OH    . TYR A 1 87  ? -4.536  -2.352  8.694   1.00 20.51 ? 93  TYR A OH    1 
ATOM   708  N  N     . ALA A 1 88  ? 3.928   -1.165  8.327   1.00 19.37 ? 94  ALA A N     1 
ATOM   709  C  CA    . ALA A 1 88  ? 5.337   -0.986  8.660   1.00 18.25 ? 94  ALA A CA    1 
ATOM   710  C  C     . ALA A 1 88  ? 5.354   -0.460  10.081  1.00 21.49 ? 94  ALA A C     1 
ATOM   711  O  O     . ALA A 1 88  ? 4.882   0.643   10.348  1.00 22.29 ? 94  ALA A O     1 
ATOM   712  C  CB    . ALA A 1 88  ? 6.013   -0.042  7.713   1.00 21.57 ? 94  ALA A CB    1 
ATOM   713  N  N     . ASP A 1 89  ? 5.808   -1.283  10.996  1.00 24.22 ? 95  ASP A N     1 
ATOM   714  C  CA    . ASP A 1 89  ? 5.850   -0.906  12.421  1.00 26.23 ? 95  ASP A CA    1 
ATOM   715  C  C     . ASP A 1 89  ? 4.480   -0.358  12.855  1.00 28.20 ? 95  ASP A C     1 
ATOM   716  O  O     . ASP A 1 89  ? 4.367   0.645   13.565  1.00 26.97 ? 95  ASP A O     1 
ATOM   717  C  CB    . ASP A 1 89  ? 7.043   0.036   12.657  1.00 26.25 ? 95  ASP A CB    1 
ATOM   718  C  CG    . ASP A 1 89  ? 8.393   -0.726  12.616  1.00 24.43 ? 95  ASP A CG    1 
ATOM   719  O  OD1   . ASP A 1 89  ? 8.359   -1.950  12.933  1.00 31.84 ? 95  ASP A OD1   1 
ATOM   720  O  OD2   . ASP A 1 89  ? 9.383   -0.068  12.243  1.00 31.63 ? 95  ASP A OD2   1 
ATOM   721  N  N     . GLY A 1 90  ? 3.429   -1.043  12.394  1.00 23.02 ? 96  GLY A N     1 
ATOM   722  C  CA    . GLY A 1 90  ? 2.048   -0.813  12.790  1.00 23.88 ? 96  GLY A CA    1 
ATOM   723  C  C     . GLY A 1 90  ? 1.320   0.275   12.002  1.00 21.74 ? 96  GLY A C     1 
ATOM   724  O  O     . GLY A 1 90  ? 0.099   0.417   12.220  1.00 26.54 ? 96  GLY A O     1 
ATOM   725  N  N     . LYS A 1 91  ? 2.056   0.974   11.121  1.00 21.11 ? 97  LYS A N     1 
ATOM   726  C  CA    A LYS A 1 91  ? 1.512   2.088   10.307  0.50 19.89 ? 97  LYS A CA    1 
ATOM   727  C  CA    B LYS A 1 91  ? 1.486   2.080   10.330  0.50 20.40 ? 97  LYS A CA    1 
ATOM   728  C  C     . LYS A 1 91  ? 1.158   1.511   8.927   1.00 18.52 ? 97  LYS A C     1 
ATOM   729  O  O     . LYS A 1 91  ? 1.984   0.879   8.283   1.00 19.37 ? 97  LYS A O     1 
ATOM   730  C  CB    A LYS A 1 91  ? 2.529   3.198   10.104  0.50 22.74 ? 97  LYS A CB    1 
ATOM   731  C  CB    B LYS A 1 91  ? 2.439   3.272   10.240  0.50 23.91 ? 97  LYS A CB    1 
ATOM   732  C  CG    A LYS A 1 91  ? 1.930   4.459   9.522   0.50 22.68 ? 97  LYS A CG    1 
ATOM   733  C  CG    B LYS A 1 91  ? 2.957   3.774   11.595  0.50 26.55 ? 97  LYS A CG    1 
ATOM   734  C  CD    A LYS A 1 91  ? 2.972   5.389   8.921   0.50 29.08 ? 97  LYS A CD    1 
ATOM   735  C  CD    B LYS A 1 91  ? 1.860   4.475   12.371  0.50 28.95 ? 97  LYS A CD    1 
ATOM   736  C  CE    A LYS A 1 91  ? 2.529   6.855   8.920   0.50 26.04 ? 97  LYS A CE    1 
ATOM   737  C  CE    B LYS A 1 91  ? 2.303   4.954   13.747  0.50 28.01 ? 97  LYS A CE    1 
ATOM   738  N  NZ    A LYS A 1 91  ? 1.058   7.026   8.964   0.50 27.18 ? 97  LYS A NZ    1 
ATOM   739  N  NZ    B LYS A 1 91  ? 2.985   6.271   13.589  0.50 29.61 ? 97  LYS A NZ    1 
ATOM   740  N  N     . MET A 1 92  ? -0.079  1.706   8.515   1.00 17.40 ? 98  MET A N     1 
ATOM   741  C  CA    . MET A 1 92  ? -0.524  1.258   7.179   1.00 15.27 ? 98  MET A CA    1 
ATOM   742  C  C     . MET A 1 92  ? 0.116   2.057   6.101   1.00 16.95 ? 98  MET A C     1 
ATOM   743  O  O     . MET A 1 92  ? -0.049  3.284   5.971   1.00 18.06 ? 98  MET A O     1 
ATOM   744  C  CB    . MET A 1 92  ? -2.018  1.236   7.095   1.00 17.52 ? 98  MET A CB    1 
ATOM   745  C  CG    . MET A 1 92  ? -2.494  0.251   6.028   1.00 15.87 ? 98  MET A CG    1 
ATOM   746  S  SD    . MET A 1 92  ? -4.137  0.649   5.405   1.00 18.93 ? 98  MET A SD    1 
ATOM   747  C  CE    . MET A 1 92  ? -5.117  0.500   6.906   1.00 18.27 ? 98  MET A CE    1 
ATOM   748  N  N     . VAL A 1 93  ? 0.845   1.369   5.214   1.00 15.32 ? 99  VAL A N     1 
ATOM   749  C  CA    . VAL A 1 93  ? 1.490   2.044   4.090   1.00 15.10 ? 99  VAL A CA    1 
ATOM   750  C  C     . VAL A 1 93  ? 0.409   2.627   3.136   1.00 14.98 ? 99  VAL A C     1 
ATOM   751  O  O     . VAL A 1 93  ? 0.567   3.686   2.580   1.00 17.24 ? 99  VAL A O     1 
ATOM   752  C  CB    . VAL A 1 93  ? 2.363   1.013   3.303   1.00 14.88 ? 99  VAL A CB    1 
ATOM   753  C  CG1   . VAL A 1 93  ? 3.004   1.649   2.082   1.00 17.52 ? 99  VAL A CG1   1 
ATOM   754  C  CG2   . VAL A 1 93  ? 3.423   0.398   4.223   1.00 18.86 ? 99  VAL A CG2   1 
ATOM   755  N  N     . ASN A 1 94  ? -0.649  1.839   2.912   1.00 15.43 ? 100 ASN A N     1 
ATOM   756  C  CA    . ASN A 1 94  ? -1.717  2.293   1.969   1.00 15.55 ? 100 ASN A CA    1 
ATOM   757  C  C     . ASN A 1 94  ? -2.249  3.652   2.423   1.00 15.79 ? 100 ASN A C     1 
ATOM   758  O  O     . ASN A 1 94  ? -2.332  4.588   1.577   1.00 16.72 ? 100 ASN A O     1 
ATOM   759  C  CB    . ASN A 1 94  ? -2.867  1.282   1.930   1.00 14.37 ? 100 ASN A CB    1 
ATOM   760  C  CG    . ASN A 1 94  ? -2.430  -0.198  1.803   1.00 16.29 ? 100 ASN A CG    1 
ATOM   761  O  OD1   . ASN A 1 94  ? -1.596  -0.670  2.595   1.00 14.78 ? 100 ASN A OD1   1 
ATOM   762  N  ND2   . ASN A 1 94  ? -3.072  -0.959  0.900   1.00 14.30 ? 100 ASN A ND2   1 
ATOM   763  N  N     . GLU A 1 95  ? -2.553  3.728   3.712   1.00 15.42 ? 101 GLU A N     1 
ATOM   764  C  CA    . GLU A 1 95  ? -3.086  5.001   4.265   1.00 16.87 ? 101 GLU A CA    1 
ATOM   765  C  C     . GLU A 1 95  ? -2.065  6.102   4.214   1.00 16.60 ? 101 GLU A C     1 
ATOM   766  O  O     . GLU A 1 95  ? -2.419  7.248   3.896   1.00 17.49 ? 101 GLU A O     1 
ATOM   767  C  CB    . GLU A 1 95  ? -3.628  4.717   5.683   1.00 16.31 ? 101 GLU A CB    1 
ATOM   768  C  CG    . GLU A 1 95  ? -4.322  5.945   6.310   1.00 20.14 ? 101 GLU A CG    1 
ATOM   769  C  CD    . GLU A 1 95  ? -4.592  5.702   7.780   1.00 26.41 ? 101 GLU A CD    1 
ATOM   770  O  OE1   . GLU A 1 95  ? -4.017  4.741   8.354   1.00 28.06 ? 101 GLU A OE1   1 
ATOM   771  O  OE2   . GLU A 1 95  ? -5.421  6.463   8.377   1.00 27.31 ? 101 GLU A OE2   1 
ATOM   772  N  N     . ALA A 1 96  ? -0.818  5.824   4.565   1.00 15.62 ? 102 ALA A N     1 
ATOM   773  C  CA    . ALA A 1 96  ? 0.222   6.844   4.585   1.00 17.44 ? 102 ALA A CA    1 
ATOM   774  C  C     . ALA A 1 96  ? 0.477   7.464   3.231   1.00 19.29 ? 102 ALA A C     1 
ATOM   775  O  O     . ALA A 1 96  ? 0.626   8.685   3.108   1.00 21.26 ? 102 ALA A O     1 
ATOM   776  C  CB    . ALA A 1 96  ? 1.499   6.259   5.143   1.00 19.40 ? 102 ALA A CB    1 
ATOM   777  N  N     . LEU A 1 97  ? 0.434   6.671   2.157   1.00 16.74 ? 103 LEU A N     1 
ATOM   778  C  CA    . LEU A 1 97  ? 0.606   7.177   0.806   1.00 18.83 ? 103 LEU A CA    1 
ATOM   779  C  C     . LEU A 1 97  ? -0.531  8.148   0.462   1.00 17.85 ? 103 LEU A C     1 
ATOM   780  O  O     . LEU A 1 97  ? -0.312  9.222   -0.079  1.00 18.50 ? 103 LEU A O     1 
ATOM   781  C  CB    . LEU A 1 97  ? 0.559   6.007   -0.207  1.00 18.22 ? 103 LEU A CB    1 
ATOM   782  C  CG    . LEU A 1 97  ? 1.863   5.225   -0.329  1.00 16.92 ? 103 LEU A CG    1 
ATOM   783  C  CD1   . LEU A 1 97  ? 1.486   3.849   -0.885  1.00 17.43 ? 103 LEU A CD1   1 
ATOM   784  C  CD2   . LEU A 1 97  ? 2.916   6.007   -1.141  1.00 18.68 ? 103 LEU A CD2   1 
ATOM   785  N  N     . VAL A 1 98  ? -1.755  7.731   0.752   1.00 16.61 ? 104 VAL A N     1 
ATOM   786  C  CA    . VAL A 1 98  ? -2.946  8.590   0.477   1.00 15.82 ? 104 VAL A CA    1 
ATOM   787  C  C     . VAL A 1 98  ? -2.876  9.863   1.333   1.00 18.14 ? 104 VAL A C     1 
ATOM   788  O  O     . VAL A 1 98  ? -3.073  10.946  0.784   1.00 18.52 ? 104 VAL A O     1 
ATOM   789  C  CB    . VAL A 1 98  ? -4.224  7.810   0.742   1.00 16.00 ? 104 VAL A CB    1 
ATOM   790  C  CG1   . VAL A 1 98  ? -5.464  8.650   0.534   1.00 16.99 ? 104 VAL A CG1   1 
ATOM   791  C  CG2   . VAL A 1 98  ? -4.319  6.583   -0.227  1.00 17.50 ? 104 VAL A CG2   1 
ATOM   792  N  N     . ARG A 1 99  ? -2.543  9.733   2.605   1.00 18.87 ? 105 ARG A N     1 
ATOM   793  C  CA    . ARG A 1 99  ? -2.460  10.960  3.428   1.00 20.79 ? 105 ARG A CA    1 
ATOM   794  C  C     . ARG A 1 99  ? -1.445  11.940  2.939   1.00 22.85 ? 105 ARG A C     1 
ATOM   795  O  O     . ARG A 1 99  ? -1.630  13.145  3.170   1.00 23.14 ? 105 ARG A O     1 
ATOM   796  C  CB    . ARG A 1 99  ? -2.149  10.550  4.869   1.00 19.72 ? 105 ARG A CB    1 
ATOM   797  C  CG    . ARG A 1 99  ? -2.066  11.712  5.840   1.00 20.87 ? 105 ARG A CG    1 
ATOM   798  C  CD    . ARG A 1 99  ? -3.446  12.299  6.033   1.00 22.55 ? 105 ARG A CD    1 
ATOM   799  N  NE    . ARG A 1 99  ? -3.443  13.418  6.970   1.00 26.24 ? 105 ARG A NE    1 
ATOM   800  C  CZ    . ARG A 1 99  ? -3.079  14.656  6.659   1.00 25.26 ? 105 ARG A CZ    1 
ATOM   801  N  NH1   . ARG A 1 99  ? -2.653  14.939  5.437   1.00 23.96 ? 105 ARG A NH1   1 
ATOM   802  N  NH2   . ARG A 1 99  ? -3.094  15.603  7.579   1.00 31.39 ? 105 ARG A NH2   1 
ATOM   803  N  N     . GLN A 1 100 ? -0.353  11.490  2.336   1.00 19.47 ? 106 GLN A N     1 
ATOM   804  C  CA    . GLN A 1 100 ? 0.669   12.394  1.820   1.00 23.05 ? 106 GLN A CA    1 
ATOM   805  C  C     . GLN A 1 100 ? 0.414   12.888  0.410   1.00 23.27 ? 106 GLN A C     1 
ATOM   806  O  O     . GLN A 1 100 ? 1.253   13.555  -0.180  1.00 27.53 ? 106 GLN A O     1 
ATOM   807  C  CB    . GLN A 1 100 ? 2.076   11.766  1.964   1.00 26.11 ? 106 GLN A CB    1 
ATOM   808  C  CG    . GLN A 1 100 ? 2.486   11.559  3.448   1.00 32.12 ? 106 GLN A CG    1 
ATOM   809  C  CD    . GLN A 1 100 ? 2.205   12.791  4.339   1.00 35.72 ? 106 GLN A CD    1 
ATOM   810  O  OE1   . GLN A 1 100 ? 2.557   13.904  3.975   1.00 45.10 ? 106 GLN A OE1   1 
ATOM   811  N  NE2   . GLN A 1 100 ? 1.464   12.600  5.438   1.00 37.55 ? 106 GLN A NE2   1 
ATOM   812  N  N     . GLY A 1 101 ? -0.728  12.549  -0.162  1.00 20.75 ? 107 GLY A N     1 
ATOM   813  C  CA    . GLY A 1 101 ? -1.006  12.968  -1.543  1.00 20.62 ? 107 GLY A CA    1 
ATOM   814  C  C     . GLY A 1 101 ? -0.091  12.289  -2.562  1.00 21.49 ? 107 GLY A C     1 
ATOM   815  O  O     . GLY A 1 101 ? 0.120   12.794  -3.667  1.00 23.60 ? 107 GLY A O     1 
ATOM   816  N  N     . LEU A 1 102 ? 0.357   11.072  -2.249  1.00 20.11 ? 108 LEU A N     1 
ATOM   817  C  CA    . LEU A 1 102 ? 1.214   10.357  -3.206  1.00 21.31 ? 108 LEU A CA    1 
ATOM   818  C  C     . LEU A 1 102 ? 0.484   9.155   -3.841  1.00 20.43 ? 108 LEU A C     1 
ATOM   819  O  O     . LEU A 1 102 ? 1.074   8.434   -4.693  1.00 20.36 ? 108 LEU A O     1 
ATOM   820  C  CB    . LEU A 1 102 ? 2.498   9.867   -2.543  1.00 21.14 ? 108 LEU A CB    1 
ATOM   821  C  CG    . LEU A 1 102 ? 3.495   10.973  -2.156  1.00 24.84 ? 108 LEU A CG    1 
ATOM   822  C  CD1   . LEU A 1 102 ? 4.594   10.459  -1.219  1.00 25.66 ? 108 LEU A CD1   1 
ATOM   823  C  CD2   . LEU A 1 102 ? 4.087   11.590  -3.424  1.00 25.79 ? 108 LEU A CD2   1 
ATOM   824  N  N     . ALA A 1 103 ? -0.774  8.921   -3.434  1.00 18.92 ? 109 ALA A N     1 
ATOM   825  C  CA    . ALA A 1 103 ? -1.655  7.940   -4.048  1.00 17.10 ? 109 ALA A CA    1 
ATOM   826  C  C     . ALA A 1 103 ? -3.043  8.488   -4.003  1.00 18.36 ? 109 ALA A C     1 
ATOM   827  O  O     . ALA A 1 103 ? -3.400  9.235   -3.058  1.00 19.41 ? 109 ALA A O     1 
ATOM   828  C  CB    . ALA A 1 103 ? -1.575  6.581   -3.333  1.00 17.04 ? 109 ALA A CB    1 
ATOM   829  N  N     . LYS A 1 104 ? -3.853  8.078   -4.972  1.00 17.71 ? 110 LYS A N     1 
ATOM   830  C  CA    . LYS A 1 104 ? -5.303  8.261   -4.979  1.00 17.95 ? 110 LYS A CA    1 
ATOM   831  C  C     . LYS A 1 104 ? -5.989  7.012   -4.461  1.00 16.23 ? 110 LYS A C     1 
ATOM   832  O  O     . LYS A 1 104 ? -5.535  5.893   -4.708  1.00 16.67 ? 110 LYS A O     1 
ATOM   833  C  CB    . LYS A 1 104 ? -5.814  8.582   -6.409  1.00 20.76 ? 110 LYS A CB    1 
ATOM   834  C  CG    . LYS A 1 104 ? -5.341  9.944   -6.928  1.00 26.63 ? 110 LYS A CG    1 
ATOM   835  C  CD    . LYS A 1 104 ? -5.812  10.130  -8.382  1.00 31.74 ? 110 LYS A CD    1 
ATOM   836  C  CE    . LYS A 1 104 ? -5.360  11.480  -8.940  1.00 38.11 ? 110 LYS A CE    1 
ATOM   837  N  NZ    . LYS A 1 104 ? -6.031  11.742  -10.245 1.00 39.61 ? 110 LYS A NZ    1 
ATOM   838  N  N     . VAL A 1 105 ? -7.150  7.123   -3.784  1.00 15.51 ? 111 VAL A N     1 
ATOM   839  C  CA    . VAL A 1 105 ? -7.974  6.012   -3.516  1.00 14.18 ? 111 VAL A CA    1 
ATOM   840  C  C     . VAL A 1 105 ? -8.513  5.538   -4.873  1.00 15.59 ? 111 VAL A C     1 
ATOM   841  O  O     . VAL A 1 105 ? -8.942  6.376   -5.696  1.00 17.78 ? 111 VAL A O     1 
ATOM   842  C  CB    . VAL A 1 105 ? -9.154  6.399   -2.586  1.00 16.44 ? 111 VAL A CB    1 
ATOM   843  C  CG1   . VAL A 1 105 ? -10.065 5.243   -2.350  1.00 15.49 ? 111 VAL A CG1   1 
ATOM   844  C  CG2   . VAL A 1 105 ? -8.557  6.904   -1.274  1.00 17.16 ? 111 VAL A CG2   1 
ATOM   845  N  N     . ALA A 1 106 ? -8.425  4.229   -5.096  1.00 14.21 ? 112 ALA A N     1 
ATOM   846  C  CA    . ALA A 1 106 ? -8.743  3.680   -6.443  1.00 15.19 ? 112 ALA A CA    1 
ATOM   847  C  C     . ALA A 1 106 ? -8.957  2.196   -6.329  1.00 15.15 ? 112 ALA A C     1 
ATOM   848  O  O     . ALA A 1 106 ? -8.516  1.514   -5.375  1.00 14.70 ? 112 ALA A O     1 
ATOM   849  C  CB    . ALA A 1 106 ? -7.539  3.962   -7.375  1.00 18.09 ? 112 ALA A CB    1 
ATOM   850  N  N     . TYR A 1 107 ? -9.480  1.586   -7.397  1.00 15.44 ? 113 TYR A N     1 
ATOM   851  C  CA    . TYR A 1 107 ? -9.629  0.149   -7.449  1.00 16.75 ? 113 TYR A CA    1 
ATOM   852  C  C     . TYR A 1 107 ? -10.425 -0.394  -6.257  1.00 16.97 ? 113 TYR A C     1 
ATOM   853  O  O     . TYR A 1 107 ? -10.058 -1.390  -5.608  1.00 17.16 ? 113 TYR A O     1 
ATOM   854  C  CB    . TYR A 1 107 ? -8.278  -0.626  -7.617  1.00 18.36 ? 113 TYR A CB    1 
ATOM   855  C  CG    . TYR A 1 107 ? -7.569  -0.260  -8.960  1.00 16.46 ? 113 TYR A CG    1 
ATOM   856  C  CD1   . TYR A 1 107 ? -8.082  -0.783  -10.209 1.00 17.90 ? 113 TYR A CD1   1 
ATOM   857  C  CD2   . TYR A 1 107 ? -6.481  0.558   -9.013  1.00 17.44 ? 113 TYR A CD2   1 
ATOM   858  C  CE1   . TYR A 1 107 ? -7.516  -0.390  -11.390 1.00 17.76 ? 113 TYR A CE1   1 
ATOM   859  C  CE2   . TYR A 1 107 ? -5.893  0.969   -10.248 1.00 17.53 ? 113 TYR A CE2   1 
ATOM   860  C  CZ    . TYR A 1 107 ? -6.410  0.423   -11.416 1.00 18.39 ? 113 TYR A CZ    1 
ATOM   861  O  OH    . TYR A 1 107 ? -5.833  0.833   -12.632 1.00 20.12 ? 113 TYR A OH    1 
ATOM   862  N  N     . VAL A 1 108 ? -11.568 0.266   -5.985  1.00 18.14 ? 114 VAL A N     1 
ATOM   863  C  CA    . VAL A 1 108 ? -12.400 -0.127  -4.909  1.00 20.04 ? 114 VAL A CA    1 
ATOM   864  C  C     . VAL A 1 108 ? -13.380 -1.183  -5.339  1.00 23.52 ? 114 VAL A C     1 
ATOM   865  O  O     . VAL A 1 108 ? -14.466 -0.850  -5.884  1.00 24.51 ? 114 VAL A O     1 
ATOM   866  C  CB    . VAL A 1 108 ? -13.045 1.131   -4.226  1.00 19.12 ? 114 VAL A CB    1 
ATOM   867  C  CG1   . VAL A 1 108 ? -13.773 0.646   -2.987  1.00 23.86 ? 114 VAL A CG1   1 
ATOM   868  C  CG2   . VAL A 1 108 ? -11.974 2.176   -3.874  1.00 20.40 ? 114 VAL A CG2   1 
ATOM   869  N  N     . TYR A 1 109 ? -13.012 -2.431  -5.163  1.00 24.12 ? 115 TYR A N     1 
ATOM   870  C  CA    . TYR A 1 109 ? -13.879 -3.560  -5.549  1.00 24.35 ? 115 TYR A CA    1 
ATOM   871  C  C     . TYR A 1 109 ? -14.723 -4.069  -4.374  1.00 27.91 ? 115 TYR A C     1 
ATOM   872  O  O     . TYR A 1 109 ? -14.248 -4.228  -3.218  1.00 25.19 ? 115 TYR A O     1 
ATOM   873  C  CB    . TYR A 1 109 ? -13.071 -4.694  -6.176  1.00 25.49 ? 115 TYR A CB    1 
ATOM   874  C  CG    . TYR A 1 109 ? -12.288 -4.352  -7.426  1.00 23.34 ? 115 TYR A CG    1 
ATOM   875  C  CD1   . TYR A 1 109 ? -12.894 -4.343  -8.700  1.00 24.98 ? 115 TYR A CD1   1 
ATOM   876  C  CD2   . TYR A 1 109 ? -10.901 -4.072  -7.379  1.00 23.87 ? 115 TYR A CD2   1 
ATOM   877  C  CE1   . TYR A 1 109 ? -12.138 -4.092  -9.837  1.00 24.39 ? 115 TYR A CE1   1 
ATOM   878  C  CE2   . TYR A 1 109 ? -10.152 -3.809  -8.515  1.00 22.99 ? 115 TYR A CE2   1 
ATOM   879  C  CZ    . TYR A 1 109 ? -10.792 -3.835  -9.765  1.00 22.80 ? 115 TYR A CZ    1 
ATOM   880  O  OH    . TYR A 1 109 ? -10.063 -3.591  -10.883 1.00 25.05 ? 115 TYR A OH    1 
ATOM   881  N  N     . LYS A 1 110 ? -16.004 -4.384  -4.642  1.00 34.35 ? 116 LYS A N     1 
ATOM   882  C  CA    . LYS A 1 110 ? -16.893 -4.921  -3.583  1.00 38.78 ? 116 LYS A CA    1 
ATOM   883  C  C     . LYS A 1 110 ? -16.321 -6.127  -2.843  1.00 34.79 ? 116 LYS A C     1 
ATOM   884  O  O     . LYS A 1 110 ? -15.722 -7.010  -3.450  1.00 39.12 ? 116 LYS A O     1 
ATOM   885  C  CB    . LYS A 1 110 ? -18.261 -5.312  -4.167  1.00 44.45 ? 116 LYS A CB    1 
ATOM   886  C  CG    . LYS A 1 110 ? -19.427 -4.502  -3.611  1.00 54.34 ? 116 LYS A CG    1 
ATOM   887  C  CD    . LYS A 1 110 ? -20.770 -5.057  -4.085  1.00 65.17 ? 116 LYS A CD    1 
ATOM   888  C  CE    . LYS A 1 110 ? -21.036 -4.774  -5.568  1.00 68.73 ? 116 LYS A CE    1 
ATOM   889  N  NZ    . LYS A 1 110 ? -22.311 -5.396  -6.037  1.00 70.34 ? 116 LYS A NZ    1 
ATOM   890  N  N     . GLY A 1 111 ? -16.424 -6.128  -1.520  1.00 36.72 ? 117 GLY A N     1 
ATOM   891  C  CA    . GLY A 1 111 ? -15.831 -7.216  -0.724  1.00 37.83 ? 117 GLY A CA    1 
ATOM   892  C  C     . GLY A 1 111 ? -14.324 -7.269  -0.486  1.00 36.68 ? 117 GLY A C     1 
ATOM   893  O  O     . GLY A 1 111 ? -13.869 -8.140  0.244   1.00 44.71 ? 117 GLY A O     1 
ATOM   894  N  N     . ASN A 1 112 ? -13.542 -6.381  -1.129  1.00 28.76 ? 118 ASN A N     1 
ATOM   895  C  CA    . ASN A 1 112 ? -12.190 -6.058  -0.676  1.00 26.74 ? 118 ASN A CA    1 
ATOM   896  C  C     . ASN A 1 112 ? -12.088 -4.575  -0.385  1.00 25.54 ? 118 ASN A C     1 
ATOM   897  O  O     . ASN A 1 112 ? -11.171 -3.895  -0.871  1.00 27.23 ? 118 ASN A O     1 
ATOM   898  C  CB    . ASN A 1 112 ? -11.147 -6.352  -1.750  1.00 27.71 ? 118 ASN A CB    1 
ATOM   899  C  CG    . ASN A 1 112 ? -10.482 -7.689  -1.605  1.00 24.87 ? 118 ASN A CG    1 
ATOM   900  O  OD1   . ASN A 1 112 ? -10.669 -8.403  -0.639  1.00 24.07 ? 118 ASN A OD1   1 
ATOM   901  N  ND2   . ASN A 1 112 ? -9.717  -8.061  -2.652  1.00 22.42 ? 118 ASN A ND2   1 
ATOM   902  N  N     . ASN A 1 113 ? -12.981 -4.051  0.446   1.00 22.69 ? 119 ASN A N     1 
ATOM   903  C  CA    . ASN A 1 113 ? -12.976 -2.621  0.678   1.00 22.27 ? 119 ASN A CA    1 
ATOM   904  C  C     . ASN A 1 113 ? -13.160 -2.232  2.143   1.00 21.54 ? 119 ASN A C     1 
ATOM   905  O  O     . ASN A 1 113 ? -13.654 -1.123  2.450   1.00 22.95 ? 119 ASN A O     1 
ATOM   906  C  CB    . ASN A 1 113 ? -14.011 -1.932  -0.229  1.00 25.40 ? 119 ASN A CB    1 
ATOM   907  C  CG    . ASN A 1 113 ? -15.416 -2.271  0.190   1.00 32.02 ? 119 ASN A CG    1 
ATOM   908  O  OD1   . ASN A 1 113 ? -15.649 -3.293  0.844   1.00 30.23 ? 119 ASN A OD1   1 
ATOM   909  N  ND2   . ASN A 1 113 ? -16.337 -1.341  -0.054  1.00 38.17 ? 119 ASN A ND2   1 
ATOM   910  N  N     . THR A 1 114 ? -12.688 -3.101  3.050   1.00 19.05 ? 120 THR A N     1 
ATOM   911  C  CA    . THR A 1 114 ? -12.802 -2.811  4.494   1.00 19.93 ? 120 THR A CA    1 
ATOM   912  C  C     . THR A 1 114 ? -12.325 -1.415  4.862   1.00 21.25 ? 120 THR A C     1 
ATOM   913  O  O     . THR A 1 114 ? -12.959 -0.707  5.663   1.00 23.81 ? 120 THR A O     1 
ATOM   914  C  CB    . THR A 1 114 ? -12.134 -3.902  5.369   1.00 22.03 ? 120 THR A CB    1 
ATOM   915  O  OG1   . THR A 1 114 ? -12.793 -5.154  5.151   1.00 24.00 ? 120 THR A OG1   1 
ATOM   916  C  CG2   . THR A 1 114 ? -12.229 -3.558  6.841   1.00 24.99 ? 120 THR A CG2   1 
ATOM   917  N  N     . HIS A 1 115 ? -11.145 -1.038  4.423   1.00 18.31 ? 121 HIS A N     1 
ATOM   918  C  CA    . HIS A 1 115 ? -10.573 0.230   4.821   1.00 15.18 ? 121 HIS A CA    1 
ATOM   919  C  C     . HIS A 1 115 ? -10.864 1.426   3.923   1.00 14.26 ? 121 HIS A C     1 
ATOM   920  O  O     . HIS A 1 115 ? -10.174 2.447   3.952   1.00 17.33 ? 121 HIS A O     1 
ATOM   921  C  CB    . HIS A 1 115 ? -9.081  0.072   5.057   1.00 18.07 ? 121 HIS A CB    1 
ATOM   922  C  CG    . HIS A 1 115 ? -8.722  -0.869  6.154   1.00 17.02 ? 121 HIS A CG    1 
ATOM   923  N  ND1   . HIS A 1 115 ? -9.328  -0.844  7.409   1.00 22.89 ? 121 HIS A ND1   1 
ATOM   924  C  CD2   . HIS A 1 115 ? -7.764  -1.870  6.178   1.00 16.78 ? 121 HIS A CD2   1 
ATOM   925  C  CE1   . HIS A 1 115 ? -8.775  -1.833  8.154   1.00 22.39 ? 121 HIS A CE1   1 
ATOM   926  N  NE2   . HIS A 1 115 ? -7.784  -2.454  7.405   1.00 20.26 ? 121 HIS A NE2   1 
ATOM   927  N  N     . GLU A 1 116 ? -11.890 1.299   3.098   1.00 16.16 ? 122 GLU A N     1 
ATOM   928  C  CA    . GLU A 1 116 ? -12.213 2.363   2.128   1.00 17.97 ? 122 GLU A CA    1 
ATOM   929  C  C     . GLU A 1 116 ? -12.451 3.717   2.813   1.00 17.75 ? 122 GLU A C     1 
ATOM   930  O  O     . GLU A 1 116 ? -11.886 4.767   2.452   1.00 18.83 ? 122 GLU A O     1 
ATOM   931  C  CB    . GLU A 1 116 ? -13.462 1.993   1.299   1.00 18.81 ? 122 GLU A CB    1 
ATOM   932  C  CG    . GLU A 1 116 ? -13.803 3.103   0.288   1.00 19.71 ? 122 GLU A CG    1 
ATOM   933  C  CD    . GLU A 1 116 ? -15.056 2.815   -0.528  1.00 20.82 ? 122 GLU A CD    1 
ATOM   934  O  OE1   . GLU A 1 116 ? -15.737 1.789   -0.269  1.00 24.48 ? 122 GLU A OE1   1 
ATOM   935  O  OE2   . GLU A 1 116 ? -15.288 3.685   -1.416  1.00 24.19 ? 122 GLU A OE2   1 
ATOM   936  N  N     . GLN A 1 117 ? -13.283 3.720   3.865   1.00 19.92 ? 123 GLN A N     1 
ATOM   937  C  CA    A GLN A 1 117 ? -13.603 5.031   4.380   0.60 19.80 ? 123 GLN A CA    1 
ATOM   938  C  CA    B GLN A 1 117 ? -13.638 4.992   4.547   0.40 20.01 ? 123 GLN A CA    1 
ATOM   939  C  C     . GLN A 1 117 ? -12.432 5.682   5.195   1.00 17.50 ? 123 GLN A C     1 
ATOM   940  O  O     . GLN A 1 117 ? -12.222 6.931   5.128   1.00 18.52 ? 123 GLN A O     1 
ATOM   941  C  CB    A GLN A 1 117 ? -15.003 5.007   5.047   0.60 22.43 ? 123 GLN A CB    1 
ATOM   942  C  CB    B GLN A 1 117 ? -14.742 4.732   5.603   0.40 22.82 ? 123 GLN A CB    1 
ATOM   943  C  CG    A GLN A 1 117 ? -16.162 4.823   4.064   0.60 28.42 ? 123 GLN A CG    1 
ATOM   944  C  CG    B GLN A 1 117 ? -15.273 5.988   6.295   0.40 25.44 ? 123 GLN A CG    1 
ATOM   945  C  CD    A GLN A 1 117 ? -16.208 5.891   2.948   0.60 29.65 ? 123 GLN A CD    1 
ATOM   946  C  CD    B GLN A 1 117 ? -16.786 5.941   6.607   0.40 28.12 ? 123 GLN A CD    1 
ATOM   947  O  OE1   A GLN A 1 117 ? -16.299 5.552   1.763   0.60 30.21 ? 123 GLN A OE1   1 
ATOM   948  O  OE1   B GLN A 1 117 ? -17.515 6.943   6.423   0.40 26.96 ? 123 GLN A OE1   1 
ATOM   949  N  NE2   A GLN A 1 117 ? -16.092 7.183   3.326   0.60 33.11 ? 123 GLN A NE2   1 
ATOM   950  N  NE2   B GLN A 1 117 ? -17.267 4.784   7.070   0.40 28.60 ? 123 GLN A NE2   1 
ATOM   951  N  N     . LEU A 1 118 ? -11.606 4.858   5.857   1.00 17.58 ? 124 LEU A N     1 
ATOM   952  C  CA    . LEU A 1 118 ? -10.378 5.339   6.479   1.00 18.04 ? 124 LEU A CA    1 
ATOM   953  C  C     . LEU A 1 118 ? -9.497  6.051   5.437   1.00 16.39 ? 124 LEU A C     1 
ATOM   954  O  O     . LEU A 1 118 ? -8.953  7.128   5.582   1.00 16.61 ? 124 LEU A O     1 
ATOM   955  C  CB    . LEU A 1 118 ? -9.654  4.119   7.085   1.00 20.49 ? 124 LEU A CB    1 
ATOM   956  C  CG    . LEU A 1 118 ? -8.355  4.464   7.687   1.00 20.24 ? 124 LEU A CG    1 
ATOM   957  C  CD1   . LEU A 1 118 ? -8.607  5.067   9.080   1.00 22.86 ? 124 LEU A CD1   1 
ATOM   958  C  CD2   . LEU A 1 118 ? -7.498  3.204   7.833   1.00 25.61 ? 124 LEU A CD2   1 
ATOM   959  N  N     . LEU A 1 119 ? -9.333  5.363   4.249   1.00 16.15 ? 125 LEU A N     1 
ATOM   960  C  CA    A LEU A 1 119 ? -8.516  5.964   3.217   0.60 16.38 ? 125 LEU A CA    1 
ATOM   961  C  CA    B LEU A 1 119 ? -8.523  5.924   3.198   0.40 15.95 ? 125 LEU A CA    1 
ATOM   962  C  C     . LEU A 1 119 ? -9.124  7.177   2.505   1.00 13.48 ? 125 LEU A C     1 
ATOM   963  O  O     . LEU A 1 119 ? -8.400  8.093   2.191   1.00 15.54 ? 125 LEU A O     1 
ATOM   964  C  CB    A LEU A 1 119 ? -8.151  4.909   2.138   0.60 15.24 ? 125 LEU A CB    1 
ATOM   965  C  CB    B LEU A 1 119 ? -8.225  4.810   2.160   0.40 14.40 ? 125 LEU A CB    1 
ATOM   966  C  CG    A LEU A 1 119 ? -6.802  4.173   2.352   0.60 14.16 ? 125 LEU A CG    1 
ATOM   967  C  CG    B LEU A 1 119 ? -7.361  3.630   2.689   0.40 12.96 ? 125 LEU A CG    1 
ATOM   968  C  CD1   A LEU A 1 119 ? -6.684  3.387   3.671   0.60 15.85 ? 125 LEU A CD1   1 
ATOM   969  C  CD1   B LEU A 1 119 ? -7.353  2.477   1.675   0.40 13.75 ? 125 LEU A CD1   1 
ATOM   970  C  CD2   A LEU A 1 119 ? -6.694  3.163   1.225   0.60 17.23 ? 125 LEU A CD2   1 
ATOM   971  C  CD2   B LEU A 1 119 ? -5.929  4.080   3.093   0.40 14.08 ? 125 LEU A CD2   1 
ATOM   972  N  N     . ARG A 1 120 ? -10.418 7.197   2.319   1.00 15.08 ? 126 ARG A N     1 
ATOM   973  C  CA    . ARG A 1 120 ? -11.056 8.401   1.762   1.00 14.73 ? 126 ARG A CA    1 
ATOM   974  C  C     . ARG A 1 120 ? -10.928 9.610   2.728   1.00 15.57 ? 126 ARG A C     1 
ATOM   975  O  O     . ARG A 1 120 ? -10.796 10.735  2.247   1.00 16.76 ? 126 ARG A O     1 
ATOM   976  C  CB    . ARG A 1 120 ? -12.502 8.119   1.359   1.00 17.90 ? 126 ARG A CB    1 
ATOM   977  C  CG    . ARG A 1 120 ? -12.590 7.197   0.153   1.00 20.31 ? 126 ARG A CG    1 
ATOM   978  C  CD    . ARG A 1 120 ? -13.954 7.247   -0.511  1.00 21.45 ? 126 ARG A CD    1 
ATOM   979  N  NE    . ARG A 1 120 ? -14.084 6.233   -1.554  1.00 18.94 ? 126 ARG A NE    1 
ATOM   980  C  CZ    . ARG A 1 120 ? -13.587 6.358   -2.780  1.00 19.55 ? 126 ARG A CZ    1 
ATOM   981  N  NH1   . ARG A 1 120 ? -12.926 7.456   -3.122  1.00 20.08 ? 126 ARG A NH1   1 
ATOM   982  N  NH2   . ARG A 1 120 ? -13.754 5.386   -3.666  1.00 23.26 ? 126 ARG A NH2   1 
ATOM   983  N  N     . LYS A 1 121 ? -10.950 9.339   4.047   1.00 17.62 ? 127 LYS A N     1 
ATOM   984  C  CA    . LYS A 1 121 ? -10.750 10.418  4.971   1.00 18.73 ? 127 LYS A CA    1 
ATOM   985  C  C     . LYS A 1 121 ? -9.347  10.991  4.872   1.00 17.15 ? 127 LYS A C     1 
ATOM   986  O  O     . LYS A 1 121 ? -9.117  12.207  4.797   1.00 21.39 ? 127 LYS A O     1 
ATOM   987  C  CB    . LYS A 1 121 ? -11.091 9.904   6.388   1.00 18.99 ? 127 LYS A CB    1 
ATOM   988  C  CG    . LYS A 1 121 ? -10.781 10.976  7.493   1.00 20.40 ? 127 LYS A CG    1 
ATOM   989  C  CD    . LYS A 1 121 ? -11.741 12.173  7.284   1.00 21.53 ? 127 LYS A CD    1 
ATOM   990  C  CE    . LYS A 1 121 ? -11.666 13.200  8.446   1.00 23.29 ? 127 LYS A CE    1 
ATOM   991  N  NZ    . LYS A 1 121 ? -12.231 12.666  9.713   1.00 20.99 ? 127 LYS A NZ    1 
ATOM   992  N  N     . ALA A 1 122 ? -8.343  10.098  4.672   1.00 14.53 ? 128 ALA A N     1 
ATOM   993  C  CA    . ALA A 1 122 ? -6.988  10.575  4.483   1.00 17.12 ? 128 ALA A CA    1 
ATOM   994  C  C     . ALA A 1 122 ? -6.859  11.395  3.194   1.00 16.20 ? 128 ALA A C     1 
ATOM   995  O  O     . ALA A 1 122 ? -6.066  12.322  3.115   1.00 18.92 ? 128 ALA A O     1 
ATOM   996  C  CB    . ALA A 1 122 ? -6.006  9.368   4.459   1.00 17.73 ? 128 ALA A CB    1 
ATOM   997  N  N     . GLU A 1 123 ? -7.510  10.910  2.121   1.00 17.00 ? 129 GLU A N     1 
ATOM   998  C  CA    . GLU A 1 123 ? -7.441  11.606  0.837   1.00 17.64 ? 129 GLU A CA    1 
ATOM   999  C  C     . GLU A 1 123 ? -8.022  13.029  0.959   1.00 17.70 ? 129 GLU A C     1 
ATOM   1000 O  O     . GLU A 1 123 ? -7.415  13.940  0.456   1.00 19.25 ? 129 GLU A O     1 
ATOM   1001 C  CB    . GLU A 1 123 ? -8.100  10.800  -0.271  1.00 18.82 ? 129 GLU A CB    1 
ATOM   1002 C  CG    . GLU A 1 123 ? -7.879  11.463  -1.642  1.00 17.97 ? 129 GLU A CG    1 
ATOM   1003 C  CD    . GLU A 1 123 ? -8.559  10.739  -2.771  1.00 25.34 ? 129 GLU A CD    1 
ATOM   1004 O  OE1   . GLU A 1 123 ? -9.707  11.018  -3.110  1.00 31.69 ? 129 GLU A OE1   1 
ATOM   1005 O  OE2   . GLU A 1 123 ? -7.946  9.839   -3.301  1.00 28.80 ? 129 GLU A OE2   1 
ATOM   1006 N  N     . ALA A 1 124 ? -9.096  13.141  1.716   1.00 19.63 ? 130 ALA A N     1 
ATOM   1007 C  CA    . ALA A 1 124 ? -9.741  14.481  1.855   1.00 21.05 ? 130 ALA A CA    1 
ATOM   1008 C  C     . ALA A 1 124 ? -8.784  15.420  2.556   1.00 24.36 ? 130 ALA A C     1 
ATOM   1009 O  O     . ALA A 1 124 ? -8.573  16.590  2.147   1.00 25.52 ? 130 ALA A O     1 
ATOM   1010 C  CB    . ALA A 1 124 ? -11.075 14.358  2.579   1.00 20.51 ? 130 ALA A CB    1 
ATOM   1011 N  N     . GLN A 1 125 ? -8.083  14.897  3.553   1.00 21.83 ? 131 GLN A N     1 
ATOM   1012 C  CA    A GLN A 1 125 ? -7.132  15.722  4.275   0.50 22.14 ? 131 GLN A CA    1 
ATOM   1013 C  CA    B GLN A 1 125 ? -7.077  15.680  4.295   0.50 21.24 ? 131 GLN A CA    1 
ATOM   1014 C  C     . GLN A 1 125 ? -5.931  16.112  3.414   1.00 23.38 ? 131 GLN A C     1 
ATOM   1015 O  O     . GLN A 1 125 ? -5.513  17.269  3.403   1.00 27.30 ? 131 GLN A O     1 
ATOM   1016 C  CB    A GLN A 1 125 ? -6.751  15.056  5.597   0.50 25.81 ? 131 GLN A CB    1 
ATOM   1017 C  CB    B GLN A 1 125 ? -6.548  14.889  5.495   0.50 24.37 ? 131 GLN A CB    1 
ATOM   1018 C  CG    A GLN A 1 125 ? -6.184  15.983  6.662   0.50 27.17 ? 131 GLN A CG    1 
ATOM   1019 C  CG    B GLN A 1 125 ? -7.523  14.797  6.659   0.50 24.31 ? 131 GLN A CG    1 
ATOM   1020 C  CD    A GLN A 1 125 ? -7.040  17.215  6.989   0.50 31.34 ? 131 GLN A CD    1 
ATOM   1021 C  CD    B GLN A 1 125 ? -7.237  13.630  7.608   0.50 28.45 ? 131 GLN A CD    1 
ATOM   1022 O  OE1   A GLN A 1 125 ? -8.240  17.119  7.255   0.50 31.80 ? 131 GLN A OE1   1 
ATOM   1023 O  OE1   B GLN A 1 125 ? -6.600  12.642  7.237   0.50 27.94 ? 131 GLN A OE1   1 
ATOM   1024 N  NE2   A GLN A 1 125 ? -6.391  18.367  7.027   0.50 28.22 ? 131 GLN A NE2   1 
ATOM   1025 N  NE2   B GLN A 1 125 ? -7.777  13.709  8.811   0.50 30.17 ? 131 GLN A NE2   1 
ATOM   1026 N  N     . ALA A 1 126 ? -5.366  15.167  2.615   1.00 22.91 ? 132 ALA A N     1 
ATOM   1027 C  CA    . ALA A 1 126 ? -4.318  15.536  1.704   1.00 22.32 ? 132 ALA A CA    1 
ATOM   1028 C  C     . ALA A 1 126 ? -4.733  16.554  0.644   1.00 22.61 ? 132 ALA A C     1 
ATOM   1029 O  O     . ALA A 1 126 ? -3.910  17.392  0.226   1.00 25.81 ? 132 ALA A O     1 
ATOM   1030 C  CB    . ALA A 1 126 ? -3.779  14.243  1.002   1.00 22.26 ? 132 ALA A CB    1 
ATOM   1031 N  N     . LYS A 1 127 ? -5.941  16.399  0.139   1.00 22.67 ? 133 LYS A N     1 
ATOM   1032 C  CA    . LYS A 1 127 ? -6.489  17.347  -0.844  1.00 25.61 ? 133 LYS A CA    1 
ATOM   1033 C  C     . LYS A 1 127 ? -6.676  18.726  -0.219  1.00 27.09 ? 133 LYS A C     1 
ATOM   1034 O  O     . LYS A 1 127 ? -6.372  19.743  -0.858  1.00 29.95 ? 133 LYS A O     1 
ATOM   1035 C  CB    . LYS A 1 127 ? -7.828  16.884  -1.377  1.00 26.07 ? 133 LYS A CB    1 
ATOM   1036 C  CG    . LYS A 1 127 ? -8.217  17.623  -2.657  1.00 33.36 ? 133 LYS A CG    1 
ATOM   1037 C  CD    . LYS A 1 127 ? -9.468  17.011  -3.280  1.00 29.18 ? 133 LYS A CD    1 
ATOM   1038 C  CE    . LYS A 1 127 ? -9.274  15.542  -3.616  1.00 35.34 ? 133 LYS A CE    1 
ATOM   1039 N  NZ    . LYS A 1 127 ? -10.398 15.135  -4.500  1.00 38.66 ? 133 LYS A NZ    1 
ATOM   1040 N  N     . LYS A 1 128 ? -7.163  18.743  1.007   1.00 26.34 ? 134 LYS A N     1 
ATOM   1041 C  CA    . LYS A 1 128 ? -7.314  20.042  1.726   1.00 32.31 ? 134 LYS A CA    1 
ATOM   1042 C  C     . LYS A 1 128 ? -5.999  20.766  1.857   1.00 35.62 ? 134 LYS A C     1 
ATOM   1043 O  O     . LYS A 1 128 ? -5.954  22.023  1.741   1.00 37.10 ? 134 LYS A O     1 
ATOM   1044 C  CB    . LYS A 1 128 ? -7.860  19.792  3.108   1.00 32.94 ? 134 LYS A CB    1 
ATOM   1045 C  CG    . LYS A 1 128 ? -9.364  19.781  3.191   1.00 45.09 ? 134 LYS A CG    1 
ATOM   1046 C  CD    . LYS A 1 128 ? -9.761  20.587  4.424   1.00 53.24 ? 134 LYS A CD    1 
ATOM   1047 C  CE    . LYS A 1 128 ? -9.244  22.016  4.329   1.00 58.00 ? 134 LYS A CE    1 
ATOM   1048 N  NZ    . LYS A 1 128 ? -9.810  22.859  5.425   1.00 62.32 ? 134 LYS A NZ    1 
ATOM   1049 N  N     . GLU A 1 129 ? -4.935  20.013  2.152   1.00 28.84 ? 135 GLU A N     1 
ATOM   1050 C  CA    . GLU A 1 129 ? -3.589  20.561  2.367   1.00 32.38 ? 135 GLU A CA    1 
ATOM   1051 C  C     . GLU A 1 129 ? -2.877  20.814  1.040   1.00 27.61 ? 135 GLU A C     1 
ATOM   1052 O  O     . GLU A 1 129 ? -1.730  21.300  1.013   1.00 38.03 ? 135 GLU A O     1 
ATOM   1053 C  CB    . GLU A 1 129 ? -2.761  19.665  3.326   1.00 30.78 ? 135 GLU A CB    1 
ATOM   1054 C  CG    . GLU A 1 129 ? -3.341  19.605  4.731   1.00 34.42 ? 135 GLU A CG    1 
ATOM   1055 C  CD    . GLU A 1 129 ? -2.754  18.520  5.608   1.00 36.78 ? 135 GLU A CD    1 
ATOM   1056 O  OE1   . GLU A 1 129 ? -1.712  17.911  5.249   1.00 35.84 ? 135 GLU A OE1   1 
ATOM   1057 O  OE2   . GLU A 1 129 ? -3.365  18.260  6.667   1.00 44.09 ? 135 GLU A OE2   1 
ATOM   1058 N  N     . LYS A 1 130 ? -3.500  20.414  -0.063  1.00 33.33 ? 136 LYS A N     1 
ATOM   1059 C  CA    . LYS A 1 130 ? -2.955  20.590  -1.401  1.00 28.71 ? 136 LYS A CA    1 
ATOM   1060 C  C     . LYS A 1 130 ? -1.621  19.871  -1.604  1.00 35.65 ? 136 LYS A C     1 
ATOM   1061 O  O     . LYS A 1 130 ? -0.701  20.391  -2.223  1.00 36.41 ? 136 LYS A O     1 
ATOM   1062 C  CB    . LYS A 1 130 ? -2.814  22.115  -1.709  1.00 35.69 ? 136 LYS A CB    1 
ATOM   1063 C  CG    . LYS A 1 130 ? -4.149  22.796  -1.859  1.00 43.00 ? 136 LYS A CG    1 
ATOM   1064 C  CD    . LYS A 1 130 ? -4.550  22.846  -3.321  1.00 54.20 ? 136 LYS A CD    1 
ATOM   1065 C  CE    . LYS A 1 130 ? -5.973  23.367  -3.468  1.00 58.98 ? 136 LYS A CE    1 
ATOM   1066 N  NZ    . LYS A 1 130 ? -6.212  24.549  -2.586  1.00 54.58 ? 136 LYS A NZ    1 
ATOM   1067 N  N     . LEU A 1 131 ? -1.504  18.657  -1.069  1.00 28.89 ? 137 LEU A N     1 
ATOM   1068 C  CA    . LEU A 1 131 ? -0.223  17.956  -1.067  1.00 29.87 ? 137 LEU A CA    1 
ATOM   1069 C  C     . LEU A 1 131 ? 0.035   17.213  -2.369  1.00 31.12 ? 137 LEU A C     1 
ATOM   1070 O  O     . LEU A 1 131 ? -0.822  16.437  -2.857  1.00 30.69 ? 137 LEU A O     1 
ATOM   1071 C  CB    . LEU A 1 131 ? -0.186  16.928  0.072   1.00 29.99 ? 137 LEU A CB    1 
ATOM   1072 C  CG    . LEU A 1 131 ? -0.092  17.379  1.524   1.00 31.21 ? 137 LEU A CG    1 
ATOM   1073 C  CD1   . LEU A 1 131 ? 0.077   16.166  2.432   1.00 29.58 ? 137 LEU A CD1   1 
ATOM   1074 C  CD2   . LEU A 1 131 ? 1.066   18.360  1.721   1.00 34.07 ? 137 LEU A CD2   1 
ATOM   1075 N  N     . ASN A 1 132 ? 1.256   17.376  -2.891  1.00 30.11 ? 138 ASN A N     1 
ATOM   1076 C  CA    . ASN A 1 132 ? 1.759   16.527  -3.955  1.00 30.70 ? 138 ASN A CA    1 
ATOM   1077 C  C     . ASN A 1 132 ? 0.834   16.414  -5.187  1.00 32.41 ? 138 ASN A C     1 
ATOM   1078 O  O     . ASN A 1 132 ? 0.723   17.358  -5.986  1.00 34.29 ? 138 ASN A O     1 
ATOM   1079 C  CB    . ASN A 1 132 ? 2.182   15.172  -3.363  1.00 29.50 ? 138 ASN A CB    1 
ATOM   1080 C  CG    . ASN A 1 132 ? 3.463   15.290  -2.555  1.00 33.74 ? 138 ASN A CG    1 
ATOM   1081 O  OD1   . ASN A 1 132 ? 4.445   15.901  -3.043  1.00 34.74 ? 138 ASN A OD1   1 
ATOM   1082 N  ND2   . ASN A 1 132 ? 3.479   14.765  -1.331  1.00 27.66 ? 138 ASN A ND2   1 
ATOM   1083 N  N     . ILE A 1 133 ? 0.152   15.283  -5.370  1.00 26.40 ? 139 ILE A N     1 
ATOM   1084 C  CA    A ILE A 1 133 ? -0.807  15.109  -6.461  0.60 28.53 ? 139 ILE A CA    1 
ATOM   1085 C  CA    B ILE A 1 133 ? -0.752  15.170  -6.508  0.40 27.59 ? 139 ILE A CA    1 
ATOM   1086 C  C     . ILE A 1 133 ? -1.897  16.208  -6.486  1.00 29.57 ? 139 ILE A C     1 
ATOM   1087 O  O     . ILE A 1 133 ? -2.437  16.582  -7.551  1.00 30.98 ? 139 ILE A O     1 
ATOM   1088 C  CB    A ILE A 1 133 ? -1.444  13.692  -6.373  0.60 28.07 ? 139 ILE A CB    1 
ATOM   1089 C  CB    B ILE A 1 133 ? -1.247  13.714  -6.732  0.40 26.88 ? 139 ILE A CB    1 
ATOM   1090 C  CG1   A ILE A 1 133 ? -0.422  12.653  -6.804  0.60 26.96 ? 139 ILE A CG1   1 
ATOM   1091 C  CG1   B ILE A 1 133 ? -2.263  13.279  -5.674  0.40 26.89 ? 139 ILE A CG1   1 
ATOM   1092 C  CG2   A ILE A 1 133 ? -2.714  13.594  -7.212  0.60 33.20 ? 139 ILE A CG2   1 
ATOM   1093 C  CG2   B ILE A 1 133 ? -0.055  12.772  -6.768  0.40 23.79 ? 139 ILE A CG2   1 
ATOM   1094 C  CD1   A ILE A 1 133 ? -0.794  11.230  -6.452  0.60 25.72 ? 139 ILE A CD1   1 
ATOM   1095 C  CD1   B ILE A 1 133 ? -2.685  11.836  -5.802  0.40 26.96 ? 139 ILE A CD1   1 
ATOM   1096 N  N     . TRP A 1 134 ? -2.251  16.677  -5.293  1.00 29.37 ? 140 TRP A N     1 
ATOM   1097 C  CA    . TRP A 1 134 ? -3.339  17.662  -5.148  1.00 28.40 ? 140 TRP A CA    1 
ATOM   1098 C  C     . TRP A 1 134 ? -2.790  19.065  -5.142  1.00 32.65 ? 140 TRP A C     1 
ATOM   1099 O  O     . TRP A 1 134 ? -3.494  19.998  -4.744  1.00 36.18 ? 140 TRP A O     1 
ATOM   1100 C  CB    . TRP A 1 134 ? -4.094  17.424  -3.856  1.00 27.69 ? 140 TRP A CB    1 
ATOM   1101 C  CG    . TRP A 1 134 ? -4.556  16.023  -3.728  1.00 25.68 ? 140 TRP A CG    1 
ATOM   1102 C  CD1   . TRP A 1 134 ? -4.177  15.095  -2.749  1.00 24.45 ? 140 TRP A CD1   1 
ATOM   1103 C  CD2   . TRP A 1 134 ? -5.478  15.300  -4.617  1.00 21.23 ? 140 TRP A CD2   1 
ATOM   1104 N  NE1   . TRP A 1 134 ? -4.765  13.884  -3.014  1.00 22.37 ? 140 TRP A NE1   1 
ATOM   1105 C  CE2   . TRP A 1 134 ? -5.593  13.944  -4.083  1.00 23.39 ? 140 TRP A CE2   1 
ATOM   1106 C  CE3   . TRP A 1 134 ? -6.199  15.625  -5.776  1.00 23.10 ? 140 TRP A CE3   1 
ATOM   1107 C  CZ2   . TRP A 1 134 ? -6.408  12.997  -4.663  1.00 25.15 ? 140 TRP A CZ2   1 
ATOM   1108 C  CZ3   . TRP A 1 134 ? -7.009  14.664  -6.351  1.00 25.35 ? 140 TRP A CZ3   1 
ATOM   1109 C  CH2   . TRP A 1 134 ? -7.103  13.359  -5.817  1.00 29.81 ? 140 TRP A CH2   1 
ATOM   1110 N  N     . SER A 1 135 ? -1.542  19.250  -5.525  1.00 33.88 ? 141 SER A N     1 
ATOM   1111 C  CA    . SER A 1 135 ? -0.991  20.629  -5.531  1.00 35.03 ? 141 SER A CA    1 
ATOM   1112 C  C     . SER A 1 135 ? -1.180  21.317  -6.883  1.00 42.89 ? 141 SER A C     1 
ATOM   1113 O  O     . SER A 1 135 ? -1.958  20.846  -7.721  1.00 46.86 ? 141 SER A O     1 
ATOM   1114 C  CB    . SER A 1 135 ? 0.464   20.627  -5.118  1.00 33.34 ? 141 SER A CB    1 
ATOM   1115 O  OG    . SER A 1 135 ? 1.279   20.039  -6.116  1.00 39.93 ? 141 SER A OG    1 
HETATM 1116 CA CA    . CA  B 2 .   ? 0.010   2.147   -10.102 1.00 25.35 ? 201 CA  A CA    1 
HETATM 1117 P  P2    . THP C 3 .   ? -1.538  -1.376  -11.436 1.00 18.20 ? 202 THP A P2    1 
HETATM 1118 O  O4P   . THP C 3 .   ? -0.491  -1.975  -10.562 1.00 18.88 ? 202 THP A O4P   1 
HETATM 1119 O  O5P   . THP C 3 .   ? -2.063  -0.001  -10.981 1.00 19.05 ? 202 THP A O5P   1 
HETATM 1120 O  O6P   . THP C 3 .   ? -1.163  -1.259  -12.916 1.00 21.23 ? 202 THP A O6P   1 
HETATM 1121 P  P1    . THP C 3 .   ? -5.194  -3.784  -15.669 1.00 20.66 ? 202 THP A P1    1 
HETATM 1122 O  O1P   . THP C 3 .   ? -5.960  -4.646  -16.670 1.00 23.75 ? 202 THP A O1P   1 
HETATM 1123 O  O2P   . THP C 3 .   ? -3.723  -4.206  -15.591 1.00 22.83 ? 202 THP A O2P   1 
HETATM 1124 O  O3P   . THP C 3 .   ? -5.352  -2.360  -15.802 1.00 22.58 ? 202 THP A O3P   1 
HETATM 1125 O  "O5'" . THP C 3 .   ? -2.637  -2.322  -11.265 1.00 16.52 ? 202 THP A "O5'" 1 
HETATM 1126 C  "C5'" . THP C 3 .   ? -3.955  -2.199  -11.939 1.00 19.68 ? 202 THP A "C5'" 1 
HETATM 1127 C  "C4'" . THP C 3 .   ? -4.366  -3.557  -12.453 1.00 17.78 ? 202 THP A "C4'" 1 
HETATM 1128 O  "O4'" . THP C 3 .   ? -4.509  -4.545  -11.472 1.00 18.50 ? 202 THP A "O4'" 1 
HETATM 1129 C  "C3'" . THP C 3 .   ? -5.795  -3.477  -13.050 1.00 20.74 ? 202 THP A "C3'" 1 
HETATM 1130 O  "O3'" . THP C 3 .   ? -5.926  -4.292  -14.300 1.00 21.52 ? 202 THP A "O3'" 1 
HETATM 1131 C  "C2'" . THP C 3 .   ? -6.706  -4.027  -11.976 1.00 19.50 ? 202 THP A "C2'" 1 
HETATM 1132 C  "C1'" . THP C 3 .   ? -5.782  -5.036  -11.232 1.00 19.38 ? 202 THP A "C1'" 1 
HETATM 1133 N  N1    . THP C 3 .   ? -6.121  -4.938  -9.743  1.00 17.88 ? 202 THP A N1    1 
HETATM 1134 C  C2    . THP C 3 .   ? -7.073  -5.834  -9.245  1.00 19.97 ? 202 THP A C2    1 
HETATM 1135 O  O2    . THP C 3 .   ? -7.557  -6.721  -9.999  1.00 22.71 ? 202 THP A O2    1 
HETATM 1136 N  N3    . THP C 3 .   ? -7.481  -5.837  -7.974  1.00 17.59 ? 202 THP A N3    1 
HETATM 1137 C  C4    . THP C 3 .   ? -6.946  -4.836  -7.189  1.00 17.79 ? 202 THP A C4    1 
HETATM 1138 O  O4    . THP C 3 .   ? -7.400  -4.772  -6.004  1.00 17.52 ? 202 THP A O4    1 
HETATM 1139 C  C5    . THP C 3 .   ? -5.982  -3.852  -7.689  1.00 16.41 ? 202 THP A C5    1 
HETATM 1140 C  C5M   . THP C 3 .   ? -5.394  -2.813  -6.705  1.00 16.80 ? 202 THP A C5M   1 
HETATM 1141 C  C6    . THP C 3 .   ? -5.559  -3.928  -9.018  1.00 18.56 ? 202 THP A C6    1 
HETATM 1142 O  O     . HOH D 4 .   ? 4.215   -15.266 6.955   1.00 20.03 ? 301 HOH A O     1 
HETATM 1143 O  O     . HOH D 4 .   ? -8.002  -2.544  -4.421  1.00 16.70 ? 302 HOH A O     1 
HETATM 1144 O  O     . HOH D 4 .   ? -4.214  11.473  -1.634  1.00 20.26 ? 303 HOH A O     1 
HETATM 1145 O  O     . HOH D 4 .   ? 11.680  -18.706 0.102   1.00 19.95 ? 304 HOH A O     1 
HETATM 1146 O  O     . HOH D 4 .   ? 3.549   -12.748 -6.561  1.00 27.45 ? 305 HOH A O     1 
HETATM 1147 O  O     . HOH D 4 .   ? -12.637 5.173   -6.349  1.00 26.01 ? 306 HOH A O     1 
HETATM 1148 O  O     . HOH D 4 .   ? 7.549   -15.373 5.284   1.00 21.24 ? 307 HOH A O     1 
HETATM 1149 O  O     . HOH D 4 .   ? -4.703  -11.438 6.820   1.00 20.69 ? 308 HOH A O     1 
HETATM 1150 O  O     . HOH D 4 .   ? -7.678  8.062   7.833   1.00 25.66 ? 309 HOH A O     1 
HETATM 1151 O  O     . HOH D 4 .   ? -7.226  -9.410  0.165   1.00 21.09 ? 310 HOH A O     1 
HETATM 1152 O  O     . HOH D 4 .   ? -7.465  -10.706 7.291   1.00 24.06 ? 311 HOH A O     1 
HETATM 1153 O  O     . HOH D 4 .   ? 9.500   1.515   -3.903  1.00 27.21 ? 312 HOH A O     1 
HETATM 1154 O  O     . HOH D 4 .   ? 2.760   2.793   -9.302  1.00 24.01 ? 313 HOH A O     1 
HETATM 1155 O  O     . HOH D 4 .   ? 0.105   -16.218 8.994   1.00 25.63 ? 314 HOH A O     1 
HETATM 1156 O  O     . HOH D 4 .   ? 11.906  -4.089  6.755   1.00 27.72 ? 315 HOH A O     1 
HETATM 1157 O  O     . HOH D 4 .   ? 4.872   -10.217 12.768  1.00 28.90 ? 316 HOH A O     1 
HETATM 1158 O  O     . HOH D 4 .   ? -9.413  -7.653  -7.272  1.00 26.11 ? 317 HOH A O     1 
HETATM 1159 O  O     . HOH D 4 .   ? -7.088  -0.590  -14.919 1.00 23.19 ? 318 HOH A O     1 
HETATM 1160 O  O     . HOH D 4 .   ? -10.720 -3.585  -3.597  1.00 22.08 ? 319 HOH A O     1 
HETATM 1161 O  O     . HOH D 4 .   ? 3.696   -3.723  11.107  1.00 24.16 ? 320 HOH A O     1 
HETATM 1162 O  O     . HOH D 4 .   ? 5.528   4.712   -7.977  1.00 27.42 ? 321 HOH A O     1 
HETATM 1163 O  O     . HOH D 4 .   ? -10.699 -2.309  -13.058 1.00 25.46 ? 322 HOH A O     1 
HETATM 1164 O  O     . HOH D 4 .   ? 3.785   -0.504  -11.127 1.00 30.88 ? 323 HOH A O     1 
HETATM 1165 O  O     . HOH D 4 .   ? 2.736   -16.852 8.572   1.00 25.07 ? 324 HOH A O     1 
HETATM 1166 O  O     . HOH D 4 .   ? 8.342   7.281   3.811   1.00 29.77 ? 325 HOH A O     1 
HETATM 1167 O  O     . HOH D 4 .   ? 1.517   -0.294  -9.807  1.00 21.51 ? 326 HOH A O     1 
HETATM 1168 O  O     . HOH D 4 .   ? -9.754  -5.946  -4.694  1.00 24.48 ? 327 HOH A O     1 
HETATM 1169 O  O     . HOH D 4 .   ? -12.335 8.532   -5.796  1.00 28.21 ? 328 HOH A O     1 
HETATM 1170 O  O     . HOH D 4 .   ? -12.727 2.208   6.793   1.00 23.48 ? 329 HOH A O     1 
HETATM 1171 O  O     . HOH D 4 .   ? -9.775  -13.143 1.820   1.00 29.78 ? 330 HOH A O     1 
HETATM 1172 O  O     . HOH D 4 .   ? 7.957   13.731  -9.912  1.00 33.76 ? 331 HOH A O     1 
HETATM 1173 O  O     . HOH D 4 .   ? 9.277   -7.956  8.996   1.00 24.33 ? 332 HOH A O     1 
HETATM 1174 O  O     . HOH D 4 .   ? 2.913   -18.010 0.445   1.00 26.56 ? 333 HOH A O     1 
HETATM 1175 O  O     . HOH D 4 .   ? 11.149  -6.899  6.865   1.00 24.97 ? 334 HOH A O     1 
HETATM 1176 O  O     . HOH D 4 .   ? -1.148  5.064   -11.830 1.00 36.55 ? 335 HOH A O     1 
HETATM 1177 O  O     . HOH D 4 .   ? 3.247   -4.990  -10.803 1.00 25.47 ? 336 HOH A O     1 
HETATM 1178 O  O     . HOH D 4 .   ? 5.237   -22.086 2.291   1.00 29.61 ? 337 HOH A O     1 
HETATM 1179 O  O     . HOH D 4 .   ? 5.532   -12.824 13.730  1.00 22.35 ? 338 HOH A O     1 
HETATM 1180 O  O     . HOH D 4 .   ? 6.386   2.084   -11.580 1.00 33.00 ? 339 HOH A O     1 
HETATM 1181 O  O     . HOH D 4 .   ? -10.537 17.957  0.876   1.00 32.24 ? 340 HOH A O     1 
HETATM 1182 O  O     . HOH D 4 .   ? 8.976   2.550   8.527   1.00 31.06 ? 341 HOH A O     1 
HETATM 1183 O  O     . HOH D 4 .   ? 4.925   -17.208 -4.310  1.00 35.53 ? 342 HOH A O     1 
HETATM 1184 O  O     . HOH D 4 .   ? -3.317  1.821   -12.347 1.00 25.41 ? 343 HOH A O     1 
HETATM 1185 O  O     . HOH D 4 .   ? 8.238   -0.682  -2.822  1.00 24.46 ? 344 HOH A O     1 
HETATM 1186 O  O     . HOH D 4 .   ? -9.137  -6.608  -14.713 1.00 30.34 ? 345 HOH A O     1 
HETATM 1187 O  O     . HOH D 4 .   ? -12.240 11.530  0.104   1.00 27.12 ? 346 HOH A O     1 
HETATM 1188 O  O     . HOH D 4 .   ? -14.947 1.508   4.820   1.00 27.68 ? 347 HOH A O     1 
HETATM 1189 O  O     . HOH D 4 .   ? 13.060  -11.421 3.562   1.00 27.99 ? 348 HOH A O     1 
HETATM 1190 O  O     . HOH D 4 .   ? -7.418  -9.177  -10.845 1.00 31.43 ? 349 HOH A O     1 
HETATM 1191 O  O     . HOH D 4 .   ? 6.611   -9.640  10.707  1.00 27.44 ? 350 HOH A O     1 
HETATM 1192 O  O     . HOH D 4 .   ? -7.912  -15.482 -3.236  1.00 41.49 ? 351 HOH A O     1 
HETATM 1193 O  O     . HOH D 4 .   ? -9.474  -6.025  -11.964 1.00 30.68 ? 352 HOH A O     1 
HETATM 1194 O  O     . HOH D 4 .   ? -5.373  -16.206 -3.983  1.00 46.67 ? 353 HOH A O     1 
HETATM 1195 O  O     . HOH D 4 .   ? 12.265  6.549   -6.470  1.00 38.00 ? 354 HOH A O     1 
HETATM 1196 O  O     . HOH D 4 .   ? 8.004   -13.520 7.796   1.00 28.31 ? 355 HOH A O     1 
HETATM 1197 O  O     . HOH D 4 .   ? -11.363 0.544   8.495   1.00 29.97 ? 356 HOH A O     1 
HETATM 1198 O  O     . HOH D 4 .   ? -4.588  7.223   -10.102 1.00 38.12 ? 357 HOH A O     1 
HETATM 1199 O  O     . HOH D 4 .   ? -7.844  -3.881  10.320  1.00 30.64 ? 358 HOH A O     1 
HETATM 1200 O  O     . HOH D 4 .   ? -0.706  5.180   8.022   1.00 30.92 ? 359 HOH A O     1 
HETATM 1201 O  O     . HOH D 4 .   ? 2.804   -20.762 0.879   1.00 40.51 ? 360 HOH A O     1 
HETATM 1202 O  O     . HOH D 4 .   ? -12.513 -9.839  -4.216  1.00 39.80 ? 361 HOH A O     1 
HETATM 1203 O  O     . HOH D 4 .   ? 13.325  6.522   -0.283  1.00 40.14 ? 362 HOH A O     1 
HETATM 1204 O  O     . HOH D 4 .   ? -1.928  -13.769 -1.899  1.00 36.28 ? 363 HOH A O     1 
HETATM 1205 O  O     . HOH D 4 .   ? 1.934   -10.234 12.311  1.00 28.95 ? 364 HOH A O     1 
HETATM 1206 O  O     . HOH D 4 .   ? 10.046  2.394   -8.677  1.00 32.76 ? 365 HOH A O     1 
HETATM 1207 O  O     . HOH D 4 .   ? 1.390   10.128  5.500   1.00 38.82 ? 366 HOH A O     1 
HETATM 1208 O  O     . HOH D 4 .   ? -9.869  -12.527 5.138   1.00 38.98 ? 367 HOH A O     1 
HETATM 1209 O  O     . HOH D 4 .   ? -3.346  -16.099 2.545   1.00 34.92 ? 368 HOH A O     1 
HETATM 1210 O  O     . HOH D 4 .   ? 8.087   -12.097 10.102  1.00 23.92 ? 369 HOH A O     1 
HETATM 1211 O  O     . HOH D 4 .   ? 4.114   -17.125 11.039  1.00 22.51 ? 370 HOH A O     1 
HETATM 1212 O  O     . HOH D 4 .   ? 6.374   3.230   9.338   1.00 30.77 ? 371 HOH A O     1 
HETATM 1213 O  O     . HOH D 4 .   ? -1.145  8.102   7.495   1.00 37.07 ? 372 HOH A O     1 
HETATM 1214 O  O     . HOH D 4 .   ? -0.176  -15.442 11.736  1.00 24.73 ? 373 HOH A O     1 
HETATM 1215 O  O     . HOH D 4 .   ? -1.069  -13.193 12.808  1.00 25.90 ? 374 HOH A O     1 
HETATM 1216 O  O     . HOH D 4 .   ? -9.637  9.030   -5.552  1.00 21.02 ? 375 HOH A O     1 
HETATM 1217 O  O     . HOH D 4 .   ? -2.014  0.518   -14.762 1.00 26.24 ? 376 HOH A O     1 
HETATM 1218 O  O     . HOH D 4 .   ? 2.246   -16.322 12.890  1.00 22.61 ? 377 HOH A O     1 
HETATM 1219 O  O     . HOH D 4 .   ? 3.123   -14.100 14.508  1.00 23.52 ? 378 HOH A O     1 
HETATM 1220 O  O     . HOH D 4 .   ? -14.511 -6.152  2.243   1.00 35.71 ? 379 HOH A O     1 
HETATM 1221 O  O     . HOH D 4 .   ? 0.448   -5.071  -13.608 1.00 26.52 ? 380 HOH A O     1 
HETATM 1222 O  O     . HOH D 4 .   ? -14.763 8.375   5.517   1.00 29.28 ? 381 HOH A O     1 
HETATM 1223 O  O     . HOH D 4 .   ? -11.884 9.831   -1.954  1.00 32.13 ? 382 HOH A O     1 
HETATM 1224 O  O     . HOH D 4 .   ? -2.459  8.270   -8.764  1.00 32.70 ? 383 HOH A O     1 
HETATM 1225 O  O     . HOH D 4 .   ? 10.913  15.678  -5.051  1.00 39.16 ? 384 HOH A O     1 
HETATM 1226 O  O     . HOH D 4 .   ? -3.566  -12.377 -16.247 1.00 32.02 ? 385 HOH A O     1 
HETATM 1227 O  O     . HOH D 4 .   ? 5.623   -4.136  -9.711  1.00 32.86 ? 386 HOH A O     1 
HETATM 1228 O  O     . HOH D 4 .   ? -5.700  -1.041  10.851  1.00 38.01 ? 387 HOH A O     1 
HETATM 1229 O  O     . HOH D 4 .   ? 7.214   -14.372 -6.692  1.00 38.51 ? 388 HOH A O     1 
HETATM 1230 O  O     . HOH D 4 .   ? -16.051 -0.518  3.346   1.00 34.18 ? 389 HOH A O     1 
HETATM 1231 O  O     . HOH D 4 .   ? 14.394  -2.818  -1.008  1.00 35.53 ? 390 HOH A O     1 
HETATM 1232 O  O     . HOH D 4 .   ? -10.912 13.423  -1.328  1.00 32.70 ? 391 HOH A O     1 
HETATM 1233 O  O     . HOH D 4 .   ? -12.119 16.252  -0.583  1.00 29.36 ? 392 HOH A O     1 
HETATM 1234 O  O     . HOH D 4 .   ? -11.630 18.651  3.694   1.00 35.80 ? 393 HOH A O     1 
HETATM 1235 O  O     . HOH D 4 .   ? -4.062  -1.210  12.690  1.00 42.19 ? 394 HOH A O     1 
HETATM 1236 O  O     . HOH D 4 .   ? -1.689  -0.721  13.713  1.00 42.59 ? 395 HOH A O     1 
HETATM 1237 O  O     . HOH D 4 .   ? 3.202   -17.983 -2.537  1.00 36.75 ? 396 HOH A O     1 
HETATM 1238 O  O     . HOH D 4 .   ? -14.589 13.057  1.709   1.00 29.33 ? 397 HOH A O     1 
HETATM 1239 O  O     . HOH D 4 .   ? -4.208  -8.860  13.740  1.00 36.13 ? 398 HOH A O     1 
HETATM 1240 O  O     . HOH D 4 .   ? -5.324  -11.255 14.740  1.00 39.72 ? 399 HOH A O     1 
HETATM 1241 O  O     . HOH D 4 .   ? 14.913  -12.483 1.533   1.00 37.77 ? 400 HOH A O     1 
HETATM 1242 O  O     . HOH D 4 .   ? 13.094  -16.899 -1.194  1.00 35.16 ? 401 HOH A O     1 
HETATM 1243 O  O     . HOH D 4 .   ? 2.699   -19.688 8.090   1.00 35.85 ? 402 HOH A O     1 
HETATM 1244 O  O     . HOH D 4 .   ? -0.910  3.087   -13.874 1.00 37.50 ? 403 HOH A O     1 
HETATM 1245 O  O     . HOH D 4 .   ? 9.409   2.283   11.289  1.00 37.04 ? 404 HOH A O     1 
HETATM 1246 O  O     . HOH D 4 .   ? 1.640   -7.330  -14.508 1.00 29.05 ? 405 HOH A O     1 
HETATM 1247 O  O     . HOH D 4 .   ? 3.712   9.180   6.890   1.00 40.60 ? 406 HOH A O     1 
HETATM 1248 O  O     . HOH D 4 .   ? 0.588   16.719  6.626   1.00 46.04 ? 407 HOH A O     1 
HETATM 1249 O  O     . HOH D 4 .   ? -9.700  10.642  -7.822  1.00 33.20 ? 408 HOH A O     1 
HETATM 1250 O  O     . HOH D 4 .   ? -10.755 12.604  -4.773  1.00 44.27 ? 409 HOH A O     1 
HETATM 1251 O  O     . HOH D 4 .   ? 7.014   -8.464  -9.538  1.00 33.26 ? 410 HOH A O     1 
HETATM 1252 O  O     . HOH D 4 .   ? 2.834   12.639  -15.443 1.00 41.72 ? 411 HOH A O     1 
HETATM 1253 O  O     . HOH D 4 .   ? 8.868   10.871  -1.346  1.00 28.57 ? 412 HOH A O     1 
HETATM 1254 O  O     . HOH D 4 .   ? 15.049  3.398   2.629   1.00 41.25 ? 413 HOH A O     1 
HETATM 1255 O  O     . HOH D 4 .   ? 1.797   -4.042  14.233  1.00 43.67 ? 414 HOH A O     1 
HETATM 1256 O  O     . HOH D 4 .   ? -2.362  -15.843 -0.090  1.00 41.06 ? 415 HOH A O     1 
HETATM 1257 O  O     . HOH D 4 .   ? -2.268  2.873   10.320  1.00 35.98 ? 416 HOH A O     1 
HETATM 1258 O  O     . HOH D 4 .   ? -17.002 1.289   2.071   1.00 40.85 ? 417 HOH A O     1 
HETATM 1259 O  O     . HOH D 4 .   ? 6.922   14.958  -3.240  1.00 40.83 ? 418 HOH A O     1 
HETATM 1260 O  O     . HOH D 4 .   ? 2.392   -3.147  -12.990 1.00 39.45 ? 419 HOH A O     1 
HETATM 1261 O  O     . HOH D 4 .   ? 12.951  4.675   -4.537  1.00 43.58 ? 420 HOH A O     1 
HETATM 1262 O  O     . HOH D 4 .   ? 14.723  6.309   -2.888  1.00 43.29 ? 421 HOH A O     1 
HETATM 1263 O  O     . HOH D 4 .   ? 11.849  1.947   -5.240  1.00 45.09 ? 422 HOH A O     1 
HETATM 1264 O  O     . HOH D 4 .   ? 9.232   9.717   3.320   1.00 42.36 ? 423 HOH A O     1 
HETATM 1265 O  O     . HOH D 4 .   ? -9.609  -12.194 7.696   1.00 40.84 ? 424 HOH A O     1 
HETATM 1266 O  O     . HOH D 4 .   ? -10.332 -5.240  11.007  1.00 45.34 ? 425 HOH A O     1 
HETATM 1267 O  O     . HOH D 4 .   ? -13.443 -1.223  9.386   1.00 40.74 ? 426 HOH A O     1 
HETATM 1268 O  O     . HOH D 4 .   ? -9.430  -10.463 -11.801 1.00 38.67 ? 427 HOH A O     1 
HETATM 1269 O  O     . HOH D 4 .   ? 3.344   -11.946 -9.263  1.00 48.13 ? 428 HOH A O     1 
HETATM 1270 O  O     . HOH D 4 .   ? -11.833 -7.249  -11.431 1.00 40.96 ? 429 HOH A O     1 
HETATM 1271 O  O     . HOH D 4 .   ? -10.778 15.853  5.909   1.00 34.30 ? 430 HOH A O     1 
HETATM 1272 O  O     . HOH D 4 .   ? 10.687  9.330   -13.423 1.00 42.41 ? 431 HOH A O     1 
HETATM 1273 O  O     . HOH D 4 .   ? 10.315  9.710   0.866   1.00 48.31 ? 432 HOH A O     1 
HETATM 1274 O  O     . HOH D 4 .   ? -1.959  -9.945  14.270  1.00 36.65 ? 433 HOH A O     1 
HETATM 1275 O  O     . HOH D 4 .   ? 9.065   1.166   -11.190 1.00 40.13 ? 434 HOH A O     1 
HETATM 1276 O  O     . HOH D 4 .   ? 0.220   -17.370 0.069   1.00 42.68 ? 435 HOH A O     1 
# 
loop_
_pdbx_poly_seq_scheme.asym_id 
_pdbx_poly_seq_scheme.entity_id 
_pdbx_poly_seq_scheme.seq_id 
_pdbx_poly_seq_scheme.mon_id 
_pdbx_poly_seq_scheme.ndb_seq_num 
_pdbx_poly_seq_scheme.pdb_seq_num 
_pdbx_poly_seq_scheme.auth_seq_num 
_pdbx_poly_seq_scheme.pdb_mon_id 
_pdbx_poly_seq_scheme.auth_mon_id 
_pdbx_poly_seq_scheme.pdb_strand_id 
_pdbx_poly_seq_scheme.pdb_ins_code 
_pdbx_poly_seq_scheme.hetero 
A 1 1   ALA 1   1   ?   ?   ?   A . n 
A 1 2   THR 2   2   ?   ?   ?   A . n 
A 1 3   SER 3   3   ?   ?   ?   A . n 
A 1 4   THR 4   4   ?   ?   ?   A . n 
A 1 5   LYS 5   5   ?   ?   ?   A . n 
A 1 6   LYS 6   6   ?   ?   ?   A . n 
A 1 7   LEU 7   7   7   LEU LEU A . n 
A 1 8   HIS 8   8   8   HIS HIS A . n 
A 1 9   LYS 9   9   9   LYS LYS A . n 
A 1 10  GLU 10  10  10  GLU GLU A . n 
A 1 11  PRO 11  11  11  PRO PRO A . n 
A 1 12  ALA 12  12  12  ALA ALA A . n 
A 1 13  THR 13  13  13  THR THR A . n 
A 1 14  LEU 14  14  14  LEU LEU A . n 
A 1 15  ILE 15  15  15  ILE ILE A . n 
A 1 16  LYS 16  16  16  LYS LYS A . n 
A 1 17  ALA 17  17  17  ALA ALA A . n 
A 1 18  ILE 18  18  18  ILE ILE A . n 
A 1 19  ASP 19  19  19  ASP ASP A . n 
A 1 20  GLY 20  20  20  GLY GLY A . n 
A 1 21  ASP 21  21  21  ASP ASP A . n 
A 1 22  THR 22  22  22  THR THR A . n 
A 1 23  VAL 23  23  23  VAL VAL A . n 
A 1 24  LYS 24  24  24  LYS LYS A . n 
A 1 25  LEU 25  25  25  LEU LEU A . n 
A 1 26  MET 26  26  26  MET MET A . n 
A 1 27  TYR 27  27  27  TYR TYR A . n 
A 1 28  LYS 28  28  28  LYS LYS A . n 
A 1 29  GLY 29  29  29  GLY GLY A . n 
A 1 30  GLN 30  30  30  GLN GLN A . n 
A 1 31  PRO 31  31  31  PRO PRO A . n 
A 1 32  MET 32  32  32  MET MET A . n 
A 1 33  THR 33  33  33  THR THR A . n 
A 1 34  PHE 34  34  34  PHE PHE A . n 
A 1 35  ARG 35  35  35  ARG ARG A . n 
A 1 36  LEU 36  36  36  LEU LEU A . n 
A 1 37  LEU 37  37  37  LEU LEU A . n 
A 1 38  LEU 38  38  38  LEU LEU A . n 
A 1 39  VAL 39  39  39  VAL VAL A . n 
A 1 40  ASP 40  40  40  ASP ASP A . n 
A 1 41  THR 41  41  41  THR THR A . n 
A 1 42  PRO 42  42  42  PRO PRO A . n 
A 1 43  GLU 43  43  43  GLU GLU A . n 
A 1 44  PHE 44  50  50  PHE PHE A . n 
A 1 45  ASN 45  51  51  ASN ASN A . n 
A 1 46  GLU 46  52  52  GLU GLU A . n 
A 1 47  LYS 47  53  53  LYS LYS A . n 
A 1 48  TYR 48  54  54  TYR TYR A . n 
A 1 49  GLY 49  55  55  GLY GLY A . n 
A 1 50  PRO 50  56  56  PRO PRO A . n 
A 1 51  GLU 51  57  57  GLU GLU A . n 
A 1 52  ALA 52  58  58  ALA ALA A . n 
A 1 53  SER 53  59  59  SER SER A . n 
A 1 54  ALA 54  60  60  ALA ALA A . n 
A 1 55  PHE 55  61  61  PHE PHE A . n 
A 1 56  THR 56  62  62  THR THR A . n 
A 1 57  LYS 57  63  63  LYS LYS A . n 
A 1 58  LYS 58  64  64  LYS LYS A . n 
A 1 59  MET 59  65  65  MET MET A . n 
A 1 60  VAL 60  66  66  VAL VAL A . n 
A 1 61  GLU 61  67  67  GLU GLU A . n 
A 1 62  ASN 62  68  68  ASN ASN A . n 
A 1 63  ALA 63  69  69  ALA ALA A . n 
A 1 64  LYS 64  70  70  LYS LYS A . n 
A 1 65  LYS 65  71  71  LYS LYS A . n 
A 1 66  ILE 66  72  72  ILE ILE A . n 
A 1 67  GLU 67  73  73  GLU GLU A . n 
A 1 68  VAL 68  74  74  VAL VAL A . n 
A 1 69  GLU 69  75  75  GLU GLU A . n 
A 1 70  PHE 70  76  76  PHE PHE A . n 
A 1 71  ASP 71  77  77  ASP ASP A . n 
A 1 72  LYS 72  78  78  LYS LYS A . n 
A 1 73  GLY 73  79  79  GLY GLY A . n 
A 1 74  GLN 74  80  80  GLN GLN A . n 
A 1 75  ARG 75  81  81  ARG ARG A . n 
A 1 76  THR 76  82  82  THR THR A . n 
A 1 77  ASP 77  83  83  ASP ASP A . n 
A 1 78  LYS 78  84  84  LYS LYS A . n 
A 1 79  TYR 79  85  85  TYR TYR A . n 
A 1 80  GLY 80  86  86  GLY GLY A . n 
A 1 81  ARG 81  87  87  ARG ARG A . n 
A 1 82  GLY 82  88  88  GLY GLY A . n 
A 1 83  LEU 83  89  89  LEU LEU A . n 
A 1 84  ALA 84  90  90  ALA ALA A . n 
A 1 85  TYR 85  91  91  TYR TYR A . n 
A 1 86  ASN 86  92  92  ASN ASN A . n 
A 1 87  TYR 87  93  93  TYR TYR A . n 
A 1 88  ALA 88  94  94  ALA ALA A . n 
A 1 89  ASP 89  95  95  ASP ASP A . n 
A 1 90  GLY 90  96  96  GLY GLY A . n 
A 1 91  LYS 91  97  97  LYS LYS A . n 
A 1 92  MET 92  98  98  MET MET A . n 
A 1 93  VAL 93  99  99  VAL VAL A . n 
A 1 94  ASN 94  100 100 ASN ASN A . n 
A 1 95  GLU 95  101 101 GLU GLU A . n 
A 1 96  ALA 96  102 102 ALA ALA A . n 
A 1 97  LEU 97  103 103 LEU LEU A . n 
A 1 98  VAL 98  104 104 VAL VAL A . n 
A 1 99  ARG 99  105 105 ARG ARG A . n 
A 1 100 GLN 100 106 106 GLN GLN A . n 
A 1 101 GLY 101 107 107 GLY GLY A . n 
A 1 102 LEU 102 108 108 LEU LEU A . n 
A 1 103 ALA 103 109 109 ALA ALA A . n 
A 1 104 LYS 104 110 110 LYS LYS A . n 
A 1 105 VAL 105 111 111 VAL VAL A . n 
A 1 106 ALA 106 112 112 ALA ALA A . n 
A 1 107 TYR 107 113 113 TYR TYR A . n 
A 1 108 VAL 108 114 114 VAL VAL A . n 
A 1 109 TYR 109 115 115 TYR TYR A . n 
A 1 110 LYS 110 116 116 LYS LYS A . n 
A 1 111 GLY 111 117 117 GLY GLY A . n 
A 1 112 ASN 112 118 118 ASN ASN A . n 
A 1 113 ASN 113 119 119 ASN ASN A . n 
A 1 114 THR 114 120 120 THR THR A . n 
A 1 115 HIS 115 121 121 HIS HIS A . n 
A 1 116 GLU 116 122 122 GLU GLU A . n 
A 1 117 GLN 117 123 123 GLN GLN A . n 
A 1 118 LEU 118 124 124 LEU LEU A . n 
A 1 119 LEU 119 125 125 LEU LEU A . n 
A 1 120 ARG 120 126 126 ARG ARG A . n 
A 1 121 LYS 121 127 127 LYS LYS A . n 
A 1 122 ALA 122 128 128 ALA ALA A . n 
A 1 123 GLU 123 129 129 GLU GLU A . n 
A 1 124 ALA 124 130 130 ALA ALA A . n 
A 1 125 GLN 125 131 131 GLN GLN A . n 
A 1 126 ALA 126 132 132 ALA ALA A . n 
A 1 127 LYS 127 133 133 LYS LYS A . n 
A 1 128 LYS 128 134 134 LYS LYS A . n 
A 1 129 GLU 129 135 135 GLU GLU A . n 
A 1 130 LYS 130 136 136 LYS LYS A . n 
A 1 131 LEU 131 137 137 LEU LEU A . n 
A 1 132 ASN 132 138 138 ASN ASN A . n 
A 1 133 ILE 133 139 139 ILE ILE A . n 
A 1 134 TRP 134 140 140 TRP TRP A . n 
A 1 135 SER 135 141 141 SER SER A . n 
A 1 136 GLU 136 142 ?   ?   ?   A . n 
A 1 137 ASP 137 143 ?   ?   ?   A . n 
A 1 138 ASN 138 144 ?   ?   ?   A . n 
A 1 139 ALA 139 145 ?   ?   ?   A . n 
A 1 140 ASP 140 146 ?   ?   ?   A . n 
A 1 141 SER 141 147 ?   ?   ?   A . n 
A 1 142 GLY 142 148 ?   ?   ?   A . n 
A 1 143 GLN 143 149 ?   ?   ?   A . n 
# 
loop_
_pdbx_nonpoly_scheme.asym_id 
_pdbx_nonpoly_scheme.entity_id 
_pdbx_nonpoly_scheme.mon_id 
_pdbx_nonpoly_scheme.ndb_seq_num 
_pdbx_nonpoly_scheme.pdb_seq_num 
_pdbx_nonpoly_scheme.auth_seq_num 
_pdbx_nonpoly_scheme.pdb_mon_id 
_pdbx_nonpoly_scheme.auth_mon_id 
_pdbx_nonpoly_scheme.pdb_strand_id 
_pdbx_nonpoly_scheme.pdb_ins_code 
B 2 CA  1   201 1   CA  CA  A . 
C 3 THP 1   202 1   THP THP A . 
D 4 HOH 1   301 1   HOH HOH A . 
D 4 HOH 2   302 2   HOH HOH A . 
D 4 HOH 3   303 3   HOH HOH A . 
D 4 HOH 4   304 4   HOH HOH A . 
D 4 HOH 5   305 5   HOH HOH A . 
D 4 HOH 6   306 6   HOH HOH A . 
D 4 HOH 7   307 7   HOH HOH A . 
D 4 HOH 8   308 8   HOH HOH A . 
D 4 HOH 9   309 9   HOH HOH A . 
D 4 HOH 10  310 10  HOH HOH A . 
D 4 HOH 11  311 11  HOH HOH A . 
D 4 HOH 12  312 12  HOH HOH A . 
D 4 HOH 13  313 13  HOH HOH A . 
D 4 HOH 14  314 14  HOH HOH A . 
D 4 HOH 15  315 15  HOH HOH A . 
D 4 HOH 16  316 17  HOH HOH A . 
D 4 HOH 17  317 18  HOH HOH A . 
D 4 HOH 18  318 19  HOH HOH A . 
D 4 HOH 19  319 20  HOH HOH A . 
D 4 HOH 20  320 21  HOH HOH A . 
D 4 HOH 21  321 22  HOH HOH A . 
D 4 HOH 22  322 23  HOH HOH A . 
D 4 HOH 23  323 24  HOH HOH A . 
D 4 HOH 24  324 25  HOH HOH A . 
D 4 HOH 25  325 26  HOH HOH A . 
D 4 HOH 26  326 27  HOH HOH A . 
D 4 HOH 27  327 28  HOH HOH A . 
D 4 HOH 28  328 29  HOH HOH A . 
D 4 HOH 29  329 30  HOH HOH A . 
D 4 HOH 30  330 31  HOH HOH A . 
D 4 HOH 31  331 32  HOH HOH A . 
D 4 HOH 32  332 33  HOH HOH A . 
D 4 HOH 33  333 34  HOH HOH A . 
D 4 HOH 34  334 35  HOH HOH A . 
D 4 HOH 35  335 36  HOH HOH A . 
D 4 HOH 36  336 37  HOH HOH A . 
D 4 HOH 37  337 38  HOH HOH A . 
D 4 HOH 38  338 39  HOH HOH A . 
D 4 HOH 39  339 41  HOH HOH A . 
D 4 HOH 40  340 42  HOH HOH A . 
D 4 HOH 41  341 43  HOH HOH A . 
D 4 HOH 42  342 44  HOH HOH A . 
D 4 HOH 43  343 45  HOH HOH A . 
D 4 HOH 44  344 46  HOH HOH A . 
D 4 HOH 45  345 47  HOH HOH A . 
D 4 HOH 46  346 48  HOH HOH A . 
D 4 HOH 47  347 49  HOH HOH A . 
D 4 HOH 48  348 50  HOH HOH A . 
D 4 HOH 49  349 51  HOH HOH A . 
D 4 HOH 50  350 52  HOH HOH A . 
D 4 HOH 51  351 53  HOH HOH A . 
D 4 HOH 52  352 54  HOH HOH A . 
D 4 HOH 53  353 55  HOH HOH A . 
D 4 HOH 54  354 56  HOH HOH A . 
D 4 HOH 55  355 57  HOH HOH A . 
D 4 HOH 56  356 58  HOH HOH A . 
D 4 HOH 57  357 59  HOH HOH A . 
D 4 HOH 58  358 60  HOH HOH A . 
D 4 HOH 59  359 61  HOH HOH A . 
D 4 HOH 60  360 62  HOH HOH A . 
D 4 HOH 61  361 63  HOH HOH A . 
D 4 HOH 62  362 64  HOH HOH A . 
D 4 HOH 63  363 65  HOH HOH A . 
D 4 HOH 64  364 66  HOH HOH A . 
D 4 HOH 65  365 67  HOH HOH A . 
D 4 HOH 66  366 68  HOH HOH A . 
D 4 HOH 67  367 74  HOH HOH A . 
D 4 HOH 68  368 77  HOH HOH A . 
D 4 HOH 69  369 78  HOH HOH A . 
D 4 HOH 70  370 79  HOH HOH A . 
D 4 HOH 71  371 80  HOH HOH A . 
D 4 HOH 72  372 81  HOH HOH A . 
D 4 HOH 73  373 82  HOH HOH A . 
D 4 HOH 74  374 83  HOH HOH A . 
D 4 HOH 75  375 84  HOH HOH A . 
D 4 HOH 76  376 85  HOH HOH A . 
D 4 HOH 77  377 86  HOH HOH A . 
D 4 HOH 78  378 87  HOH HOH A . 
D 4 HOH 79  379 88  HOH HOH A . 
D 4 HOH 80  380 89  HOH HOH A . 
D 4 HOH 81  381 90  HOH HOH A . 
D 4 HOH 82  382 91  HOH HOH A . 
D 4 HOH 83  383 93  HOH HOH A . 
D 4 HOH 84  384 95  HOH HOH A . 
D 4 HOH 85  385 97  HOH HOH A . 
D 4 HOH 86  386 98  HOH HOH A . 
D 4 HOH 87  387 99  HOH HOH A . 
D 4 HOH 88  388 100 HOH HOH A . 
D 4 HOH 89  389 101 HOH HOH A . 
D 4 HOH 90  390 102 HOH HOH A . 
D 4 HOH 91  391 103 HOH HOH A . 
D 4 HOH 92  392 104 HOH HOH A . 
D 4 HOH 93  393 105 HOH HOH A . 
D 4 HOH 94  394 106 HOH HOH A . 
D 4 HOH 95  395 107 HOH HOH A . 
D 4 HOH 96  396 108 HOH HOH A . 
D 4 HOH 97  397 109 HOH HOH A . 
D 4 HOH 98  398 110 HOH HOH A . 
D 4 HOH 99  399 111 HOH HOH A . 
D 4 HOH 100 400 112 HOH HOH A . 
D 4 HOH 101 401 113 HOH HOH A . 
D 4 HOH 102 402 114 HOH HOH A . 
D 4 HOH 103 403 115 HOH HOH A . 
D 4 HOH 104 404 116 HOH HOH A . 
D 4 HOH 105 405 117 HOH HOH A . 
D 4 HOH 106 406 118 HOH HOH A . 
D 4 HOH 107 407 119 HOH HOH A . 
D 4 HOH 108 408 120 HOH HOH A . 
D 4 HOH 109 409 121 HOH HOH A . 
D 4 HOH 110 410 123 HOH HOH A . 
D 4 HOH 111 411 124 HOH HOH A . 
D 4 HOH 112 412 125 HOH HOH A . 
D 4 HOH 113 413 126 HOH HOH A . 
D 4 HOH 114 414 127 HOH HOH A . 
D 4 HOH 115 415 128 HOH HOH A . 
D 4 HOH 116 416 129 HOH HOH A . 
D 4 HOH 117 417 130 HOH HOH A . 
D 4 HOH 118 418 131 HOH HOH A . 
D 4 HOH 119 419 132 HOH HOH A . 
D 4 HOH 120 420 133 HOH HOH A . 
D 4 HOH 121 421 134 HOH HOH A . 
D 4 HOH 122 422 135 HOH HOH A . 
D 4 HOH 123 423 136 HOH HOH A . 
D 4 HOH 124 424 137 HOH HOH A . 
D 4 HOH 125 425 138 HOH HOH A . 
D 4 HOH 126 426 139 HOH HOH A . 
D 4 HOH 127 427 140 HOH HOH A . 
D 4 HOH 128 428 141 HOH HOH A . 
D 4 HOH 129 429 142 HOH HOH A . 
D 4 HOH 130 430 143 HOH HOH A . 
D 4 HOH 131 431 144 HOH HOH A . 
D 4 HOH 132 432 145 HOH HOH A . 
D 4 HOH 133 433 146 HOH HOH A . 
D 4 HOH 134 434 147 HOH HOH A . 
D 4 HOH 135 435 148 HOH HOH A . 
# 
_pdbx_struct_assembly.id                   1 
_pdbx_struct_assembly.details              author_and_software_defined_assembly 
_pdbx_struct_assembly.method_details       PISA 
_pdbx_struct_assembly.oligomeric_details   monomeric 
_pdbx_struct_assembly.oligomeric_count     1 
# 
_pdbx_struct_assembly_gen.assembly_id       1 
_pdbx_struct_assembly_gen.oper_expression   1 
_pdbx_struct_assembly_gen.asym_id_list      A,B,C,D 
# 
_pdbx_struct_oper_list.id                   1 
_pdbx_struct_oper_list.type                 'identity operation' 
_pdbx_struct_oper_list.name                 1_555 
_pdbx_struct_oper_list.symmetry_operation   x,y,z 
_pdbx_struct_oper_list.matrix[1][1]         1.0000000000 
_pdbx_struct_oper_list.matrix[1][2]         0.0000000000 
_pdbx_struct_oper_list.matrix[1][3]         0.0000000000 
_pdbx_struct_oper_list.vector[1]            0.0000000000 
_pdbx_struct_oper_list.matrix[2][1]         0.0000000000 
_pdbx_struct_oper_list.matrix[2][2]         1.0000000000 
_pdbx_struct_oper_list.matrix[2][3]         0.0000000000 
_pdbx_struct_oper_list.vector[2]            0.0000000000 
_pdbx_struct_oper_list.matrix[3][1]         0.0000000000 
_pdbx_struct_oper_list.matrix[3][2]         0.0000000000 
_pdbx_struct_oper_list.matrix[3][3]         1.0000000000 
_pdbx_struct_oper_list.vector[3]            0.0000000000 
# 
loop_
_pdbx_struct_conn_angle.id 
_pdbx_struct_conn_angle.ptnr1_label_atom_id 
_pdbx_struct_conn_angle.ptnr1_label_alt_id 
_pdbx_struct_conn_angle.ptnr1_label_asym_id 
_pdbx_struct_conn_angle.ptnr1_label_comp_id 
_pdbx_struct_conn_angle.ptnr1_label_seq_id 
_pdbx_struct_conn_angle.ptnr1_auth_atom_id 
_pdbx_struct_conn_angle.ptnr1_auth_asym_id 
_pdbx_struct_conn_angle.ptnr1_auth_comp_id 
_pdbx_struct_conn_angle.ptnr1_auth_seq_id 
_pdbx_struct_conn_angle.ptnr1_PDB_ins_code 
_pdbx_struct_conn_angle.ptnr1_symmetry 
_pdbx_struct_conn_angle.ptnr2_label_atom_id 
_pdbx_struct_conn_angle.ptnr2_label_alt_id 
_pdbx_struct_conn_angle.ptnr2_label_asym_id 
_pdbx_struct_conn_angle.ptnr2_label_comp_id 
_pdbx_struct_conn_angle.ptnr2_label_seq_id 
_pdbx_struct_conn_angle.ptnr2_auth_atom_id 
_pdbx_struct_conn_angle.ptnr2_auth_asym_id 
_pdbx_struct_conn_angle.ptnr2_auth_comp_id 
_pdbx_struct_conn_angle.ptnr2_auth_seq_id 
_pdbx_struct_conn_angle.ptnr2_PDB_ins_code 
_pdbx_struct_conn_angle.ptnr2_symmetry 
_pdbx_struct_conn_angle.ptnr3_label_atom_id 
_pdbx_struct_conn_angle.ptnr3_label_alt_id 
_pdbx_struct_conn_angle.ptnr3_label_asym_id 
_pdbx_struct_conn_angle.ptnr3_label_comp_id 
_pdbx_struct_conn_angle.ptnr3_label_seq_id 
_pdbx_struct_conn_angle.ptnr3_auth_atom_id 
_pdbx_struct_conn_angle.ptnr3_auth_asym_id 
_pdbx_struct_conn_angle.ptnr3_auth_comp_id 
_pdbx_struct_conn_angle.ptnr3_auth_seq_id 
_pdbx_struct_conn_angle.ptnr3_PDB_ins_code 
_pdbx_struct_conn_angle.ptnr3_symmetry 
_pdbx_struct_conn_angle.value 
_pdbx_struct_conn_angle.value_esd 
1  OD2 ? A ASP 21 ? A ASP 21  ? 1_555 CA ? B CA . ? A CA 201 ? 1_555 OD1 ? A ASP 40 ? A ASP 40  ? 1_555 83.9  ? 
2  OD2 ? A ASP 21 ? A ASP 21  ? 1_555 CA ? B CA . ? A CA 201 ? 1_555 O   ? A THR 41 ? A THR 41  ? 1_555 87.7  ? 
3  OD1 ? A ASP 40 ? A ASP 40  ? 1_555 CA ? B CA . ? A CA 201 ? 1_555 O   ? A THR 41 ? A THR 41  ? 1_555 77.9  ? 
4  OD2 ? A ASP 21 ? A ASP 21  ? 1_555 CA ? B CA . ? A CA 201 ? 1_555 OE2 ? A GLU 43 ? A GLU 43  ? 1_555 153.1 ? 
5  OD1 ? A ASP 40 ? A ASP 40  ? 1_555 CA ? B CA . ? A CA 201 ? 1_555 OE2 ? A GLU 43 ? A GLU 43  ? 1_555 122.6 ? 
6  O   ? A THR 41 ? A THR 41  ? 1_555 CA ? B CA . ? A CA 201 ? 1_555 OE2 ? A GLU 43 ? A GLU 43  ? 1_555 101.3 ? 
7  OD2 ? A ASP 21 ? A ASP 21  ? 1_555 CA ? B CA . ? A CA 201 ? 1_555 O5P ? C THP .  ? A THP 202 ? 1_555 96.3  ? 
8  OD1 ? A ASP 40 ? A ASP 40  ? 1_555 CA ? B CA . ? A CA 201 ? 1_555 O5P ? C THP .  ? A THP 202 ? 1_555 70.6  ? 
9  O   ? A THR 41 ? A THR 41  ? 1_555 CA ? B CA . ? A CA 201 ? 1_555 O5P ? C THP .  ? A THP 202 ? 1_555 147.6 ? 
10 OE2 ? A GLU 43 ? A GLU 43  ? 1_555 CA ? B CA . ? A CA 201 ? 1_555 O5P ? C THP .  ? A THP 202 ? 1_555 89.6  ? 
11 OD2 ? A ASP 21 ? A ASP 21  ? 1_555 CA ? B CA . ? A CA 201 ? 1_555 O   ? D HOH .  ? A HOH 313 ? 1_555 80.1  ? 
12 OD1 ? A ASP 40 ? A ASP 40  ? 1_555 CA ? B CA . ? A CA 201 ? 1_555 O   ? D HOH .  ? A HOH 313 ? 1_555 138.9 ? 
13 O   ? A THR 41 ? A THR 41  ? 1_555 CA ? B CA . ? A CA 201 ? 1_555 O   ? D HOH .  ? A HOH 313 ? 1_555 63.8  ? 
14 OE2 ? A GLU 43 ? A GLU 43  ? 1_555 CA ? B CA . ? A CA 201 ? 1_555 O   ? D HOH .  ? A HOH 313 ? 1_555 81.3  ? 
15 O5P ? C THP .  ? A THP 202 ? 1_555 CA ? B CA . ? A CA 201 ? 1_555 O   ? D HOH .  ? A HOH 313 ? 1_555 148.5 ? 
16 OD2 ? A ASP 21 ? A ASP 21  ? 1_555 CA ? B CA . ? A CA 201 ? 1_555 O   ? D HOH .  ? A HOH 326 ? 1_555 76.7  ? 
17 OD1 ? A ASP 40 ? A ASP 40  ? 1_555 CA ? B CA . ? A CA 201 ? 1_555 O   ? D HOH .  ? A HOH 326 ? 1_555 140.9 ? 
18 O   ? A THR 41 ? A THR 41  ? 1_555 CA ? B CA . ? A CA 201 ? 1_555 O   ? D HOH .  ? A HOH 326 ? 1_555 133.8 ? 
19 OE2 ? A GLU 43 ? A GLU 43  ? 1_555 CA ? B CA . ? A CA 201 ? 1_555 O   ? D HOH .  ? A HOH 326 ? 1_555 78.9  ? 
20 O5P ? C THP .  ? A THP 202 ? 1_555 CA ? B CA . ? A CA 201 ? 1_555 O   ? D HOH .  ? A HOH 326 ? 1_555 78.0  ? 
21 O   ? D HOH .  ? A HOH 313 ? 1_555 CA ? B CA . ? A CA 201 ? 1_555 O   ? D HOH .  ? A HOH 326 ? 1_555 70.7  ? 
# 
loop_
_pdbx_audit_revision_history.ordinal 
_pdbx_audit_revision_history.data_content_type 
_pdbx_audit_revision_history.major_revision 
_pdbx_audit_revision_history.minor_revision 
_pdbx_audit_revision_history.revision_date 
1 'Structure model' 1 0 2013-11-13 
2 'Structure model' 1 1 2017-11-15 
3 'Structure model' 1 2 2023-09-20 
# 
_pdbx_audit_revision_details.ordinal             1 
_pdbx_audit_revision_details.revision_ordinal    1 
_pdbx_audit_revision_details.data_content_type   'Structure model' 
_pdbx_audit_revision_details.provider            repository 
_pdbx_audit_revision_details.type                'Initial release' 
_pdbx_audit_revision_details.description         ? 
_pdbx_audit_revision_details.details             ? 
# 
loop_
_pdbx_audit_revision_group.ordinal 
_pdbx_audit_revision_group.revision_ordinal 
_pdbx_audit_revision_group.data_content_type 
_pdbx_audit_revision_group.group 
1 2 'Structure model' 'Refinement description' 
2 3 'Structure model' 'Data collection'        
3 3 'Structure model' 'Database references'    
4 3 'Structure model' 'Derived calculations'   
5 3 'Structure model' 'Refinement description' 
# 
loop_
_pdbx_audit_revision_category.ordinal 
_pdbx_audit_revision_category.revision_ordinal 
_pdbx_audit_revision_category.data_content_type 
_pdbx_audit_revision_category.category 
1 2 'Structure model' software                      
2 3 'Structure model' chem_comp_atom                
3 3 'Structure model' chem_comp_bond                
4 3 'Structure model' database_2                    
5 3 'Structure model' pdbx_initial_refinement_model 
6 3 'Structure model' pdbx_struct_conn_angle        
7 3 'Structure model' struct_conn                   
8 3 'Structure model' struct_ref_seq_dif            
9 3 'Structure model' struct_site                   
# 
loop_
_pdbx_audit_revision_item.ordinal 
_pdbx_audit_revision_item.revision_ordinal 
_pdbx_audit_revision_item.data_content_type 
_pdbx_audit_revision_item.item 
1  3 'Structure model' '_database_2.pdbx_DOI'                        
2  3 'Structure model' '_database_2.pdbx_database_accession'         
3  3 'Structure model' '_pdbx_struct_conn_angle.ptnr1_auth_comp_id'  
4  3 'Structure model' '_pdbx_struct_conn_angle.ptnr1_auth_seq_id'   
5  3 'Structure model' '_pdbx_struct_conn_angle.ptnr1_label_asym_id' 
6  3 'Structure model' '_pdbx_struct_conn_angle.ptnr1_label_atom_id' 
7  3 'Structure model' '_pdbx_struct_conn_angle.ptnr1_label_comp_id' 
8  3 'Structure model' '_pdbx_struct_conn_angle.ptnr1_label_seq_id'  
9  3 'Structure model' '_pdbx_struct_conn_angle.ptnr3_auth_comp_id'  
10 3 'Structure model' '_pdbx_struct_conn_angle.ptnr3_auth_seq_id'   
11 3 'Structure model' '_pdbx_struct_conn_angle.ptnr3_label_asym_id' 
12 3 'Structure model' '_pdbx_struct_conn_angle.ptnr3_label_atom_id' 
13 3 'Structure model' '_pdbx_struct_conn_angle.ptnr3_label_comp_id' 
14 3 'Structure model' '_pdbx_struct_conn_angle.ptnr3_label_seq_id'  
15 3 'Structure model' '_pdbx_struct_conn_angle.value'               
16 3 'Structure model' '_struct_conn.pdbx_dist_value'                
17 3 'Structure model' '_struct_conn.ptnr1_auth_comp_id'             
18 3 'Structure model' '_struct_conn.ptnr1_auth_seq_id'              
19 3 'Structure model' '_struct_conn.ptnr1_label_asym_id'            
20 3 'Structure model' '_struct_conn.ptnr1_label_atom_id'            
21 3 'Structure model' '_struct_conn.ptnr1_label_comp_id'            
22 3 'Structure model' '_struct_conn.ptnr1_label_seq_id'             
23 3 'Structure model' '_struct_conn.ptnr2_auth_comp_id'             
24 3 'Structure model' '_struct_conn.ptnr2_auth_seq_id'              
25 3 'Structure model' '_struct_conn.ptnr2_label_asym_id'            
26 3 'Structure model' '_struct_conn.ptnr2_label_atom_id'            
27 3 'Structure model' '_struct_conn.ptnr2_label_comp_id'            
28 3 'Structure model' '_struct_ref_seq_dif.details'                 
29 3 'Structure model' '_struct_site.pdbx_auth_asym_id'              
30 3 'Structure model' '_struct_site.pdbx_auth_comp_id'              
31 3 'Structure model' '_struct_site.pdbx_auth_seq_id'               
# 
_pdbx_phasing_MR.entry_id                     4NDX 
_pdbx_phasing_MR.method_rotation              ? 
_pdbx_phasing_MR.method_translation           ? 
_pdbx_phasing_MR.model_details                'Phaser MODE: MR_AUTO' 
_pdbx_phasing_MR.R_factor                     ? 
_pdbx_phasing_MR.R_rigid_body                 ? 
_pdbx_phasing_MR.correlation_coeff_Fo_to_Fc   ? 
_pdbx_phasing_MR.correlation_coeff_Io_to_Ic   ? 
_pdbx_phasing_MR.d_res_high_rotation          2.500 
_pdbx_phasing_MR.d_res_low_rotation           32.330 
_pdbx_phasing_MR.d_res_high_translation       2.500 
_pdbx_phasing_MR.d_res_low_translation        32.330 
_pdbx_phasing_MR.packing                      ? 
_pdbx_phasing_MR.reflns_percent_rotation      ? 
_pdbx_phasing_MR.reflns_percent_translation   ? 
_pdbx_phasing_MR.sigma_F_rotation             ? 
_pdbx_phasing_MR.sigma_F_translation          ? 
_pdbx_phasing_MR.sigma_I_rotation             ? 
_pdbx_phasing_MR.sigma_I_translation          ? 
# 
_phasing.method   MR 
# 
loop_
_software.pdbx_ordinal 
_software.name 
_software.version 
_software.date 
_software.type 
_software.contact_author 
_software.contact_author_email 
_software.classification 
_software.location 
_software.language 
_software.citation_id 
1 DENZO       .     ?                                 package 'Zbyszek Otwinowski' hkl@hkl-xray.com            'data reduction'  
http://www.hkl-xray.com/                     ?          ? 
2 SCALEPACK   .     ?                                 package 'Zbyszek Otwinowski' hkl@hkl-xray.com            'data scaling'    
http://www.hkl-xray.com/                     ?          ? 
3 PHASER      2.3.0 'Mon Jun 27 09:33:44 2011 (svn )' program 'Randy J. Read'      cimr-phaser@lists.cam.ac.uk phasing           
http://www-structmed.cimr.cam.ac.uk/phaser/  ?          ? 
4 REFMAC      .     ?                                 program 'Garib N. Murshudov' garib@ysbl.york.ac.uk       refinement        
http://www.ccp4.ac.uk/dist/html/refmac5.html Fortran_77 ? 
5 PDB_EXTRACT 3.11  'April 22, 2011'                  package PDB                  deposit@deposit.rcsb.org    'data extraction' 
http://sw-tools.pdb.org/apps/PDB_EXTRACT/    C++        ? 
6 CBASS       .     ?                                 ?       ?                    ?                           'data collection' ? 
?          ? 
7 HKL-2000    .     ?                                 ?       ?                    ?                           'data reduction'  ? 
?          ? 
8 HKL-2000    .     ?                                 ?       ?                    ?                           'data scaling'    ? 
?          ? 
# 
loop_
_pdbx_validate_torsion.id 
_pdbx_validate_torsion.PDB_model_num 
_pdbx_validate_torsion.auth_comp_id 
_pdbx_validate_torsion.auth_asym_id 
_pdbx_validate_torsion.auth_seq_id 
_pdbx_validate_torsion.PDB_ins_code 
_pdbx_validate_torsion.label_alt_id 
_pdbx_validate_torsion.phi 
_pdbx_validate_torsion.psi 
1 1 ASP A 19  ? ? -152.50 -159.97 
2 1 TYR A 54  ? ? 70.26   -5.92   
3 1 ASN A 138 ? ? 52.54   -105.93 
# 
loop_
_pdbx_unobs_or_zero_occ_residues.id 
_pdbx_unobs_or_zero_occ_residues.PDB_model_num 
_pdbx_unobs_or_zero_occ_residues.polymer_flag 
_pdbx_unobs_or_zero_occ_residues.occupancy_flag 
_pdbx_unobs_or_zero_occ_residues.auth_asym_id 
_pdbx_unobs_or_zero_occ_residues.auth_comp_id 
_pdbx_unobs_or_zero_occ_residues.auth_seq_id 
_pdbx_unobs_or_zero_occ_residues.PDB_ins_code 
_pdbx_unobs_or_zero_occ_residues.label_asym_id 
_pdbx_unobs_or_zero_occ_residues.label_comp_id 
_pdbx_unobs_or_zero_occ_residues.label_seq_id 
1  1 Y 1 A ALA 1   ? A ALA 1   
2  1 Y 1 A THR 2   ? A THR 2   
3  1 Y 1 A SER 3   ? A SER 3   
4  1 Y 1 A THR 4   ? A THR 4   
5  1 Y 1 A LYS 5   ? A LYS 5   
6  1 Y 1 A LYS 6   ? A LYS 6   
7  1 Y 1 A GLU 142 ? A GLU 136 
8  1 Y 1 A ASP 143 ? A ASP 137 
9  1 Y 1 A ASN 144 ? A ASN 138 
10 1 Y 1 A ALA 145 ? A ALA 139 
11 1 Y 1 A ASP 146 ? A ASP 140 
12 1 Y 1 A SER 147 ? A SER 141 
13 1 Y 1 A GLY 148 ? A GLY 142 
14 1 Y 1 A GLN 149 ? A GLN 143 
# 
loop_
_chem_comp_atom.comp_id 
_chem_comp_atom.atom_id 
_chem_comp_atom.type_symbol 
_chem_comp_atom.pdbx_aromatic_flag 
_chem_comp_atom.pdbx_stereo_config 
_chem_comp_atom.pdbx_ordinal 
ALA N      N  N N 1   
ALA CA     C  N S 2   
ALA C      C  N N 3   
ALA O      O  N N 4   
ALA CB     C  N N 5   
ALA OXT    O  N N 6   
ALA H      H  N N 7   
ALA H2     H  N N 8   
ALA HA     H  N N 9   
ALA HB1    H  N N 10  
ALA HB2    H  N N 11  
ALA HB3    H  N N 12  
ALA HXT    H  N N 13  
ARG N      N  N N 14  
ARG CA     C  N S 15  
ARG C      C  N N 16  
ARG O      O  N N 17  
ARG CB     C  N N 18  
ARG CG     C  N N 19  
ARG CD     C  N N 20  
ARG NE     N  N N 21  
ARG CZ     C  N N 22  
ARG NH1    N  N N 23  
ARG NH2    N  N N 24  
ARG OXT    O  N N 25  
ARG H      H  N N 26  
ARG H2     H  N N 27  
ARG HA     H  N N 28  
ARG HB2    H  N N 29  
ARG HB3    H  N N 30  
ARG HG2    H  N N 31  
ARG HG3    H  N N 32  
ARG HD2    H  N N 33  
ARG HD3    H  N N 34  
ARG HE     H  N N 35  
ARG HH11   H  N N 36  
ARG HH12   H  N N 37  
ARG HH21   H  N N 38  
ARG HH22   H  N N 39  
ARG HXT    H  N N 40  
ASN N      N  N N 41  
ASN CA     C  N S 42  
ASN C      C  N N 43  
ASN O      O  N N 44  
ASN CB     C  N N 45  
ASN CG     C  N N 46  
ASN OD1    O  N N 47  
ASN ND2    N  N N 48  
ASN OXT    O  N N 49  
ASN H      H  N N 50  
ASN H2     H  N N 51  
ASN HA     H  N N 52  
ASN HB2    H  N N 53  
ASN HB3    H  N N 54  
ASN HD21   H  N N 55  
ASN HD22   H  N N 56  
ASN HXT    H  N N 57  
ASP N      N  N N 58  
ASP CA     C  N S 59  
ASP C      C  N N 60  
ASP O      O  N N 61  
ASP CB     C  N N 62  
ASP CG     C  N N 63  
ASP OD1    O  N N 64  
ASP OD2    O  N N 65  
ASP OXT    O  N N 66  
ASP H      H  N N 67  
ASP H2     H  N N 68  
ASP HA     H  N N 69  
ASP HB2    H  N N 70  
ASP HB3    H  N N 71  
ASP HD2    H  N N 72  
ASP HXT    H  N N 73  
CA  CA     CA N N 74  
GLN N      N  N N 75  
GLN CA     C  N S 76  
GLN C      C  N N 77  
GLN O      O  N N 78  
GLN CB     C  N N 79  
GLN CG     C  N N 80  
GLN CD     C  N N 81  
GLN OE1    O  N N 82  
GLN NE2    N  N N 83  
GLN OXT    O  N N 84  
GLN H      H  N N 85  
GLN H2     H  N N 86  
GLN HA     H  N N 87  
GLN HB2    H  N N 88  
GLN HB3    H  N N 89  
GLN HG2    H  N N 90  
GLN HG3    H  N N 91  
GLN HE21   H  N N 92  
GLN HE22   H  N N 93  
GLN HXT    H  N N 94  
GLU N      N  N N 95  
GLU CA     C  N S 96  
GLU C      C  N N 97  
GLU O      O  N N 98  
GLU CB     C  N N 99  
GLU CG     C  N N 100 
GLU CD     C  N N 101 
GLU OE1    O  N N 102 
GLU OE2    O  N N 103 
GLU OXT    O  N N 104 
GLU H      H  N N 105 
GLU H2     H  N N 106 
GLU HA     H  N N 107 
GLU HB2    H  N N 108 
GLU HB3    H  N N 109 
GLU HG2    H  N N 110 
GLU HG3    H  N N 111 
GLU HE2    H  N N 112 
GLU HXT    H  N N 113 
GLY N      N  N N 114 
GLY CA     C  N N 115 
GLY C      C  N N 116 
GLY O      O  N N 117 
GLY OXT    O  N N 118 
GLY H      H  N N 119 
GLY H2     H  N N 120 
GLY HA2    H  N N 121 
GLY HA3    H  N N 122 
GLY HXT    H  N N 123 
HIS N      N  N N 124 
HIS CA     C  N S 125 
HIS C      C  N N 126 
HIS O      O  N N 127 
HIS CB     C  N N 128 
HIS CG     C  Y N 129 
HIS ND1    N  Y N 130 
HIS CD2    C  Y N 131 
HIS CE1    C  Y N 132 
HIS NE2    N  Y N 133 
HIS OXT    O  N N 134 
HIS H      H  N N 135 
HIS H2     H  N N 136 
HIS HA     H  N N 137 
HIS HB2    H  N N 138 
HIS HB3    H  N N 139 
HIS HD1    H  N N 140 
HIS HD2    H  N N 141 
HIS HE1    H  N N 142 
HIS HE2    H  N N 143 
HIS HXT    H  N N 144 
HOH O      O  N N 145 
HOH H1     H  N N 146 
HOH H2     H  N N 147 
ILE N      N  N N 148 
ILE CA     C  N S 149 
ILE C      C  N N 150 
ILE O      O  N N 151 
ILE CB     C  N S 152 
ILE CG1    C  N N 153 
ILE CG2    C  N N 154 
ILE CD1    C  N N 155 
ILE OXT    O  N N 156 
ILE H      H  N N 157 
ILE H2     H  N N 158 
ILE HA     H  N N 159 
ILE HB     H  N N 160 
ILE HG12   H  N N 161 
ILE HG13   H  N N 162 
ILE HG21   H  N N 163 
ILE HG22   H  N N 164 
ILE HG23   H  N N 165 
ILE HD11   H  N N 166 
ILE HD12   H  N N 167 
ILE HD13   H  N N 168 
ILE HXT    H  N N 169 
LEU N      N  N N 170 
LEU CA     C  N S 171 
LEU C      C  N N 172 
LEU O      O  N N 173 
LEU CB     C  N N 174 
LEU CG     C  N N 175 
LEU CD1    C  N N 176 
LEU CD2    C  N N 177 
LEU OXT    O  N N 178 
LEU H      H  N N 179 
LEU H2     H  N N 180 
LEU HA     H  N N 181 
LEU HB2    H  N N 182 
LEU HB3    H  N N 183 
LEU HG     H  N N 184 
LEU HD11   H  N N 185 
LEU HD12   H  N N 186 
LEU HD13   H  N N 187 
LEU HD21   H  N N 188 
LEU HD22   H  N N 189 
LEU HD23   H  N N 190 
LEU HXT    H  N N 191 
LYS N      N  N N 192 
LYS CA     C  N S 193 
LYS C      C  N N 194 
LYS O      O  N N 195 
LYS CB     C  N N 196 
LYS CG     C  N N 197 
LYS CD     C  N N 198 
LYS CE     C  N N 199 
LYS NZ     N  N N 200 
LYS OXT    O  N N 201 
LYS H      H  N N 202 
LYS H2     H  N N 203 
LYS HA     H  N N 204 
LYS HB2    H  N N 205 
LYS HB3    H  N N 206 
LYS HG2    H  N N 207 
LYS HG3    H  N N 208 
LYS HD2    H  N N 209 
LYS HD3    H  N N 210 
LYS HE2    H  N N 211 
LYS HE3    H  N N 212 
LYS HZ1    H  N N 213 
LYS HZ2    H  N N 214 
LYS HZ3    H  N N 215 
LYS HXT    H  N N 216 
MET N      N  N N 217 
MET CA     C  N S 218 
MET C      C  N N 219 
MET O      O  N N 220 
MET CB     C  N N 221 
MET CG     C  N N 222 
MET SD     S  N N 223 
MET CE     C  N N 224 
MET OXT    O  N N 225 
MET H      H  N N 226 
MET H2     H  N N 227 
MET HA     H  N N 228 
MET HB2    H  N N 229 
MET HB3    H  N N 230 
MET HG2    H  N N 231 
MET HG3    H  N N 232 
MET HE1    H  N N 233 
MET HE2    H  N N 234 
MET HE3    H  N N 235 
MET HXT    H  N N 236 
PHE N      N  N N 237 
PHE CA     C  N S 238 
PHE C      C  N N 239 
PHE O      O  N N 240 
PHE CB     C  N N 241 
PHE CG     C  Y N 242 
PHE CD1    C  Y N 243 
PHE CD2    C  Y N 244 
PHE CE1    C  Y N 245 
PHE CE2    C  Y N 246 
PHE CZ     C  Y N 247 
PHE OXT    O  N N 248 
PHE H      H  N N 249 
PHE H2     H  N N 250 
PHE HA     H  N N 251 
PHE HB2    H  N N 252 
PHE HB3    H  N N 253 
PHE HD1    H  N N 254 
PHE HD2    H  N N 255 
PHE HE1    H  N N 256 
PHE HE2    H  N N 257 
PHE HZ     H  N N 258 
PHE HXT    H  N N 259 
PRO N      N  N N 260 
PRO CA     C  N S 261 
PRO C      C  N N 262 
PRO O      O  N N 263 
PRO CB     C  N N 264 
PRO CG     C  N N 265 
PRO CD     C  N N 266 
PRO OXT    O  N N 267 
PRO H      H  N N 268 
PRO HA     H  N N 269 
PRO HB2    H  N N 270 
PRO HB3    H  N N 271 
PRO HG2    H  N N 272 
PRO HG3    H  N N 273 
PRO HD2    H  N N 274 
PRO HD3    H  N N 275 
PRO HXT    H  N N 276 
SER N      N  N N 277 
SER CA     C  N S 278 
SER C      C  N N 279 
SER O      O  N N 280 
SER CB     C  N N 281 
SER OG     O  N N 282 
SER OXT    O  N N 283 
SER H      H  N N 284 
SER H2     H  N N 285 
SER HA     H  N N 286 
SER HB2    H  N N 287 
SER HB3    H  N N 288 
SER HG     H  N N 289 
SER HXT    H  N N 290 
THP P2     P  N N 291 
THP O4P    O  N N 292 
THP O5P    O  N N 293 
THP O6P    O  N N 294 
THP P1     P  N N 295 
THP O1P    O  N N 296 
THP O2P    O  N N 297 
THP O3P    O  N N 298 
THP "O5'"  O  N N 299 
THP "C5'"  C  N N 300 
THP "C4'"  C  N R 301 
THP "O4'"  O  N N 302 
THP "C3'"  C  N S 303 
THP "O3'"  O  N N 304 
THP "C2'"  C  N N 305 
THP "C1'"  C  N R 306 
THP N1     N  N N 307 
THP C2     C  N N 308 
THP O2     O  N N 309 
THP N3     N  N N 310 
THP C4     C  N N 311 
THP O4     O  N N 312 
THP C5     C  N N 313 
THP C5M    C  N N 314 
THP C6     C  N N 315 
THP HOP5   H  N N 316 
THP HOP6   H  N N 317 
THP HOP2   H  N N 318 
THP HOP3   H  N N 319 
THP "H5'1" H  N N 320 
THP "H5'2" H  N N 321 
THP "H4'"  H  N N 322 
THP "H3'"  H  N N 323 
THP "H2'1" H  N N 324 
THP "H2'2" H  N N 325 
THP "H1'"  H  N N 326 
THP H3     H  N N 327 
THP H51    H  N N 328 
THP H52    H  N N 329 
THP H53    H  N N 330 
THP H6     H  N N 331 
THR N      N  N N 332 
THR CA     C  N S 333 
THR C      C  N N 334 
THR O      O  N N 335 
THR CB     C  N R 336 
THR OG1    O  N N 337 
THR CG2    C  N N 338 
THR OXT    O  N N 339 
THR H      H  N N 340 
THR H2     H  N N 341 
THR HA     H  N N 342 
THR HB     H  N N 343 
THR HG1    H  N N 344 
THR HG21   H  N N 345 
THR HG22   H  N N 346 
THR HG23   H  N N 347 
THR HXT    H  N N 348 
TRP N      N  N N 349 
TRP CA     C  N S 350 
TRP C      C  N N 351 
TRP O      O  N N 352 
TRP CB     C  N N 353 
TRP CG     C  Y N 354 
TRP CD1    C  Y N 355 
TRP CD2    C  Y N 356 
TRP NE1    N  Y N 357 
TRP CE2    C  Y N 358 
TRP CE3    C  Y N 359 
TRP CZ2    C  Y N 360 
TRP CZ3    C  Y N 361 
TRP CH2    C  Y N 362 
TRP OXT    O  N N 363 
TRP H      H  N N 364 
TRP H2     H  N N 365 
TRP HA     H  N N 366 
TRP HB2    H  N N 367 
TRP HB3    H  N N 368 
TRP HD1    H  N N 369 
TRP HE1    H  N N 370 
TRP HE3    H  N N 371 
TRP HZ2    H  N N 372 
TRP HZ3    H  N N 373 
TRP HH2    H  N N 374 
TRP HXT    H  N N 375 
TYR N      N  N N 376 
TYR CA     C  N S 377 
TYR C      C  N N 378 
TYR O      O  N N 379 
TYR CB     C  N N 380 
TYR CG     C  Y N 381 
TYR CD1    C  Y N 382 
TYR CD2    C  Y N 383 
TYR CE1    C  Y N 384 
TYR CE2    C  Y N 385 
TYR CZ     C  Y N 386 
TYR OH     O  N N 387 
TYR OXT    O  N N 388 
TYR H      H  N N 389 
TYR H2     H  N N 390 
TYR HA     H  N N 391 
TYR HB2    H  N N 392 
TYR HB3    H  N N 393 
TYR HD1    H  N N 394 
TYR HD2    H  N N 395 
TYR HE1    H  N N 396 
TYR HE2    H  N N 397 
TYR HH     H  N N 398 
TYR HXT    H  N N 399 
VAL N      N  N N 400 
VAL CA     C  N S 401 
VAL C      C  N N 402 
VAL O      O  N N 403 
VAL CB     C  N N 404 
VAL CG1    C  N N 405 
VAL CG2    C  N N 406 
VAL OXT    O  N N 407 
VAL H      H  N N 408 
VAL H2     H  N N 409 
VAL HA     H  N N 410 
VAL HB     H  N N 411 
VAL HG11   H  N N 412 
VAL HG12   H  N N 413 
VAL HG13   H  N N 414 
VAL HG21   H  N N 415 
VAL HG22   H  N N 416 
VAL HG23   H  N N 417 
VAL HXT    H  N N 418 
# 
loop_
_chem_comp_bond.comp_id 
_chem_comp_bond.atom_id_1 
_chem_comp_bond.atom_id_2 
_chem_comp_bond.value_order 
_chem_comp_bond.pdbx_aromatic_flag 
_chem_comp_bond.pdbx_stereo_config 
_chem_comp_bond.pdbx_ordinal 
ALA N     CA     sing N N 1   
ALA N     H      sing N N 2   
ALA N     H2     sing N N 3   
ALA CA    C      sing N N 4   
ALA CA    CB     sing N N 5   
ALA CA    HA     sing N N 6   
ALA C     O      doub N N 7   
ALA C     OXT    sing N N 8   
ALA CB    HB1    sing N N 9   
ALA CB    HB2    sing N N 10  
ALA CB    HB3    sing N N 11  
ALA OXT   HXT    sing N N 12  
ARG N     CA     sing N N 13  
ARG N     H      sing N N 14  
ARG N     H2     sing N N 15  
ARG CA    C      sing N N 16  
ARG CA    CB     sing N N 17  
ARG CA    HA     sing N N 18  
ARG C     O      doub N N 19  
ARG C     OXT    sing N N 20  
ARG CB    CG     sing N N 21  
ARG CB    HB2    sing N N 22  
ARG CB    HB3    sing N N 23  
ARG CG    CD     sing N N 24  
ARG CG    HG2    sing N N 25  
ARG CG    HG3    sing N N 26  
ARG CD    NE     sing N N 27  
ARG CD    HD2    sing N N 28  
ARG CD    HD3    sing N N 29  
ARG NE    CZ     sing N N 30  
ARG NE    HE     sing N N 31  
ARG CZ    NH1    sing N N 32  
ARG CZ    NH2    doub N N 33  
ARG NH1   HH11   sing N N 34  
ARG NH1   HH12   sing N N 35  
ARG NH2   HH21   sing N N 36  
ARG NH2   HH22   sing N N 37  
ARG OXT   HXT    sing N N 38  
ASN N     CA     sing N N 39  
ASN N     H      sing N N 40  
ASN N     H2     sing N N 41  
ASN CA    C      sing N N 42  
ASN CA    CB     sing N N 43  
ASN CA    HA     sing N N 44  
ASN C     O      doub N N 45  
ASN C     OXT    sing N N 46  
ASN CB    CG     sing N N 47  
ASN CB    HB2    sing N N 48  
ASN CB    HB3    sing N N 49  
ASN CG    OD1    doub N N 50  
ASN CG    ND2    sing N N 51  
ASN ND2   HD21   sing N N 52  
ASN ND2   HD22   sing N N 53  
ASN OXT   HXT    sing N N 54  
ASP N     CA     sing N N 55  
ASP N     H      sing N N 56  
ASP N     H2     sing N N 57  
ASP CA    C      sing N N 58  
ASP CA    CB     sing N N 59  
ASP CA    HA     sing N N 60  
ASP C     O      doub N N 61  
ASP C     OXT    sing N N 62  
ASP CB    CG     sing N N 63  
ASP CB    HB2    sing N N 64  
ASP CB    HB3    sing N N 65  
ASP CG    OD1    doub N N 66  
ASP CG    OD2    sing N N 67  
ASP OD2   HD2    sing N N 68  
ASP OXT   HXT    sing N N 69  
GLN N     CA     sing N N 70  
GLN N     H      sing N N 71  
GLN N     H2     sing N N 72  
GLN CA    C      sing N N 73  
GLN CA    CB     sing N N 74  
GLN CA    HA     sing N N 75  
GLN C     O      doub N N 76  
GLN C     OXT    sing N N 77  
GLN CB    CG     sing N N 78  
GLN CB    HB2    sing N N 79  
GLN CB    HB3    sing N N 80  
GLN CG    CD     sing N N 81  
GLN CG    HG2    sing N N 82  
GLN CG    HG3    sing N N 83  
GLN CD    OE1    doub N N 84  
GLN CD    NE2    sing N N 85  
GLN NE2   HE21   sing N N 86  
GLN NE2   HE22   sing N N 87  
GLN OXT   HXT    sing N N 88  
GLU N     CA     sing N N 89  
GLU N     H      sing N N 90  
GLU N     H2     sing N N 91  
GLU CA    C      sing N N 92  
GLU CA    CB     sing N N 93  
GLU CA    HA     sing N N 94  
GLU C     O      doub N N 95  
GLU C     OXT    sing N N 96  
GLU CB    CG     sing N N 97  
GLU CB    HB2    sing N N 98  
GLU CB    HB3    sing N N 99  
GLU CG    CD     sing N N 100 
GLU CG    HG2    sing N N 101 
GLU CG    HG3    sing N N 102 
GLU CD    OE1    doub N N 103 
GLU CD    OE2    sing N N 104 
GLU OE2   HE2    sing N N 105 
GLU OXT   HXT    sing N N 106 
GLY N     CA     sing N N 107 
GLY N     H      sing N N 108 
GLY N     H2     sing N N 109 
GLY CA    C      sing N N 110 
GLY CA    HA2    sing N N 111 
GLY CA    HA3    sing N N 112 
GLY C     O      doub N N 113 
GLY C     OXT    sing N N 114 
GLY OXT   HXT    sing N N 115 
HIS N     CA     sing N N 116 
HIS N     H      sing N N 117 
HIS N     H2     sing N N 118 
HIS CA    C      sing N N 119 
HIS CA    CB     sing N N 120 
HIS CA    HA     sing N N 121 
HIS C     O      doub N N 122 
HIS C     OXT    sing N N 123 
HIS CB    CG     sing N N 124 
HIS CB    HB2    sing N N 125 
HIS CB    HB3    sing N N 126 
HIS CG    ND1    sing Y N 127 
HIS CG    CD2    doub Y N 128 
HIS ND1   CE1    doub Y N 129 
HIS ND1   HD1    sing N N 130 
HIS CD2   NE2    sing Y N 131 
HIS CD2   HD2    sing N N 132 
HIS CE1   NE2    sing Y N 133 
HIS CE1   HE1    sing N N 134 
HIS NE2   HE2    sing N N 135 
HIS OXT   HXT    sing N N 136 
HOH O     H1     sing N N 137 
HOH O     H2     sing N N 138 
ILE N     CA     sing N N 139 
ILE N     H      sing N N 140 
ILE N     H2     sing N N 141 
ILE CA    C      sing N N 142 
ILE CA    CB     sing N N 143 
ILE CA    HA     sing N N 144 
ILE C     O      doub N N 145 
ILE C     OXT    sing N N 146 
ILE CB    CG1    sing N N 147 
ILE CB    CG2    sing N N 148 
ILE CB    HB     sing N N 149 
ILE CG1   CD1    sing N N 150 
ILE CG1   HG12   sing N N 151 
ILE CG1   HG13   sing N N 152 
ILE CG2   HG21   sing N N 153 
ILE CG2   HG22   sing N N 154 
ILE CG2   HG23   sing N N 155 
ILE CD1   HD11   sing N N 156 
ILE CD1   HD12   sing N N 157 
ILE CD1   HD13   sing N N 158 
ILE OXT   HXT    sing N N 159 
LEU N     CA     sing N N 160 
LEU N     H      sing N N 161 
LEU N     H2     sing N N 162 
LEU CA    C      sing N N 163 
LEU CA    CB     sing N N 164 
LEU CA    HA     sing N N 165 
LEU C     O      doub N N 166 
LEU C     OXT    sing N N 167 
LEU CB    CG     sing N N 168 
LEU CB    HB2    sing N N 169 
LEU CB    HB3    sing N N 170 
LEU CG    CD1    sing N N 171 
LEU CG    CD2    sing N N 172 
LEU CG    HG     sing N N 173 
LEU CD1   HD11   sing N N 174 
LEU CD1   HD12   sing N N 175 
LEU CD1   HD13   sing N N 176 
LEU CD2   HD21   sing N N 177 
LEU CD2   HD22   sing N N 178 
LEU CD2   HD23   sing N N 179 
LEU OXT   HXT    sing N N 180 
LYS N     CA     sing N N 181 
LYS N     H      sing N N 182 
LYS N     H2     sing N N 183 
LYS CA    C      sing N N 184 
LYS CA    CB     sing N N 185 
LYS CA    HA     sing N N 186 
LYS C     O      doub N N 187 
LYS C     OXT    sing N N 188 
LYS CB    CG     sing N N 189 
LYS CB    HB2    sing N N 190 
LYS CB    HB3    sing N N 191 
LYS CG    CD     sing N N 192 
LYS CG    HG2    sing N N 193 
LYS CG    HG3    sing N N 194 
LYS CD    CE     sing N N 195 
LYS CD    HD2    sing N N 196 
LYS CD    HD3    sing N N 197 
LYS CE    NZ     sing N N 198 
LYS CE    HE2    sing N N 199 
LYS CE    HE3    sing N N 200 
LYS NZ    HZ1    sing N N 201 
LYS NZ    HZ2    sing N N 202 
LYS NZ    HZ3    sing N N 203 
LYS OXT   HXT    sing N N 204 
MET N     CA     sing N N 205 
MET N     H      sing N N 206 
MET N     H2     sing N N 207 
MET CA    C      sing N N 208 
MET CA    CB     sing N N 209 
MET CA    HA     sing N N 210 
MET C     O      doub N N 211 
MET C     OXT    sing N N 212 
MET CB    CG     sing N N 213 
MET CB    HB2    sing N N 214 
MET CB    HB3    sing N N 215 
MET CG    SD     sing N N 216 
MET CG    HG2    sing N N 217 
MET CG    HG3    sing N N 218 
MET SD    CE     sing N N 219 
MET CE    HE1    sing N N 220 
MET CE    HE2    sing N N 221 
MET CE    HE3    sing N N 222 
MET OXT   HXT    sing N N 223 
PHE N     CA     sing N N 224 
PHE N     H      sing N N 225 
PHE N     H2     sing N N 226 
PHE CA    C      sing N N 227 
PHE CA    CB     sing N N 228 
PHE CA    HA     sing N N 229 
PHE C     O      doub N N 230 
PHE C     OXT    sing N N 231 
PHE CB    CG     sing N N 232 
PHE CB    HB2    sing N N 233 
PHE CB    HB3    sing N N 234 
PHE CG    CD1    doub Y N 235 
PHE CG    CD2    sing Y N 236 
PHE CD1   CE1    sing Y N 237 
PHE CD1   HD1    sing N N 238 
PHE CD2   CE2    doub Y N 239 
PHE CD2   HD2    sing N N 240 
PHE CE1   CZ     doub Y N 241 
PHE CE1   HE1    sing N N 242 
PHE CE2   CZ     sing Y N 243 
PHE CE2   HE2    sing N N 244 
PHE CZ    HZ     sing N N 245 
PHE OXT   HXT    sing N N 246 
PRO N     CA     sing N N 247 
PRO N     CD     sing N N 248 
PRO N     H      sing N N 249 
PRO CA    C      sing N N 250 
PRO CA    CB     sing N N 251 
PRO CA    HA     sing N N 252 
PRO C     O      doub N N 253 
PRO C     OXT    sing N N 254 
PRO CB    CG     sing N N 255 
PRO CB    HB2    sing N N 256 
PRO CB    HB3    sing N N 257 
PRO CG    CD     sing N N 258 
PRO CG    HG2    sing N N 259 
PRO CG    HG3    sing N N 260 
PRO CD    HD2    sing N N 261 
PRO CD    HD3    sing N N 262 
PRO OXT   HXT    sing N N 263 
SER N     CA     sing N N 264 
SER N     H      sing N N 265 
SER N     H2     sing N N 266 
SER CA    C      sing N N 267 
SER CA    CB     sing N N 268 
SER CA    HA     sing N N 269 
SER C     O      doub N N 270 
SER C     OXT    sing N N 271 
SER CB    OG     sing N N 272 
SER CB    HB2    sing N N 273 
SER CB    HB3    sing N N 274 
SER OG    HG     sing N N 275 
SER OXT   HXT    sing N N 276 
THP P2    O4P    doub N N 277 
THP P2    O5P    sing N N 278 
THP P2    O6P    sing N N 279 
THP P2    "O5'"  sing N N 280 
THP O5P   HOP5   sing N N 281 
THP O6P   HOP6   sing N N 282 
THP P1    O1P    doub N N 283 
THP P1    O2P    sing N N 284 
THP P1    O3P    sing N N 285 
THP P1    "O3'"  sing N N 286 
THP O2P   HOP2   sing N N 287 
THP O3P   HOP3   sing N N 288 
THP "O5'" "C5'"  sing N N 289 
THP "C5'" "C4'"  sing N N 290 
THP "C5'" "H5'1" sing N N 291 
THP "C5'" "H5'2" sing N N 292 
THP "C4'" "O4'"  sing N N 293 
THP "C4'" "C3'"  sing N N 294 
THP "C4'" "H4'"  sing N N 295 
THP "O4'" "C1'"  sing N N 296 
THP "C3'" "O3'"  sing N N 297 
THP "C3'" "C2'"  sing N N 298 
THP "C3'" "H3'"  sing N N 299 
THP "C2'" "C1'"  sing N N 300 
THP "C2'" "H2'1" sing N N 301 
THP "C2'" "H2'2" sing N N 302 
THP "C1'" N1     sing N N 303 
THP "C1'" "H1'"  sing N N 304 
THP N1    C2     sing N N 305 
THP N1    C6     sing N N 306 
THP C2    O2     doub N N 307 
THP C2    N3     sing N N 308 
THP N3    C4     sing N N 309 
THP N3    H3     sing N N 310 
THP C4    O4     doub N N 311 
THP C4    C5     sing N N 312 
THP C5    C5M    sing N N 313 
THP C5    C6     doub N N 314 
THP C5M   H51    sing N N 315 
THP C5M   H52    sing N N 316 
THP C5M   H53    sing N N 317 
THP C6    H6     sing N N 318 
THR N     CA     sing N N 319 
THR N     H      sing N N 320 
THR N     H2     sing N N 321 
THR CA    C      sing N N 322 
THR CA    CB     sing N N 323 
THR CA    HA     sing N N 324 
THR C     O      doub N N 325 
THR C     OXT    sing N N 326 
THR CB    OG1    sing N N 327 
THR CB    CG2    sing N N 328 
THR CB    HB     sing N N 329 
THR OG1   HG1    sing N N 330 
THR CG2   HG21   sing N N 331 
THR CG2   HG22   sing N N 332 
THR CG2   HG23   sing N N 333 
THR OXT   HXT    sing N N 334 
TRP N     CA     sing N N 335 
TRP N     H      sing N N 336 
TRP N     H2     sing N N 337 
TRP CA    C      sing N N 338 
TRP CA    CB     sing N N 339 
TRP CA    HA     sing N N 340 
TRP C     O      doub N N 341 
TRP C     OXT    sing N N 342 
TRP CB    CG     sing N N 343 
TRP CB    HB2    sing N N 344 
TRP CB    HB3    sing N N 345 
TRP CG    CD1    doub Y N 346 
TRP CG    CD2    sing Y N 347 
TRP CD1   NE1    sing Y N 348 
TRP CD1   HD1    sing N N 349 
TRP CD2   CE2    doub Y N 350 
TRP CD2   CE3    sing Y N 351 
TRP NE1   CE2    sing Y N 352 
TRP NE1   HE1    sing N N 353 
TRP CE2   CZ2    sing Y N 354 
TRP CE3   CZ3    doub Y N 355 
TRP CE3   HE3    sing N N 356 
TRP CZ2   CH2    doub Y N 357 
TRP CZ2   HZ2    sing N N 358 
TRP CZ3   CH2    sing Y N 359 
TRP CZ3   HZ3    sing N N 360 
TRP CH2   HH2    sing N N 361 
TRP OXT   HXT    sing N N 362 
TYR N     CA     sing N N 363 
TYR N     H      sing N N 364 
TYR N     H2     sing N N 365 
TYR CA    C      sing N N 366 
TYR CA    CB     sing N N 367 
TYR CA    HA     sing N N 368 
TYR C     O      doub N N 369 
TYR C     OXT    sing N N 370 
TYR CB    CG     sing N N 371 
TYR CB    HB2    sing N N 372 
TYR CB    HB3    sing N N 373 
TYR CG    CD1    doub Y N 374 
TYR CG    CD2    sing Y N 375 
TYR CD1   CE1    sing Y N 376 
TYR CD1   HD1    sing N N 377 
TYR CD2   CE2    doub Y N 378 
TYR CD2   HD2    sing N N 379 
TYR CE1   CZ     doub Y N 380 
TYR CE1   HE1    sing N N 381 
TYR CE2   CZ     sing Y N 382 
TYR CE2   HE2    sing N N 383 
TYR CZ    OH     sing N N 384 
TYR OH    HH     sing N N 385 
TYR OXT   HXT    sing N N 386 
VAL N     CA     sing N N 387 
VAL N     H      sing N N 388 
VAL N     H2     sing N N 389 
VAL CA    C      sing N N 390 
VAL CA    CB     sing N N 391 
VAL CA    HA     sing N N 392 
VAL C     O      doub N N 393 
VAL C     OXT    sing N N 394 
VAL CB    CG1    sing N N 395 
VAL CB    CG2    sing N N 396 
VAL CB    HB     sing N N 397 
VAL CG1   HG11   sing N N 398 
VAL CG1   HG12   sing N N 399 
VAL CG1   HG13   sing N N 400 
VAL CG2   HG21   sing N N 401 
VAL CG2   HG22   sing N N 402 
VAL CG2   HG23   sing N N 403 
VAL OXT   HXT    sing N N 404 
# 
loop_
_pdbx_entity_nonpoly.entity_id 
_pdbx_entity_nonpoly.name 
_pdbx_entity_nonpoly.comp_id 
2 'CALCIUM ION'                 CA  
3 "THYMIDINE-3',5'-DIPHOSPHATE" THP 
4 water                         HOH 
# 
_pdbx_initial_refinement_model.id               1 
_pdbx_initial_refinement_model.entity_id_list   ? 
_pdbx_initial_refinement_model.type             'experimental model' 
_pdbx_initial_refinement_model.source_name      PDB 
_pdbx_initial_refinement_model.accession_code   3BDC 
_pdbx_initial_refinement_model.details          'PDB ENTRY 3BDC' 
# 
